data_3V8E
#
_entry.id   3V8E
#
_cell.length_a   298.717
_cell.length_b   298.717
_cell.length_c   112.652
_cell.angle_alpha   90.00
_cell.angle_beta   90.00
_cell.angle_gamma   120.00
#
_symmetry.space_group_name_H-M   'H 3'
#
loop_
_entity.id
_entity.type
_entity.pdbx_description
1 polymer Nicotinamidase
2 non-polymer 'ZINC ION'
3 non-polymer 'MAGNESIUM ION'
4 water water
#
_entity_poly.entity_id   1
_entity_poly.type   'polypeptide(L)'
_entity_poly.pdbx_seq_one_letter_code
;MKTLIVVDMQNDFISPLGSLTVPKGEELINPISDLMQDADRDWHRIVVTRDWHPSRHISFAKNHKDKEPYSTYTYHSPRP
GDDSTQEGILWPVHCVKNTWGSQLVDQIMDQVVTKHIKIVDKGFLTDREYYSAFHDIWNFHKTDMNKYLEKHHTDEVYIV
GVALEY(JJJ)VKATAISAAELGYKTTVLLDYTRPISDDPEVINKVKEELKAHNINVVDK
;
_entity_poly.pdbx_strand_id   A,B,C,D,E,F,G
#
loop_
_chem_comp.id
_chem_comp.type
_chem_comp.name
_chem_comp.formula
MG non-polymer 'MAGNESIUM ION' 'Mg 2'
ZN non-polymer 'ZINC ION' 'Zn 2'
#
# COMPACT_ATOMS: atom_id res chain seq x y z
N MET A 1 -8.09 -27.60 41.36
CA MET A 1 -7.66 -27.33 39.95
C MET A 1 -6.24 -26.79 39.89
N LYS A 2 -5.71 -26.68 38.68
CA LYS A 2 -4.31 -26.29 38.46
C LYS A 2 -4.16 -24.82 38.15
N THR A 3 -3.23 -24.17 38.84
CA THR A 3 -2.84 -22.79 38.53
C THR A 3 -1.35 -22.71 38.19
N LEU A 4 -1.04 -22.08 37.07
CA LEU A 4 0.35 -21.82 36.69
C LEU A 4 0.76 -20.45 37.21
N ILE A 5 1.88 -20.41 37.94
CA ILE A 5 2.43 -19.13 38.41
C ILE A 5 3.73 -18.88 37.67
N VAL A 6 3.78 -17.77 36.93
CA VAL A 6 4.94 -17.43 36.11
C VAL A 6 5.68 -16.34 36.88
N VAL A 7 6.88 -16.66 37.34
CA VAL A 7 7.56 -15.80 38.30
C VAL A 7 8.59 -14.82 37.72
N ASP A 8 8.27 -13.52 37.86
CA ASP A 8 9.20 -12.40 37.55
C ASP A 8 9.86 -12.46 36.18
N MET A 9 9.07 -12.74 35.14
CA MET A 9 9.62 -12.72 33.78
C MET A 9 9.68 -11.29 33.32
N GLN A 10 10.59 -10.52 33.94
CA GLN A 10 10.71 -9.10 33.69
C GLN A 10 12.03 -8.74 33.03
N ASN A 11 12.02 -7.62 32.31
CA ASN A 11 13.18 -7.17 31.56
C ASN A 11 14.48 -7.16 32.36
N ASP A 12 14.47 -6.60 33.58
CA ASP A 12 15.75 -6.51 34.32
C ASP A 12 16.36 -7.87 34.58
N PHE A 13 15.54 -8.92 34.59
CA PHE A 13 16.05 -10.26 34.80
C PHE A 13 16.30 -11.00 33.49
N ILE A 14 15.52 -10.70 32.44
CA ILE A 14 15.59 -11.52 31.24
C ILE A 14 16.46 -10.92 30.12
N SER A 15 16.35 -9.61 29.90
CA SER A 15 17.10 -8.97 28.81
C SER A 15 18.56 -8.77 29.18
N PRO A 16 19.48 -8.95 28.20
CA PRO A 16 20.91 -8.64 28.49
C PRO A 16 21.06 -7.16 28.89
N LEU A 17 20.20 -6.32 28.31
CA LEU A 17 20.14 -4.90 28.68
C LEU A 17 19.64 -4.70 30.10
N GLY A 18 19.08 -5.73 30.70
CA GLY A 18 18.57 -5.65 32.07
C GLY A 18 19.67 -5.41 33.10
N SER A 19 19.31 -4.84 34.24
CA SER A 19 20.31 -4.52 35.26
C SER A 19 20.68 -5.69 36.13
N LEU A 20 19.96 -6.80 36.03
CA LEU A 20 20.26 -7.97 36.84
C LEU A 20 19.99 -9.27 36.07
N THR A 21 20.61 -9.41 34.90
CA THR A 21 20.30 -10.50 33.99
C THR A 21 20.53 -11.89 34.55
N VAL A 22 19.51 -12.74 34.44
CA VAL A 22 19.64 -14.16 34.68
C VAL A 22 20.31 -14.81 33.46
N PRO A 23 21.43 -15.53 33.65
CA PRO A 23 22.06 -16.14 32.47
C PRO A 23 21.12 -17.13 31.82
N LYS A 24 21.16 -17.19 30.48
CA LYS A 24 20.26 -18.01 29.67
C LYS A 24 18.76 -17.69 29.87
N GLY A 25 18.45 -16.55 30.47
CA GLY A 25 17.07 -16.22 30.81
C GLY A 25 16.20 -16.00 29.59
N GLU A 26 16.82 -15.50 28.53
CA GLU A 26 16.14 -15.28 27.28
C GLU A 26 15.58 -16.57 26.67
N GLU A 27 16.13 -17.71 27.07
CA GLU A 27 15.71 -19.00 26.54
C GLU A 27 14.33 -19.37 27.02
N LEU A 28 13.87 -18.74 28.11
CA LEU A 28 12.58 -19.07 28.72
C LEU A 28 11.37 -18.41 28.08
N ILE A 29 11.58 -17.31 27.35
CA ILE A 29 10.49 -16.46 26.89
C ILE A 29 9.49 -17.26 26.03
N ASN A 30 9.98 -17.88 24.96
CA ASN A 30 9.09 -18.62 24.08
C ASN A 30 8.47 -19.86 24.71
N PRO A 31 9.30 -20.73 25.31
CA PRO A 31 8.73 -21.91 25.93
C PRO A 31 7.67 -21.59 27.00
N ILE A 32 7.92 -20.59 27.86
CA ILE A 32 6.92 -20.22 28.87
C ILE A 32 5.65 -19.68 28.20
N SER A 33 5.84 -18.88 27.17
CA SER A 33 4.73 -18.35 26.40
C SER A 33 3.89 -19.49 25.80
N ASP A 34 4.56 -20.51 25.27
CA ASP A 34 3.91 -21.73 24.77
C ASP A 34 3.21 -22.48 25.89
N LEU A 35 3.89 -22.62 27.01
CA LEU A 35 3.31 -23.25 28.18
C LEU A 35 1.99 -22.57 28.60
N MET A 36 1.99 -21.24 28.67
CA MET A 36 0.79 -20.50 29.03
C MET A 36 -0.41 -20.80 28.13
N GLN A 37 -0.16 -21.07 26.86
CA GLN A 37 -1.23 -21.26 25.87
C GLN A 37 -1.59 -22.73 25.59
N ASP A 38 -0.92 -23.66 26.25
CA ASP A 38 -1.09 -25.07 25.94
C ASP A 38 -2.29 -25.67 26.67
N ALA A 39 -3.32 -25.96 25.89
CA ALA A 39 -4.59 -26.46 26.42
C ALA A 39 -4.46 -27.82 27.11
N ASP A 40 -3.52 -28.64 26.63
CA ASP A 40 -3.22 -29.93 27.27
C ASP A 40 -2.80 -29.83 28.74
N ARG A 41 -2.20 -28.71 29.11
CA ARG A 41 -1.76 -28.49 30.47
C ARG A 41 -2.90 -28.26 31.46
N ASP A 42 -4.11 -28.00 30.95
CA ASP A 42 -5.30 -27.79 31.78
C ASP A 42 -5.13 -26.69 32.83
N TRP A 43 -4.56 -25.54 32.44
CA TRP A 43 -4.49 -24.41 33.36
C TRP A 43 -5.86 -23.84 33.56
N HIS A 44 -6.39 -23.97 34.76
CA HIS A 44 -7.63 -23.28 35.09
C HIS A 44 -7.38 -21.80 35.21
N ARG A 45 -6.23 -21.42 35.75
CA ARG A 45 -5.80 -20.03 35.86
C ARG A 45 -4.29 -19.91 35.72
N ILE A 46 -3.85 -18.73 35.28
CA ILE A 46 -2.47 -18.36 35.23
C ILE A 46 -2.28 -17.08 36.04
N VAL A 47 -1.23 -17.02 36.83
CA VAL A 47 -0.92 -15.79 37.53
C VAL A 47 0.50 -15.41 37.15
N VAL A 48 0.72 -14.17 36.76
CA VAL A 48 2.11 -13.70 36.57
C VAL A 48 2.48 -12.78 37.72
N THR A 49 3.75 -12.82 38.13
CA THR A 49 4.21 -11.99 39.26
C THR A 49 5.27 -10.99 38.79
N ARG A 50 5.41 -9.88 39.50
CA ARG A 50 6.45 -8.89 39.22
C ARG A 50 7.08 -8.36 40.50
N ASP A 51 8.40 -8.20 40.48
CA ASP A 51 9.05 -7.35 41.45
C ASP A 51 8.68 -5.94 41.08
N TRP A 52 8.32 -5.16 42.09
CA TRP A 52 7.74 -3.84 41.87
C TRP A 52 8.33 -2.90 42.90
N HIS A 53 9.61 -2.57 42.75
CA HIS A 53 10.37 -1.86 43.77
C HIS A 53 10.36 -0.35 43.64
N PRO A 54 10.37 0.35 44.78
CA PRO A 54 10.67 1.78 44.70
C PRO A 54 12.16 1.97 44.52
N SER A 55 12.60 3.14 44.05
CA SER A 55 14.02 3.32 43.86
C SER A 55 14.80 3.35 45.19
N ARG A 56 14.10 3.68 46.27
CA ARG A 56 14.73 3.71 47.60
C ARG A 56 14.71 2.38 48.35
N HIS A 57 14.37 1.28 47.67
CA HIS A 57 14.26 -0.03 48.30
C HIS A 57 15.48 -0.46 49.07
N ILE A 58 15.26 -0.99 50.27
CA ILE A 58 16.33 -1.39 51.17
C ILE A 58 17.25 -2.46 50.58
N SER A 59 16.78 -3.18 49.55
CA SER A 59 17.58 -4.26 49.00
C SER A 59 18.60 -3.82 47.96
N PHE A 60 18.55 -2.54 47.56
CA PHE A 60 19.52 -2.02 46.60
C PHE A 60 20.76 -1.50 47.32
N ALA A 61 21.93 -2.01 46.95
CA ALA A 61 23.20 -1.48 47.51
C ALA A 61 23.33 0.04 47.40
N LYS A 62 22.80 0.61 46.33
CA LYS A 62 22.84 2.06 46.15
C LYS A 62 22.28 2.84 47.36
N ASN A 63 21.35 2.25 48.10
CA ASN A 63 20.70 2.93 49.23
C ASN A 63 21.42 2.68 50.58
N HIS A 64 22.68 2.30 50.50
CA HIS A 64 23.49 1.98 51.67
C HIS A 64 24.88 2.49 51.49
N LYS A 65 25.25 3.41 52.37
CA LYS A 65 26.61 3.92 52.50
C LYS A 65 27.63 2.77 52.60
N ASP A 66 28.74 2.94 51.89
CA ASP A 66 29.88 2.01 51.97
C ASP A 66 29.52 0.53 51.79
N LYS A 67 28.49 0.26 50.99
CA LYS A 67 28.11 -1.09 50.61
C LYS A 67 27.76 -1.12 49.13
N GLU A 68 28.36 -2.10 48.43
CA GLU A 68 28.28 -2.25 46.98
C GLU A 68 27.44 -3.46 46.55
N PRO A 69 27.00 -3.49 45.28
CA PRO A 69 26.10 -4.57 44.86
C PRO A 69 26.69 -5.96 45.09
N TYR A 70 25.83 -6.92 45.42
CA TYR A 70 26.21 -8.29 45.78
C TYR A 70 26.84 -8.47 47.14
N SER A 71 26.89 -7.42 47.96
CA SER A 71 27.40 -7.57 49.32
C SER A 71 26.30 -8.11 50.24
N THR A 72 26.72 -8.65 51.39
CA THR A 72 25.80 -9.23 52.37
C THR A 72 25.35 -8.16 53.33
N TYR A 73 24.11 -8.27 53.75
CA TYR A 73 23.54 -7.27 54.64
C TYR A 73 22.62 -7.98 55.62
N THR A 74 22.54 -7.42 56.82
CA THR A 74 21.68 -7.93 57.88
C THR A 74 20.39 -7.12 57.92
N TYR A 75 19.29 -7.74 57.47
CA TYR A 75 17.98 -7.12 57.52
C TYR A 75 17.37 -7.29 58.90
N HIS A 76 16.59 -6.28 59.31
CA HIS A 76 15.94 -6.28 60.61
C HIS A 76 14.46 -6.32 60.41
N SER A 77 13.78 -7.21 61.13
CA SER A 77 12.32 -7.26 61.13
C SER A 77 11.73 -5.85 61.16
N PRO A 78 10.75 -5.57 60.29
CA PRO A 78 10.02 -4.30 60.36
C PRO A 78 8.96 -4.16 61.46
N ARG A 79 8.45 -5.28 62.01
CA ARG A 79 7.51 -5.21 63.13
C ARG A 79 8.18 -4.58 64.35
N PRO A 80 7.55 -3.55 64.96
CA PRO A 80 8.19 -2.86 66.09
C PRO A 80 8.21 -3.75 67.34
N GLY A 81 9.34 -3.74 68.06
CA GLY A 81 9.54 -4.64 69.19
C GLY A 81 10.21 -5.96 68.80
N ASP A 82 9.93 -6.42 67.58
CA ASP A 82 10.61 -7.58 67.01
C ASP A 82 12.01 -7.17 66.56
N ASP A 83 13.00 -7.95 66.98
CA ASP A 83 14.37 -7.63 66.70
C ASP A 83 15.14 -8.80 66.09
N SER A 84 14.43 -9.76 65.52
CA SER A 84 15.11 -10.78 64.73
C SER A 84 15.62 -10.18 63.41
N THR A 85 16.48 -10.94 62.73
CA THR A 85 17.26 -10.44 61.61
C THR A 85 17.42 -11.54 60.59
N GLN A 86 17.68 -11.16 59.35
CA GLN A 86 18.02 -12.14 58.32
C GLN A 86 19.14 -11.68 57.42
N GLU A 87 20.06 -12.61 57.14
CA GLU A 87 21.15 -12.42 56.20
C GLU A 87 20.59 -12.29 54.79
N GLY A 88 21.04 -11.30 54.03
CA GLY A 88 20.54 -11.08 52.68
C GLY A 88 21.59 -10.49 51.75
N ILE A 89 21.25 -10.41 50.47
CA ILE A 89 22.13 -9.85 49.45
C ILE A 89 21.63 -8.48 49.02
N LEU A 90 22.49 -7.48 49.05
CA LEU A 90 22.18 -6.20 48.44
C LEU A 90 22.43 -6.31 46.94
N TRP A 91 21.51 -5.80 46.14
CA TRP A 91 21.52 -5.98 44.70
C TRP A 91 21.76 -4.69 43.91
N PRO A 92 22.10 -4.81 42.63
CA PRO A 92 21.96 -3.66 41.73
C PRO A 92 20.50 -3.19 41.73
N VAL A 93 20.27 -1.92 41.44
CA VAL A 93 18.93 -1.41 41.26
C VAL A 93 18.24 -2.19 40.14
N HIS A 94 17.05 -2.73 40.40
CA HIS A 94 16.33 -3.47 39.36
C HIS A 94 14.85 -3.46 39.61
N CYS A 95 14.05 -3.77 38.59
CA CYS A 95 12.61 -3.80 38.67
C CYS A 95 11.96 -2.61 39.41
N VAL A 96 12.49 -1.40 39.18
CA VAL A 96 11.89 -0.19 39.72
C VAL A 96 10.54 0.04 39.05
N LYS A 97 9.52 0.37 39.86
CA LYS A 97 8.16 0.47 39.33
C LYS A 97 8.05 1.49 38.20
N ASN A 98 7.25 1.14 37.18
CA ASN A 98 7.01 1.97 36.00
C ASN A 98 8.25 2.27 35.13
N THR A 99 9.25 1.42 35.20
CA THR A 99 10.41 1.56 34.32
C THR A 99 10.43 0.38 33.35
N TRP A 100 11.09 0.56 32.22
CA TRP A 100 11.30 -0.56 31.32
C TRP A 100 11.70 -1.83 32.05
N GLY A 101 12.70 -1.72 32.93
CA GLY A 101 13.19 -2.87 33.65
C GLY A 101 12.18 -3.69 34.43
N SER A 102 11.10 -3.06 34.87
CA SER A 102 10.12 -3.79 35.67
C SER A 102 8.95 -4.32 34.83
N GLN A 103 8.92 -3.97 33.54
CA GLN A 103 7.92 -4.52 32.62
C GLN A 103 8.11 -6.02 32.40
N LEU A 104 7.00 -6.75 32.43
CA LEU A 104 7.00 -8.13 31.96
C LEU A 104 7.56 -8.13 30.53
N VAL A 105 8.35 -9.13 30.18
CA VAL A 105 8.95 -9.17 28.85
C VAL A 105 7.83 -9.16 27.81
N ASP A 106 8.05 -8.43 26.74
CA ASP A 106 7.05 -8.22 25.68
C ASP A 106 6.10 -9.39 25.40
N GLN A 107 6.68 -10.54 25.11
CA GLN A 107 5.88 -11.68 24.68
C GLN A 107 4.92 -12.15 25.79
N ILE A 108 5.37 -12.10 27.05
CA ILE A 108 4.52 -12.43 28.18
C ILE A 108 3.49 -11.32 28.42
N MET A 109 3.94 -10.08 28.43
CA MET A 109 3.05 -8.96 28.62
C MET A 109 1.90 -9.00 27.62
N ASP A 110 2.24 -9.30 26.37
CA ASP A 110 1.26 -9.42 25.32
C ASP A 110 0.14 -10.40 25.70
N GLN A 111 0.51 -11.58 26.18
CA GLN A 111 -0.43 -12.55 26.68
C GLN A 111 -1.28 -12.02 27.83
N VAL A 112 -0.63 -11.39 28.81
CA VAL A 112 -1.29 -10.91 30.01
C VAL A 112 -2.34 -9.84 29.66
N VAL A 113 -1.96 -8.92 28.79
CA VAL A 113 -2.85 -7.85 28.37
C VAL A 113 -4.05 -8.40 27.58
N THR A 114 -3.81 -9.21 26.56
CA THR A 114 -4.94 -9.67 25.75
C THR A 114 -5.80 -10.73 26.46
N LYS A 115 -5.19 -11.59 27.26
CA LYS A 115 -5.97 -12.59 28.01
C LYS A 115 -6.40 -12.15 29.42
N HIS A 116 -6.15 -10.89 29.79
CA HIS A 116 -6.49 -10.39 31.15
C HIS A 116 -6.01 -11.27 32.26
N ILE A 117 -4.71 -11.54 32.30
CA ILE A 117 -4.14 -12.46 33.27
C ILE A 117 -3.84 -11.73 34.60
N LYS A 118 -4.13 -12.39 35.72
CA LYS A 118 -3.90 -11.83 37.04
C LYS A 118 -2.41 -11.51 37.25
N ILE A 119 -2.13 -10.28 37.68
CA ILE A 119 -0.77 -9.85 38.06
C ILE A 119 -0.66 -9.71 39.60
N VAL A 120 0.38 -10.30 40.21
CA VAL A 120 0.67 -10.05 41.61
C VAL A 120 2.02 -9.33 41.74
N ASP A 121 2.00 -8.12 42.30
CA ASP A 121 3.24 -7.38 42.54
C ASP A 121 3.74 -7.65 43.96
N LYS A 122 5.04 -7.83 44.10
CA LYS A 122 5.67 -7.94 45.39
C LYS A 122 6.83 -6.94 45.47
N GLY A 123 7.37 -6.74 46.66
CA GLY A 123 8.59 -5.97 46.80
C GLY A 123 8.42 -4.47 46.78
N PHE A 124 7.19 -3.98 46.84
CA PHE A 124 6.99 -2.54 46.79
C PHE A 124 7.20 -1.85 48.15
N LEU A 125 7.14 -2.58 49.27
CA LEU A 125 7.47 -1.95 50.55
C LEU A 125 8.97 -1.68 50.63
N THR A 126 9.36 -0.44 50.91
CA THR A 126 10.77 -0.03 50.92
C THR A 126 11.59 -0.75 51.97
N ASP A 127 10.94 -1.24 53.02
CA ASP A 127 11.67 -1.63 54.22
C ASP A 127 12.02 -3.12 54.33
N ARG A 128 11.75 -3.91 53.28
CA ARG A 128 11.94 -5.37 53.38
C ARG A 128 12.11 -6.12 52.07
N GLU A 129 12.86 -7.22 52.12
CA GLU A 129 12.97 -8.11 50.96
CA GLU A 129 12.98 -8.17 51.01
C GLU A 129 11.68 -8.94 50.83
N TYR A 130 11.44 -9.42 49.62
CA TYR A 130 10.18 -10.00 49.29
C TYR A 130 10.43 -10.95 48.12
N TYR A 131 11.06 -12.08 48.41
CA TYR A 131 11.31 -13.07 47.40
C TYR A 131 10.06 -13.85 46.98
N SER A 132 9.25 -14.26 47.95
CA SER A 132 8.11 -15.09 47.66
C SER A 132 6.94 -14.27 47.13
N ALA A 133 6.19 -14.83 46.17
CA ALA A 133 5.06 -14.09 45.60
C ALA A 133 3.83 -14.14 46.52
N PHE A 134 3.96 -14.85 47.63
CA PHE A 134 2.85 -14.98 48.56
C PHE A 134 2.94 -13.98 49.72
N HIS A 135 4.16 -13.67 50.17
CA HIS A 135 4.36 -12.83 51.35
C HIS A 135 5.80 -12.45 51.53
N ASP A 136 6.06 -11.38 52.28
CA ASP A 136 7.44 -10.93 52.52
C ASP A 136 8.25 -11.96 53.33
N ILE A 137 9.56 -11.75 53.45
CA ILE A 137 10.43 -12.74 54.10
C ILE A 137 10.12 -12.92 55.57
N TRP A 138 9.27 -12.06 56.12
CA TRP A 138 8.95 -12.10 57.54
C TRP A 138 7.61 -12.73 57.75
N ASN A 139 6.98 -13.09 56.65
CA ASN A 139 5.58 -13.43 56.64
C ASN A 139 4.73 -12.33 57.32
N PHE A 140 5.06 -11.08 57.06
CA PHE A 140 4.29 -10.01 57.65
C PHE A 140 3.19 -9.55 56.72
N HIS A 141 3.56 -8.88 55.62
CA HIS A 141 2.61 -8.56 54.58
C HIS A 141 2.40 -9.73 53.64
N LYS A 142 1.13 -10.04 53.35
CA LYS A 142 0.79 -11.03 52.31
C LYS A 142 0.24 -10.34 51.08
N THR A 143 0.51 -10.91 49.91
CA THR A 143 -0.08 -10.45 48.66
C THR A 143 -1.47 -11.07 48.54
N ASP A 144 -2.19 -10.75 47.46
CA ASP A 144 -3.49 -11.33 47.29
C ASP A 144 -3.43 -12.74 46.66
N MET A 145 -2.23 -13.30 46.60
CA MET A 145 -2.00 -14.56 45.88
C MET A 145 -2.84 -15.69 46.41
N ASN A 146 -2.70 -15.96 47.71
CA ASN A 146 -3.40 -17.05 48.28
C ASN A 146 -4.90 -16.91 48.11
N LYS A 147 -5.43 -15.71 48.37
CA LYS A 147 -6.87 -15.50 48.22
C LYS A 147 -7.32 -15.76 46.78
N TYR A 148 -6.51 -15.35 45.81
CA TYR A 148 -6.84 -15.51 44.40
C TYR A 148 -6.91 -16.99 44.07
N LEU A 149 -5.86 -17.73 44.44
CA LEU A 149 -5.81 -19.15 44.21
C LEU A 149 -7.02 -19.84 44.82
N GLU A 150 -7.39 -19.44 46.05
CA GLU A 150 -8.54 -20.04 46.71
C GLU A 150 -9.84 -19.76 45.98
N LYS A 151 -10.04 -18.53 45.55
CA LYS A 151 -11.23 -18.16 44.82
C LYS A 151 -11.40 -19.05 43.59
N HIS A 152 -10.28 -19.38 42.95
CA HIS A 152 -10.28 -20.14 41.74
C HIS A 152 -10.01 -21.61 41.91
N HIS A 153 -10.33 -22.12 43.10
CA HIS A 153 -10.38 -23.55 43.35
C HIS A 153 -9.10 -24.27 43.06
N THR A 154 -7.98 -23.63 43.36
CA THR A 154 -6.67 -24.19 43.13
C THR A 154 -6.32 -25.25 44.17
N ASP A 155 -5.95 -26.44 43.74
CA ASP A 155 -5.33 -27.39 44.65
C ASP A 155 -3.90 -27.73 44.19
N GLU A 156 -3.59 -27.44 42.92
CA GLU A 156 -2.25 -27.68 42.38
C GLU A 156 -1.65 -26.40 41.85
N VAL A 157 -0.43 -26.12 42.27
CA VAL A 157 0.29 -24.94 41.83
C VAL A 157 1.53 -25.38 41.06
N TYR A 158 1.72 -24.84 39.85
CA TYR A 158 2.89 -25.11 39.00
C TYR A 158 3.65 -23.82 38.87
N ILE A 159 4.95 -23.87 39.06
CA ILE A 159 5.76 -22.67 39.13
C ILE A 159 6.88 -22.69 38.10
N VAL A 160 7.01 -21.58 37.36
CA VAL A 160 8.06 -21.40 36.38
C VAL A 160 8.62 -19.98 36.49
N GLY A 161 9.72 -19.70 35.83
CA GLY A 161 10.27 -18.35 35.84
C GLY A 161 11.67 -18.24 36.42
N VAL A 162 11.97 -17.05 36.97
CA VAL A 162 13.30 -16.71 37.45
C VAL A 162 13.16 -15.93 38.74
N ALA A 163 14.20 -15.90 39.59
CA ALA A 163 15.39 -16.72 39.50
C ALA A 163 15.12 -18.03 40.25
N LEU A 164 15.64 -19.14 39.75
CA LEU A 164 15.37 -20.43 40.37
C LEU A 164 15.60 -20.42 41.88
N GLU A 165 16.75 -19.89 42.28
CA GLU A 165 17.19 -20.00 43.67
C GLU A 165 16.70 -18.86 44.57
N TYR A 166 15.91 -17.94 44.02
CA TYR A 166 15.34 -16.87 44.82
C TYR A 166 13.81 -16.85 44.73
C JJJ A 167 11.06 -17.19 43.50
N JJJ A 167 13.24 -16.04 43.83
O JJJ A 167 10.00 -17.45 44.07
N1 JJJ A 167 15.64 -10.20 43.19
C2 JJJ A 167 14.59 -11.04 43.01
C3 JJJ A 167 14.81 -12.35 42.55
C4 JJJ A 167 16.13 -12.74 42.30
C5 JJJ A 167 17.18 -11.86 42.49
C6 JJJ A 167 16.91 -10.58 42.94
C7 JJJ A 167 13.68 -13.33 42.35
O7 JJJ A 167 13.90 -14.28 41.62
CA JJJ A 167 11.77 -15.87 43.81
CB JJJ A 167 11.27 -14.70 42.95
SG JJJ A 167 12.20 -13.20 43.18
N VAL A 168 11.63 -18.02 42.61
CA VAL A 168 11.01 -19.29 42.27
C VAL A 168 10.94 -20.22 43.47
N LYS A 169 12.08 -20.41 44.13
CA LYS A 169 12.16 -21.26 45.30
C LYS A 169 11.26 -20.74 46.42
N ALA A 170 11.31 -19.42 46.67
CA ALA A 170 10.57 -18.84 47.79
C ALA A 170 9.05 -18.99 47.58
N THR A 171 8.61 -18.83 46.34
CA THR A 171 7.20 -18.94 46.00
C THR A 171 6.73 -20.39 46.12
N ALA A 172 7.55 -21.32 45.63
CA ALA A 172 7.26 -22.75 45.70
C ALA A 172 7.09 -23.21 47.16
N ILE A 173 7.98 -22.71 48.02
CA ILE A 173 7.95 -23.04 49.44
C ILE A 173 6.71 -22.45 50.11
N SER A 174 6.36 -21.21 49.78
CA SER A 174 5.12 -20.66 50.29
C SER A 174 3.91 -21.53 49.89
N ALA A 175 3.83 -21.89 48.61
CA ALA A 175 2.68 -22.63 48.11
C ALA A 175 2.56 -23.96 48.83
N ALA A 176 3.69 -24.63 49.05
CA ALA A 176 3.69 -25.92 49.74
C ALA A 176 3.24 -25.75 51.21
N GLU A 177 3.79 -24.75 51.89
CA GLU A 177 3.44 -24.46 53.28
C GLU A 177 1.95 -24.19 53.43
N LEU A 178 1.34 -23.60 52.41
CA LEU A 178 -0.09 -23.26 52.45
C LEU A 178 -1.00 -24.41 52.01
N GLY A 179 -0.42 -25.58 51.74
CA GLY A 179 -1.19 -26.76 51.45
C GLY A 179 -1.47 -27.11 49.99
N TYR A 180 -0.90 -26.37 49.04
CA TYR A 180 -1.06 -26.67 47.61
C TYR A 180 -0.11 -27.80 47.22
N LYS A 181 -0.57 -28.76 46.41
CA LYS A 181 0.35 -29.67 45.73
C LYS A 181 1.16 -28.84 44.75
N THR A 182 2.44 -28.66 45.06
CA THR A 182 3.29 -27.74 44.31
C THR A 182 4.31 -28.47 43.43
N THR A 183 4.43 -28.01 42.19
CA THR A 183 5.41 -28.51 41.26
C THR A 183 6.25 -27.37 40.69
N VAL A 184 7.55 -27.57 40.61
CA VAL A 184 8.40 -26.68 39.84
C VAL A 184 8.81 -27.41 38.56
N LEU A 185 8.54 -26.78 37.42
CA LEU A 185 8.94 -27.32 36.12
C LEU A 185 10.31 -26.75 35.81
N LEU A 186 11.35 -27.49 36.22
CA LEU A 186 12.75 -27.04 36.16
C LEU A 186 13.21 -26.45 34.85
N ASP A 187 12.83 -27.06 33.72
CA ASP A 187 13.29 -26.62 32.40
C ASP A 187 12.79 -25.22 32.09
N TYR A 188 11.75 -24.79 32.80
CA TYR A 188 11.16 -23.49 32.57
C TYR A 188 11.64 -22.48 33.60
N THR A 189 12.75 -22.80 34.24
CA THR A 189 13.39 -21.87 35.16
C THR A 189 14.86 -21.73 34.81
N ARG A 190 15.47 -20.64 35.27
CA ARG A 190 16.94 -20.47 35.25
C ARG A 190 17.38 -19.88 36.60
N PRO A 191 18.59 -20.23 37.09
CA PRO A 191 19.15 -19.55 38.27
C PRO A 191 19.87 -18.27 37.86
N ILE A 192 20.06 -17.32 38.77
CA ILE A 192 20.94 -16.18 38.42
C ILE A 192 22.38 -16.61 38.46
N SER A 193 22.71 -17.57 39.34
CA SER A 193 24.06 -18.12 39.44
C SER A 193 24.42 -19.00 38.25
N ASP A 194 25.46 -18.61 37.51
CA ASP A 194 26.01 -19.39 36.40
C ASP A 194 26.72 -20.67 36.88
N ASP A 195 26.34 -21.14 38.07
CA ASP A 195 26.89 -22.35 38.65
C ASP A 195 25.90 -23.51 38.53
N PRO A 196 26.24 -24.51 37.70
CA PRO A 196 25.44 -25.75 37.58
C PRO A 196 25.10 -26.41 38.91
N GLU A 197 26.01 -26.33 39.88
CA GLU A 197 25.75 -26.89 41.21
C GLU A 197 24.51 -26.30 41.91
N VAL A 198 24.14 -25.06 41.55
CA VAL A 198 23.05 -24.37 42.23
C VAL A 198 21.72 -25.03 41.92
N ILE A 199 21.61 -25.59 40.72
CA ILE A 199 20.40 -26.29 40.29
C ILE A 199 20.14 -27.47 41.22
N ASN A 200 21.12 -28.35 41.38
CA ASN A 200 21.02 -29.50 42.29
C ASN A 200 20.66 -29.15 43.72
N LYS A 201 21.31 -28.12 44.25
CA LYS A 201 21.08 -27.68 45.62
C LYS A 201 19.60 -27.30 45.79
N VAL A 202 19.06 -26.51 44.86
CA VAL A 202 17.67 -26.06 44.93
C VAL A 202 16.71 -27.25 44.80
N LYS A 203 17.02 -28.13 43.85
CA LYS A 203 16.29 -29.39 43.62
C LYS A 203 16.08 -30.11 44.94
N GLU A 204 17.16 -30.27 45.70
CA GLU A 204 17.11 -30.98 46.99
C GLU A 204 16.30 -30.24 48.04
N GLU A 205 16.46 -28.92 48.09
CA GLU A 205 15.71 -28.12 49.04
C GLU A 205 14.20 -28.20 48.78
N LEU A 206 13.82 -28.11 47.51
CA LEU A 206 12.42 -28.20 47.14
C LEU A 206 11.82 -29.55 47.54
N LYS A 207 12.54 -30.63 47.27
CA LYS A 207 12.06 -31.97 47.58
C LYS A 207 11.89 -32.16 49.08
N ALA A 208 12.74 -31.51 49.85
CA ALA A 208 12.67 -31.54 51.30
C ALA A 208 11.40 -30.86 51.81
N HIS A 209 10.79 -30.00 51.00
CA HIS A 209 9.51 -29.37 51.35
C HIS A 209 8.36 -30.04 50.65
N ASN A 210 8.60 -31.23 50.12
CA ASN A 210 7.54 -32.00 49.45
C ASN A 210 7.02 -31.42 48.13
N ILE A 211 7.87 -30.63 47.49
CA ILE A 211 7.57 -30.01 46.22
C ILE A 211 8.09 -30.90 45.08
N ASN A 212 7.22 -31.19 44.12
CA ASN A 212 7.61 -31.90 42.92
C ASN A 212 8.50 -31.08 42.02
N VAL A 213 9.65 -31.66 41.68
CA VAL A 213 10.53 -31.06 40.71
C VAL A 213 10.56 -31.97 39.49
N VAL A 214 9.92 -31.57 38.41
CA VAL A 214 10.11 -32.31 37.16
C VAL A 214 10.71 -31.39 36.11
N ASP A 215 11.27 -31.97 35.05
CA ASP A 215 11.84 -31.17 33.97
C ASP A 215 10.77 -30.36 33.15
N LYS A 216 9.95 -31.08 32.39
CA LYS A 216 8.83 -30.51 31.61
C LYS A 216 7.51 -31.03 32.16
N MET B 1 -3.46 23.48 62.72
CA MET B 1 -2.89 22.67 61.63
C MET B 1 -3.92 21.66 61.11
N LYS B 2 -3.67 21.15 59.91
CA LYS B 2 -4.60 20.27 59.18
C LYS B 2 -4.17 18.81 59.30
N THR B 3 -5.09 17.94 59.72
CA THR B 3 -4.82 16.51 59.75
C THR B 3 -5.80 15.76 58.86
N LEU B 4 -5.25 14.89 58.03
CA LEU B 4 -6.06 14.01 57.20
C LEU B 4 -6.20 12.67 57.91
N ILE B 5 -7.41 12.16 58.02
CA ILE B 5 -7.61 10.84 58.58
C ILE B 5 -8.14 9.91 57.50
N VAL B 6 -7.39 8.85 57.20
CA VAL B 6 -7.78 7.88 56.18
C VAL B 6 -8.40 6.69 56.89
N VAL B 7 -9.67 6.45 56.64
CA VAL B 7 -10.41 5.46 57.42
C VAL B 7 -10.58 4.08 56.75
N ASP B 8 -9.98 3.06 57.38
CA ASP B 8 -10.23 1.64 57.09
C ASP B 8 -10.06 1.25 55.64
N MET B 9 -9.03 1.79 55.00
CA MET B 9 -8.69 1.40 53.65
C MET B 9 -7.97 0.07 53.68
N GLN B 10 -8.73 -0.97 54.02
CA GLN B 10 -8.21 -2.31 54.25
C GLN B 10 -8.72 -3.28 53.20
N ASN B 11 -7.91 -4.31 52.94
CA ASN B 11 -8.22 -5.29 51.92
C ASN B 11 -9.66 -5.84 51.99
N ASP B 12 -10.12 -6.17 53.20
CA ASP B 12 -11.44 -6.77 53.34
C ASP B 12 -12.57 -5.86 52.90
N PHE B 13 -12.35 -4.54 52.96
CA PHE B 13 -13.34 -3.56 52.51
C PHE B 13 -13.16 -3.16 51.06
N ILE B 14 -11.92 -3.15 50.60
CA ILE B 14 -11.60 -2.61 49.29
C ILE B 14 -11.47 -3.70 48.22
N SER B 15 -10.72 -4.77 48.49
CA SER B 15 -10.52 -5.79 47.44
C SER B 15 -11.79 -6.58 47.11
N PRO B 16 -12.05 -6.83 45.80
CA PRO B 16 -13.15 -7.79 45.52
C PRO B 16 -12.96 -9.12 46.27
N LEU B 17 -11.71 -9.58 46.40
CA LEU B 17 -11.41 -10.80 47.14
C LEU B 17 -11.63 -10.66 48.65
N GLY B 18 -11.83 -9.43 49.13
CA GLY B 18 -12.11 -9.17 50.55
C GLY B 18 -13.42 -9.78 51.01
N SER B 19 -13.58 -9.94 52.32
CA SER B 19 -14.78 -10.60 52.84
C SER B 19 -15.95 -9.66 53.07
N LEU B 20 -15.73 -8.35 52.94
CA LEU B 20 -16.80 -7.37 53.15
C LEU B 20 -16.62 -6.17 52.21
N THR B 21 -16.59 -6.43 50.91
CA THR B 21 -16.24 -5.40 49.93
C THR B 21 -17.24 -4.25 49.88
N VAL B 22 -16.75 -3.03 50.10
CA VAL B 22 -17.49 -1.81 49.80
C VAL B 22 -17.57 -1.60 48.28
N PRO B 23 -18.79 -1.57 47.69
CA PRO B 23 -18.89 -1.42 46.23
C PRO B 23 -18.16 -0.17 45.74
N LYS B 24 -17.47 -0.29 44.60
CA LYS B 24 -16.68 0.78 44.01
C LYS B 24 -15.59 1.29 44.95
N GLY B 25 -15.24 0.52 45.98
CA GLY B 25 -14.18 0.90 46.90
C GLY B 25 -12.83 1.03 46.23
N GLU B 26 -12.60 0.19 45.24
CA GLU B 26 -11.32 0.15 44.55
C GLU B 26 -11.02 1.47 43.85
N GLU B 27 -12.07 2.24 43.57
CA GLU B 27 -11.93 3.53 42.92
C GLU B 27 -11.25 4.55 43.81
N LEU B 28 -11.21 4.28 45.11
CA LEU B 28 -10.64 5.20 46.09
C LEU B 28 -9.12 5.13 46.23
N ILE B 29 -8.52 3.99 45.87
CA ILE B 29 -7.10 3.79 46.17
C ILE B 29 -6.21 4.90 45.60
N ASN B 30 -6.21 5.07 44.29
CA ASN B 30 -5.37 6.08 43.68
C ASN B 30 -5.70 7.51 44.11
N PRO B 31 -6.97 7.93 43.99
CA PRO B 31 -7.35 9.26 44.49
C PRO B 31 -6.88 9.53 45.92
N ILE B 32 -7.08 8.58 46.84
CA ILE B 32 -6.68 8.82 48.24
C ILE B 32 -5.18 8.86 48.38
N SER B 33 -4.49 7.97 47.67
CA SER B 33 -3.05 7.97 47.65
C SER B 33 -2.48 9.30 47.15
N ASP B 34 -3.05 9.82 46.06
CA ASP B 34 -2.68 11.14 45.57
C ASP B 34 -2.98 12.23 46.62
N LEU B 35 -4.16 12.16 47.20
CA LEU B 35 -4.56 13.12 48.23
C LEU B 35 -3.56 13.18 49.38
N MET B 36 -3.10 12.01 49.81
CA MET B 36 -2.13 11.89 50.88
C MET B 36 -0.82 12.61 50.55
N GLN B 37 -0.38 12.58 49.31
CA GLN B 37 0.91 13.20 48.98
C GLN B 37 0.85 14.56 48.29
N ASP B 38 -0.34 15.15 48.21
CA ASP B 38 -0.53 16.49 47.66
C ASP B 38 -0.02 17.60 48.61
N ALA B 39 1.11 18.19 48.27
CA ALA B 39 1.69 19.28 49.07
C ALA B 39 0.76 20.50 49.22
N ASP B 40 -0.07 20.76 48.22
CA ASP B 40 -1.01 21.88 48.24
C ASP B 40 -2.06 21.80 49.33
N ARG B 41 -2.30 20.59 49.82
CA ARG B 41 -3.30 20.38 50.85
C ARG B 41 -2.82 20.82 52.23
N ASP B 42 -1.50 20.96 52.38
CA ASP B 42 -0.87 21.34 53.65
C ASP B 42 -1.25 20.43 54.81
N TRP B 43 -1.10 19.11 54.60
CA TRP B 43 -1.35 18.15 55.65
C TRP B 43 -0.19 18.23 56.59
N HIS B 44 -0.46 18.67 57.82
CA HIS B 44 0.57 18.66 58.83
C HIS B 44 0.81 17.25 59.32
N ARG B 45 -0.22 16.42 59.31
CA ARG B 45 -0.13 15.02 59.69
C ARG B 45 -1.20 14.24 58.99
N ILE B 46 -0.94 12.96 58.76
CA ILE B 46 -1.94 12.04 58.29
C ILE B 46 -2.04 10.93 59.32
N VAL B 47 -3.23 10.38 59.50
CA VAL B 47 -3.43 9.23 60.36
C VAL B 47 -4.27 8.23 59.59
N VAL B 48 -3.81 6.97 59.50
CA VAL B 48 -4.63 5.90 58.90
C VAL B 48 -5.21 5.03 60.00
N THR B 49 -6.42 4.54 59.79
CA THR B 49 -7.09 3.70 60.78
C THR B 49 -7.29 2.30 60.25
N ARG B 50 -7.36 1.33 61.16
CA ARG B 50 -7.65 -0.06 60.80
C ARG B 50 -8.66 -0.65 61.77
N ASP B 51 -9.58 -1.46 61.26
CA ASP B 51 -10.27 -2.39 62.12
C ASP B 51 -9.31 -3.51 62.41
N TRP B 52 -9.22 -3.89 63.69
CA TRP B 52 -8.26 -4.87 64.10
C TRP B 52 -8.93 -5.91 64.96
N HIS B 53 -9.67 -6.82 64.34
CA HIS B 53 -10.59 -7.69 65.08
C HIS B 53 -10.02 -9.01 65.48
N PRO B 54 -10.40 -9.51 66.67
CA PRO B 54 -10.14 -10.93 66.90
C PRO B 54 -11.21 -11.76 66.19
N SER B 55 -10.98 -13.05 65.99
CA SER B 55 -11.96 -13.84 65.27
C SER B 55 -13.24 -14.05 66.09
N ARG B 56 -13.14 -13.98 67.41
CA ARG B 56 -14.32 -14.15 68.29
C ARG B 56 -15.09 -12.84 68.56
N HIS B 57 -14.82 -11.80 67.80
CA HIS B 57 -15.46 -10.50 67.99
C HIS B 57 -16.97 -10.53 68.00
N ILE B 58 -17.54 -9.76 68.93
CA ILE B 58 -18.99 -9.75 69.16
C ILE B 58 -19.79 -9.30 67.94
N SER B 59 -19.15 -8.57 67.04
CA SER B 59 -19.84 -7.98 65.88
C SER B 59 -19.96 -8.91 64.69
N PHE B 60 -19.40 -10.12 64.77
CA PHE B 60 -19.50 -11.10 63.69
C PHE B 60 -20.67 -12.03 63.91
N ALA B 61 -21.62 -12.06 62.98
CA ALA B 61 -22.75 -13.03 62.99
C ALA B 61 -22.42 -14.47 63.35
N LYS B 62 -21.25 -14.93 62.93
CA LYS B 62 -20.78 -16.28 63.18
C LYS B 62 -20.68 -16.62 64.70
N ASN B 63 -20.49 -15.59 65.52
CA ASN B 63 -20.29 -15.75 66.96
C ASN B 63 -21.62 -15.70 67.73
N HIS B 64 -22.73 -15.74 67.00
CA HIS B 64 -24.06 -15.68 67.57
C HIS B 64 -24.96 -16.68 66.94
N LYS B 65 -25.53 -17.52 67.79
CA LYS B 65 -26.59 -18.45 67.45
C LYS B 65 -27.83 -17.74 66.86
N ASP B 66 -28.48 -18.40 65.89
CA ASP B 66 -29.71 -17.87 65.25
C ASP B 66 -29.53 -16.44 64.77
N LYS B 67 -28.35 -16.17 64.23
CA LYS B 67 -28.05 -14.86 63.70
C LYS B 67 -27.06 -14.98 62.56
N GLU B 68 -27.36 -14.27 61.47
CA GLU B 68 -26.61 -14.34 60.20
C GLU B 68 -26.10 -12.96 59.81
N PRO B 69 -25.18 -12.89 58.80
CA PRO B 69 -24.70 -11.53 58.51
C PRO B 69 -25.83 -10.58 58.13
N TYR B 70 -25.74 -9.34 58.62
CA TYR B 70 -26.73 -8.27 58.41
C TYR B 70 -27.95 -8.40 59.31
N SER B 71 -27.94 -9.37 60.22
CA SER B 71 -28.98 -9.45 61.23
C SER B 71 -28.76 -8.32 62.21
N THR B 72 -29.84 -7.78 62.74
CA THR B 72 -29.74 -6.79 63.80
C THR B 72 -29.39 -7.52 65.10
N TYR B 73 -28.75 -6.79 66.01
CA TYR B 73 -28.42 -7.36 67.30
C TYR B 73 -28.55 -6.28 68.37
N THR B 74 -28.79 -6.71 69.60
CA THR B 74 -28.86 -5.80 70.72
C THR B 74 -27.57 -5.90 71.53
N TYR B 75 -26.76 -4.85 71.46
CA TYR B 75 -25.53 -4.77 72.23
C TYR B 75 -25.78 -4.28 73.67
N HIS B 76 -24.98 -4.80 74.61
CA HIS B 76 -25.11 -4.50 76.04
C HIS B 76 -23.88 -3.84 76.54
N SER B 77 -24.03 -2.66 77.14
CA SER B 77 -22.89 -1.93 77.70
C SER B 77 -21.95 -2.86 78.48
N PRO B 78 -20.66 -2.88 78.11
CA PRO B 78 -19.69 -3.76 78.76
C PRO B 78 -19.38 -3.32 80.17
N ARG B 79 -19.58 -2.03 80.45
CA ARG B 79 -19.44 -1.47 81.79
C ARG B 79 -20.23 -2.26 82.87
N PRO B 80 -19.58 -2.56 84.00
CA PRO B 80 -20.22 -3.18 85.17
C PRO B 80 -21.29 -2.26 85.79
N GLY B 81 -22.50 -2.80 85.97
CA GLY B 81 -23.61 -2.01 86.49
C GLY B 81 -24.48 -1.45 85.38
N ASP B 82 -23.83 -0.93 84.34
CA ASP B 82 -24.51 -0.27 83.23
C ASP B 82 -25.28 -1.28 82.38
N ASP B 83 -26.57 -1.00 82.23
CA ASP B 83 -27.50 -1.85 81.52
C ASP B 83 -28.03 -1.25 80.21
N SER B 84 -27.45 -0.12 79.79
CA SER B 84 -27.81 0.47 78.51
C SER B 84 -27.62 -0.54 77.38
N THR B 85 -28.38 -0.35 76.30
CA THR B 85 -28.28 -1.21 75.14
C THR B 85 -28.26 -0.36 73.89
N GLN B 86 -27.69 -0.91 72.81
CA GLN B 86 -27.77 -0.27 71.51
C GLN B 86 -28.05 -1.28 70.40
N GLU B 87 -28.88 -0.87 69.46
CA GLU B 87 -29.17 -1.68 68.28
C GLU B 87 -27.96 -1.66 67.35
N GLY B 88 -27.68 -2.80 66.72
CA GLY B 88 -26.54 -2.93 65.83
C GLY B 88 -26.78 -3.89 64.69
N ILE B 89 -25.86 -3.90 63.73
CA ILE B 89 -25.88 -4.80 62.60
C ILE B 89 -24.73 -5.77 62.81
N LEU B 90 -24.98 -7.08 62.66
CA LEU B 90 -23.89 -8.06 62.67
C LEU B 90 -23.29 -8.21 61.28
N TRP B 91 -22.04 -8.63 61.21
CA TRP B 91 -21.26 -8.62 59.96
C TRP B 91 -20.63 -9.97 59.63
N PRO B 92 -20.26 -10.19 58.36
CA PRO B 92 -19.36 -11.31 58.06
C PRO B 92 -18.03 -11.08 58.80
N VAL B 93 -17.28 -12.14 59.03
CA VAL B 93 -15.94 -12.01 59.58
C VAL B 93 -15.13 -11.14 58.64
N HIS B 94 -14.42 -10.16 59.20
CA HIS B 94 -13.55 -9.29 58.40
C HIS B 94 -12.52 -8.65 59.26
N CYS B 95 -11.43 -8.20 58.64
CA CYS B 95 -10.35 -7.48 59.32
C CYS B 95 -9.84 -8.16 60.57
N VAL B 96 -9.75 -9.48 60.54
CA VAL B 96 -9.15 -10.24 61.62
C VAL B 96 -7.67 -9.88 61.70
N LYS B 97 -7.14 -9.68 62.93
CA LYS B 97 -5.73 -9.29 63.07
C LYS B 97 -4.77 -10.18 62.34
N ASN B 98 -3.83 -9.56 61.63
CA ASN B 98 -2.72 -10.25 60.97
C ASN B 98 -3.07 -11.18 59.86
N THR B 99 -4.19 -10.89 59.20
CA THR B 99 -4.59 -11.58 58.01
C THR B 99 -4.49 -10.60 56.85
N TRP B 100 -4.26 -11.12 55.65
CA TRP B 100 -4.36 -10.31 54.45
C TRP B 100 -5.49 -9.33 54.53
N GLY B 101 -6.67 -9.82 54.88
CA GLY B 101 -7.86 -8.97 54.93
C GLY B 101 -7.75 -7.71 55.75
N SER B 102 -6.98 -7.73 56.84
CA SER B 102 -6.89 -6.54 57.71
C SER B 102 -5.76 -5.60 57.33
N GLN B 103 -4.96 -5.99 56.35
CA GLN B 103 -3.87 -5.13 55.88
C GLN B 103 -4.45 -3.87 55.25
N LEU B 104 -3.84 -2.72 55.53
CA LEU B 104 -4.02 -1.55 54.66
C LEU B 104 -3.72 -1.95 53.22
N VAL B 105 -4.57 -1.56 52.28
CA VAL B 105 -4.36 -1.90 50.87
C VAL B 105 -2.97 -1.47 50.42
N ASP B 106 -2.31 -2.33 49.65
CA ASP B 106 -0.92 -2.14 49.23
C ASP B 106 -0.46 -0.69 49.08
N GLN B 107 -1.18 0.07 48.26
CA GLN B 107 -0.75 1.41 47.89
C GLN B 107 -0.74 2.41 49.06
N ILE B 108 -1.69 2.27 49.99
CA ILE B 108 -1.70 3.07 51.22
C ILE B 108 -0.60 2.55 52.18
N MET B 109 -0.52 1.23 52.36
CA MET B 109 0.50 0.65 53.23
C MET B 109 1.87 1.18 52.85
N ASP B 110 2.11 1.19 51.55
CA ASP B 110 3.33 1.67 50.98
C ASP B 110 3.68 3.08 51.50
N GLN B 111 2.73 3.98 51.40
CA GLN B 111 2.89 5.32 51.88
C GLN B 111 3.10 5.36 53.41
N VAL B 112 2.34 4.53 54.12
CA VAL B 112 2.43 4.48 55.58
C VAL B 112 3.82 4.06 56.02
N VAL B 113 4.37 3.08 55.33
CA VAL B 113 5.65 2.51 55.68
C VAL B 113 6.79 3.48 55.36
N THR B 114 6.76 4.10 54.18
CA THR B 114 7.90 4.95 53.83
C THR B 114 7.85 6.31 54.53
N LYS B 115 6.66 6.77 54.91
CA LYS B 115 6.56 8.07 55.57
C LYS B 115 6.29 8.01 57.07
N HIS B 116 6.30 6.79 57.62
CA HIS B 116 6.08 6.56 59.06
C HIS B 116 4.78 7.16 59.55
N ILE B 117 3.71 6.91 58.81
CA ILE B 117 2.41 7.46 59.13
C ILE B 117 1.80 6.77 60.37
N LYS B 118 1.23 7.57 61.24
CA LYS B 118 0.59 7.11 62.45
C LYS B 118 -0.58 6.17 62.11
N ILE B 119 -0.60 5.00 62.75
CA ILE B 119 -1.71 4.03 62.61
C ILE B 119 -2.56 3.97 63.90
N VAL B 120 -3.89 4.02 63.74
CA VAL B 120 -4.78 3.83 64.88
C VAL B 120 -5.64 2.60 64.66
N ASP B 121 -5.52 1.62 65.56
CA ASP B 121 -6.34 0.42 65.50
C ASP B 121 -7.56 0.55 66.37
N LYS B 122 -8.69 0.08 65.88
CA LYS B 122 -9.90 0.00 66.68
C LYS B 122 -10.53 -1.38 66.50
N GLY B 123 -11.52 -1.70 67.32
CA GLY B 123 -12.26 -2.94 67.20
C GLY B 123 -11.57 -4.19 67.73
N PHE B 124 -10.45 -4.05 68.42
CA PHE B 124 -9.74 -5.22 68.94
C PHE B 124 -10.37 -5.82 70.18
N LEU B 125 -11.14 -5.01 70.90
CA LEU B 125 -11.84 -5.50 72.10
C LEU B 125 -13.00 -6.38 71.69
N THR B 126 -13.01 -7.61 72.19
CA THR B 126 -13.99 -8.62 71.76
C THR B 126 -15.42 -8.25 72.04
N ASP B 127 -15.65 -7.45 73.08
CA ASP B 127 -16.98 -7.31 73.68
C ASP B 127 -17.83 -6.11 73.21
N ARG B 128 -17.35 -5.37 72.21
CA ARG B 128 -18.03 -4.14 71.80
C ARG B 128 -17.78 -3.73 70.36
N GLU B 129 -18.72 -3.01 69.75
CA GLU B 129 -18.49 -2.47 68.40
CA GLU B 129 -18.55 -2.43 68.41
C GLU B 129 -17.67 -1.19 68.50
N TYR B 130 -17.06 -0.81 67.39
CA TYR B 130 -16.10 0.26 67.38
C TYR B 130 -16.04 0.92 65.99
N TYR B 131 -17.07 1.69 65.65
CA TYR B 131 -17.12 2.37 64.35
C TYR B 131 -16.21 3.58 64.29
N SER B 132 -16.23 4.38 65.34
CA SER B 132 -15.44 5.60 65.39
C SER B 132 -13.97 5.32 65.65
N ALA B 133 -13.09 5.99 64.93
CA ALA B 133 -11.65 5.86 65.16
C ALA B 133 -11.20 6.51 66.47
N PHE B 134 -12.10 7.27 67.10
CA PHE B 134 -11.77 7.97 68.35
C PHE B 134 -12.03 7.14 69.61
N HIS B 135 -13.12 6.36 69.60
CA HIS B 135 -13.58 5.64 70.80
C HIS B 135 -14.65 4.66 70.46
N ASP B 136 -14.91 3.70 71.35
CA ASP B 136 -15.96 2.71 71.11
C ASP B 136 -17.36 3.35 71.11
N ILE B 137 -18.37 2.55 70.76
CA ILE B 137 -19.73 3.07 70.58
C ILE B 137 -20.33 3.57 71.89
N TRP B 138 -19.69 3.22 73.02
CA TRP B 138 -20.14 3.63 74.34
C TRP B 138 -19.36 4.77 74.87
N ASN B 139 -18.36 5.21 74.11
CA ASN B 139 -17.38 6.19 74.58
C ASN B 139 -16.71 5.77 75.88
N PHE B 140 -16.45 4.46 75.99
CA PHE B 140 -15.73 3.91 77.13
C PHE B 140 -14.24 3.83 76.83
N HIS B 141 -13.83 2.93 75.96
CA HIS B 141 -12.42 2.90 75.56
C HIS B 141 -12.15 3.95 74.52
N LYS B 142 -11.10 4.74 74.73
CA LYS B 142 -10.61 5.69 73.71
C LYS B 142 -9.29 5.23 73.07
N THR B 143 -9.12 5.60 71.81
CA THR B 143 -7.86 5.41 71.13
C THR B 143 -6.93 6.60 71.37
N ASP B 144 -5.71 6.46 70.88
CA ASP B 144 -4.71 7.49 70.66
C ASP B 144 -5.16 8.76 69.95
N MET B 145 -6.23 8.65 69.16
CA MET B 145 -6.48 9.62 68.12
C MET B 145 -6.44 11.04 68.64
N ASN B 146 -7.28 11.30 69.64
CA ASN B 146 -7.38 12.63 70.17
C ASN B 146 -6.05 13.13 70.70
N LYS B 147 -5.41 12.32 71.54
CA LYS B 147 -4.10 12.69 72.07
C LYS B 147 -3.12 13.00 70.94
N TYR B 148 -3.06 12.12 69.94
CA TYR B 148 -2.19 12.33 68.79
C TYR B 148 -2.50 13.66 68.10
N LEU B 149 -3.77 13.90 67.76
CA LEU B 149 -4.17 15.14 67.08
C LEU B 149 -3.83 16.38 67.90
N GLU B 150 -4.02 16.32 69.22
CA GLU B 150 -3.69 17.44 70.11
C GLU B 150 -2.20 17.70 70.12
N LYS B 151 -1.40 16.63 70.16
CA LYS B 151 0.04 16.77 70.21
C LYS B 151 0.55 17.48 68.98
N HIS B 152 -0.09 17.23 67.83
CA HIS B 152 0.33 17.83 66.59
C HIS B 152 -0.49 19.01 66.17
N HIS B 153 -1.07 19.70 67.17
CA HIS B 153 -1.68 21.02 66.99
C HIS B 153 -2.80 21.07 65.98
N THR B 154 -3.59 20.00 65.93
CA THR B 154 -4.66 19.87 64.95
C THR B 154 -5.82 20.72 65.33
N ASP B 155 -6.32 21.50 64.37
CA ASP B 155 -7.58 22.22 64.59
C ASP B 155 -8.56 22.00 63.44
N GLU B 156 -8.08 21.38 62.37
CA GLU B 156 -8.91 20.99 61.24
C GLU B 156 -8.68 19.52 60.91
N VAL B 157 -9.76 18.76 60.85
CA VAL B 157 -9.69 17.34 60.57
C VAL B 157 -10.41 17.10 59.26
N TYR B 158 -9.77 16.37 58.35
CA TYR B 158 -10.38 15.98 57.09
C TYR B 158 -10.45 14.47 57.04
N ILE B 159 -11.61 13.94 56.64
CA ILE B 159 -11.85 12.51 56.72
C ILE B 159 -12.22 11.90 55.36
N VAL B 160 -11.57 10.78 55.04
CA VAL B 160 -11.81 10.04 53.81
C VAL B 160 -11.80 8.53 54.12
N GLY B 161 -12.21 7.70 53.16
CA GLY B 161 -12.19 6.25 53.34
C GLY B 161 -13.55 5.58 53.32
N VAL B 162 -13.64 4.45 54.04
CA VAL B 162 -14.82 3.58 54.02
C VAL B 162 -15.17 3.17 55.46
N ALA B 163 -16.44 2.89 55.75
CA ALA B 163 -17.57 3.09 54.84
C ALA B 163 -18.29 4.39 55.25
N LEU B 164 -18.80 5.11 54.27
CA LEU B 164 -19.40 6.42 54.52
C LEU B 164 -20.33 6.42 55.72
N GLU B 165 -21.27 5.48 55.76
CA GLU B 165 -22.31 5.49 56.79
C GLU B 165 -21.90 4.79 58.11
N TYR B 166 -20.69 4.26 58.18
CA TYR B 166 -20.24 3.62 59.41
C TYR B 166 -19.00 4.29 59.99
C JJJ B 167 -16.35 5.76 59.90
N JJJ B 167 -17.82 3.82 59.64
O JJJ B 167 -15.90 6.55 60.75
N1 JJJ B 167 -17.03 -2.56 60.16
C2 JJJ B 167 -16.55 -1.30 60.15
C3 JJJ B 167 -16.99 -0.41 59.18
C4 JJJ B 167 -17.94 -0.83 58.22
C5 JJJ B 167 -18.41 -2.13 58.26
C6 JJJ B 167 -17.94 -2.98 59.25
C7 JJJ B 167 -16.48 1.01 59.13
O7 JJJ B 167 -16.60 1.58 58.06
CA JJJ B 167 -16.61 4.34 60.29
CB JJJ B 167 -15.39 3.44 60.10
SG JJJ B 167 -15.83 1.77 60.48
N VAL B 168 -16.65 6.14 58.66
CA VAL B 168 -16.43 7.51 58.22
C VAL B 168 -17.34 8.46 59.00
N LYS B 169 -18.64 8.20 58.98
CA LYS B 169 -19.56 9.04 59.72
C LYS B 169 -19.25 9.08 61.22
N ALA B 170 -18.98 7.93 61.83
CA ALA B 170 -18.77 7.87 63.27
C ALA B 170 -17.48 8.58 63.68
N THR B 171 -16.46 8.52 62.82
CA THR B 171 -15.21 9.21 63.07
C THR B 171 -15.40 10.73 62.94
N ALA B 172 -16.16 11.14 61.92
CA ALA B 172 -16.45 12.56 61.71
C ALA B 172 -17.20 13.15 62.91
N ILE B 173 -18.20 12.43 63.41
CA ILE B 173 -19.03 12.91 64.53
C ILE B 173 -18.19 13.05 65.81
N SER B 174 -17.36 12.06 66.10
CA SER B 174 -16.44 12.13 67.21
C SER B 174 -15.57 13.38 67.12
N ALA B 175 -15.00 13.62 65.93
CA ALA B 175 -14.10 14.73 65.70
C ALA B 175 -14.81 16.05 65.98
N ALA B 176 -16.07 16.15 65.56
CA ALA B 176 -16.83 17.38 65.76
C ALA B 176 -17.13 17.60 67.24
N GLU B 177 -17.62 16.56 67.91
CA GLU B 177 -17.90 16.63 69.34
C GLU B 177 -16.69 17.01 70.17
N LEU B 178 -15.49 16.66 69.69
CA LEU B 178 -14.27 17.03 70.39
C LEU B 178 -13.76 18.41 69.97
N GLY B 179 -14.58 19.14 69.21
CA GLY B 179 -14.30 20.52 68.87
C GLY B 179 -13.36 20.79 67.70
N TYR B 180 -13.08 19.80 66.87
CA TYR B 180 -12.29 20.07 65.65
C TYR B 180 -13.18 20.58 64.53
N LYS B 181 -12.70 21.55 63.75
CA LYS B 181 -13.33 21.91 62.48
C LYS B 181 -13.25 20.67 61.59
N THR B 182 -14.39 20.07 61.30
CA THR B 182 -14.41 18.76 60.67
C THR B 182 -15.03 18.79 59.29
N THR B 183 -14.30 18.22 58.34
CA THR B 183 -14.75 18.15 56.95
C THR B 183 -14.62 16.73 56.47
N VAL B 184 -15.66 16.26 55.77
CA VAL B 184 -15.66 14.99 55.07
C VAL B 184 -15.56 15.25 53.58
N LEU B 185 -14.56 14.68 52.92
CA LEU B 185 -14.41 14.80 51.47
C LEU B 185 -15.13 13.64 50.80
N LEU B 186 -16.38 13.90 50.40
CA LEU B 186 -17.31 12.88 49.91
C LEU B 186 -16.80 12.03 48.76
N ASP B 187 -16.10 12.66 47.82
CA ASP B 187 -15.61 11.95 46.65
C ASP B 187 -14.59 10.88 47.00
N TYR B 188 -14.00 11.00 48.19
CA TYR B 188 -13.03 10.04 48.68
C TYR B 188 -13.66 9.10 49.70
N THR B 189 -14.97 8.96 49.62
CA THR B 189 -15.67 7.98 50.45
C THR B 189 -16.55 7.12 49.57
N ARG B 190 -16.89 5.93 50.07
CA ARG B 190 -17.89 5.07 49.44
C ARG B 190 -18.77 4.48 50.55
N PRO B 191 -20.08 4.41 50.30
CA PRO B 191 -20.99 3.73 51.25
C PRO B 191 -20.98 2.21 51.07
N ILE B 192 -21.22 1.48 52.16
CA ILE B 192 -21.47 0.05 52.10
C ILE B 192 -22.79 -0.22 51.37
N SER B 193 -23.80 0.57 51.70
CA SER B 193 -25.13 0.38 51.18
C SER B 193 -25.20 0.83 49.73
N ASP B 194 -25.78 -0.01 48.88
CA ASP B 194 -25.97 0.35 47.47
C ASP B 194 -27.19 1.26 47.27
N ASP B 195 -27.86 1.61 48.36
CA ASP B 195 -29.02 2.50 48.33
C ASP B 195 -28.55 3.94 48.10
N PRO B 196 -28.77 4.48 46.89
CA PRO B 196 -28.31 5.83 46.56
C PRO B 196 -28.78 6.88 47.57
N GLU B 197 -29.95 6.65 48.17
CA GLU B 197 -30.56 7.54 49.17
C GLU B 197 -29.71 7.69 50.45
N VAL B 198 -28.98 6.64 50.82
CA VAL B 198 -28.17 6.64 52.04
C VAL B 198 -27.12 7.75 52.04
N ILE B 199 -26.51 8.01 50.87
CA ILE B 199 -25.51 9.08 50.72
C ILE B 199 -26.06 10.44 51.19
N ASN B 200 -27.36 10.65 51.04
CA ASN B 200 -28.00 11.90 51.48
C ASN B 200 -28.38 11.92 52.95
N LYS B 201 -28.86 10.79 53.46
CA LYS B 201 -29.24 10.71 54.87
C LYS B 201 -28.02 10.88 55.78
N VAL B 202 -26.85 10.46 55.28
CA VAL B 202 -25.60 10.65 56.00
C VAL B 202 -25.11 12.09 55.82
N LYS B 203 -25.18 12.56 54.57
CA LYS B 203 -24.85 13.95 54.19
C LYS B 203 -25.53 14.95 55.12
N GLU B 204 -26.80 14.68 55.41
CA GLU B 204 -27.64 15.54 56.24
C GLU B 204 -27.30 15.37 57.71
N GLU B 205 -27.11 14.11 58.13
CA GLU B 205 -26.80 13.79 59.52
C GLU B 205 -25.47 14.40 59.96
N LEU B 206 -24.54 14.55 59.01
CA LEU B 206 -23.25 15.19 59.26
C LEU B 206 -23.35 16.71 59.40
N LYS B 207 -24.28 17.33 58.69
CA LYS B 207 -24.44 18.78 58.78
C LYS B 207 -25.07 19.21 60.11
N ALA B 208 -25.90 18.33 60.69
CA ALA B 208 -26.47 18.53 62.02
C ALA B 208 -25.42 18.52 63.15
N HIS B 209 -24.21 18.04 62.86
CA HIS B 209 -23.11 18.12 63.82
C HIS B 209 -22.10 19.16 63.40
N ASN B 210 -22.52 20.06 62.52
CA ASN B 210 -21.65 21.10 61.94
C ASN B 210 -20.36 20.61 61.26
N ILE B 211 -20.47 19.52 60.52
CA ILE B 211 -19.37 19.00 59.72
C ILE B 211 -19.55 19.46 58.27
N ASN B 212 -18.50 20.04 57.68
CA ASN B 212 -18.53 20.39 56.26
C ASN B 212 -18.49 19.13 55.40
N VAL B 213 -19.51 18.99 54.56
CA VAL B 213 -19.50 17.91 53.60
C VAL B 213 -19.23 18.52 52.24
N VAL B 214 -18.01 18.37 51.74
CA VAL B 214 -17.70 18.83 50.39
C VAL B 214 -17.32 17.65 49.52
N ASP B 215 -17.34 17.83 48.20
CA ASP B 215 -17.01 16.76 47.27
C ASP B 215 -15.50 16.45 47.25
N LYS B 216 -14.71 17.40 46.75
CA LYS B 216 -13.24 17.32 46.75
C LYS B 216 -12.64 18.48 47.56
N MET C 1 28.35 9.35 21.73
CA MET C 1 28.41 8.61 20.43
C MET C 1 27.10 8.79 19.64
N LYS C 2 27.20 8.54 18.33
CA LYS C 2 26.10 8.76 17.40
C LYS C 2 25.38 7.45 17.10
N THR C 3 24.05 7.49 17.15
CA THR C 3 23.21 6.35 16.78
C THR C 3 22.21 6.76 15.72
N LEU C 4 22.13 5.96 14.65
CA LEU C 4 21.16 6.14 13.59
C LEU C 4 19.93 5.26 13.83
N ILE C 5 18.75 5.85 13.82
CA ILE C 5 17.52 5.08 13.91
C ILE C 5 16.76 5.12 12.58
N VAL C 6 16.55 3.94 12.02
CA VAL C 6 15.87 3.77 10.74
C VAL C 6 14.47 3.30 11.06
N VAL C 7 13.51 4.21 10.94
CA VAL C 7 12.15 3.96 11.39
C VAL C 7 11.30 3.31 10.30
N ASP C 8 10.83 2.09 10.59
CA ASP C 8 9.73 1.43 9.88
C ASP C 8 9.89 1.27 8.34
N MET C 9 11.09 0.90 7.90
CA MET C 9 11.32 0.59 6.49
C MET C 9 10.85 -0.84 6.18
N GLN C 10 9.52 -0.98 6.20
CA GLN C 10 8.86 -2.28 6.01
C GLN C 10 8.04 -2.30 4.74
N ASN C 11 7.82 -3.49 4.20
CA ASN C 11 7.13 -3.64 2.93
C ASN C 11 5.78 -2.92 2.86
N ASP C 12 4.98 -3.05 3.91
CA ASP C 12 3.66 -2.46 3.92
C ASP C 12 3.68 -0.94 3.83
N PHE C 13 4.81 -0.32 4.19
CA PHE C 13 4.97 1.13 4.03
C PHE C 13 5.69 1.53 2.75
N ILE C 14 6.57 0.66 2.26
CA ILE C 14 7.50 1.04 1.20
C ILE C 14 7.05 0.48 -0.16
N SER C 15 6.73 -0.80 -0.22
CA SER C 15 6.32 -1.43 -1.47
C SER C 15 4.92 -0.99 -1.96
N PRO C 16 4.77 -0.71 -3.28
CA PRO C 16 3.44 -0.45 -3.84
C PRO C 16 2.47 -1.58 -3.50
N LEU C 17 3.00 -2.80 -3.48
CA LEU C 17 2.26 -4.00 -3.12
C LEU C 17 1.87 -4.05 -1.64
N GLY C 18 2.47 -3.18 -0.82
CA GLY C 18 2.13 -3.08 0.59
C GLY C 18 0.73 -2.52 0.80
N SER C 19 0.18 -2.71 1.99
CA SER C 19 -1.20 -2.31 2.27
C SER C 19 -1.33 -0.85 2.70
N LEU C 20 -0.20 -0.17 2.91
CA LEU C 20 -0.24 1.21 3.36
C LEU C 20 0.96 1.99 2.84
N THR C 21 1.09 2.06 1.52
CA THR C 21 2.28 2.59 0.88
C THR C 21 2.48 4.08 1.14
N VAL C 22 3.67 4.43 1.59
CA VAL C 22 4.05 5.83 1.70
C VAL C 22 4.48 6.30 0.31
N PRO C 23 3.83 7.36 -0.23
CA PRO C 23 4.19 7.89 -1.54
C PRO C 23 5.69 8.15 -1.63
N LYS C 24 6.30 7.74 -2.75
CA LYS C 24 7.73 7.96 -3.02
C LYS C 24 8.65 7.26 -2.00
N GLY C 25 8.09 6.31 -1.25
CA GLY C 25 8.83 5.55 -0.25
C GLY C 25 9.98 4.70 -0.79
N GLU C 26 9.81 4.14 -1.99
CA GLU C 26 10.85 3.32 -2.60
C GLU C 26 12.12 4.11 -2.82
N GLU C 27 11.98 5.41 -2.98
CA GLU C 27 13.13 6.25 -3.25
C GLU C 27 14.10 6.23 -2.08
N LEU C 28 13.64 5.74 -0.92
CA LEU C 28 14.43 5.78 0.32
C LEU C 28 15.38 4.61 0.48
N ILE C 29 15.03 3.44 -0.06
CA ILE C 29 15.81 2.22 0.15
C ILE C 29 17.32 2.36 -0.08
N ASN C 30 17.73 2.68 -1.29
CA ASN C 30 19.15 2.87 -1.62
C ASN C 30 19.83 3.98 -0.82
N PRO C 31 19.24 5.18 -0.77
CA PRO C 31 19.89 6.22 0.05
C PRO C 31 20.07 5.81 1.51
N ILE C 32 19.04 5.26 2.13
CA ILE C 32 19.16 4.84 3.52
C ILE C 32 20.18 3.69 3.61
N SER C 33 20.08 2.72 2.73
CA SER C 33 21.06 1.66 2.67
C SER C 33 22.51 2.18 2.64
N ASP C 34 22.74 3.21 1.82
CA ASP C 34 24.05 3.85 1.72
C ASP C 34 24.40 4.66 2.97
N LEU C 35 23.41 5.35 3.54
CA LEU C 35 23.63 6.12 4.75
C LEU C 35 24.10 5.20 5.89
N MET C 36 23.43 4.06 6.05
CA MET C 36 23.80 3.04 7.02
C MET C 36 25.24 2.55 6.92
N GLN C 37 25.81 2.56 5.72
CA GLN C 37 27.12 1.95 5.46
C GLN C 37 28.25 2.96 5.39
N ASP C 38 27.90 4.23 5.51
CA ASP C 38 28.86 5.29 5.29
C ASP C 38 29.75 5.53 6.50
N ALA C 39 31.00 5.09 6.39
CA ALA C 39 31.96 5.18 7.50
C ALA C 39 32.21 6.61 7.96
N ASP C 40 32.03 7.59 7.08
CA ASP C 40 32.27 8.99 7.44
C ASP C 40 31.22 9.56 8.39
N ARG C 41 30.07 8.89 8.47
CA ARG C 41 28.98 9.35 9.33
C ARG C 41 29.24 9.07 10.82
N ASP C 42 30.20 8.18 11.10
CA ASP C 42 30.53 7.72 12.45
C ASP C 42 29.34 7.18 13.23
N TRP C 43 28.58 6.27 12.62
CA TRP C 43 27.49 5.64 13.36
C TRP C 43 28.10 4.68 14.31
N HIS C 44 28.00 4.98 15.61
CA HIS C 44 28.50 4.02 16.55
C HIS C 44 27.60 2.81 16.57
N ARG C 45 26.29 3.04 16.43
CA ARG C 45 25.31 1.97 16.32
C ARG C 45 24.19 2.39 15.39
N ILE C 46 23.54 1.40 14.79
CA ILE C 46 22.32 1.61 14.07
C ILE C 46 21.22 0.78 14.73
N VAL C 47 20.01 1.33 14.80
CA VAL C 47 18.87 0.60 15.28
C VAL C 47 17.82 0.70 14.18
N VAL C 48 17.21 -0.42 13.79
CA VAL C 48 16.04 -0.40 12.91
C VAL C 48 14.76 -0.72 13.66
N THR C 49 13.66 -0.03 13.33
CA THR C 49 12.41 -0.29 14.03
C THR C 49 11.39 -0.92 13.12
N ARG C 50 10.48 -1.68 13.71
CA ARG C 50 9.41 -2.34 12.98
C ARG C 50 8.11 -2.18 13.75
N ASP C 51 7.06 -1.75 13.06
CA ASP C 51 5.71 -2.00 13.52
C ASP C 51 5.52 -3.49 13.50
N TRP C 52 4.97 -4.03 14.56
CA TRP C 52 4.92 -5.46 14.74
C TRP C 52 3.59 -5.83 15.35
N HIS C 53 2.53 -5.73 14.55
CA HIS C 53 1.14 -5.80 15.02
C HIS C 53 0.56 -7.19 15.04
N PRO C 54 -0.27 -7.50 16.04
CA PRO C 54 -1.13 -8.68 15.91
C PRO C 54 -2.31 -8.31 15.01
N SER C 55 -2.95 -9.30 14.37
CA SER C 55 -4.05 -8.97 13.46
C SER C 55 -5.25 -8.38 14.18
N ARG C 56 -5.34 -8.64 15.48
CA ARG C 56 -6.43 -8.08 16.28
C ARG C 56 -6.17 -6.65 16.78
N HIS C 57 -5.09 -6.02 16.35
CA HIS C 57 -4.69 -4.70 16.86
C HIS C 57 -5.81 -3.70 16.88
N ILE C 58 -5.83 -2.88 17.91
CA ILE C 58 -6.93 -1.92 18.12
C ILE C 58 -6.94 -0.80 17.08
N SER C 59 -5.81 -0.60 16.39
CA SER C 59 -5.67 0.51 15.46
C SER C 59 -6.10 0.17 14.04
N PHE C 60 -6.59 -1.04 13.82
CA PHE C 60 -7.07 -1.42 12.50
C PHE C 60 -8.58 -1.22 12.45
N ALA C 61 -9.03 -0.44 11.47
CA ALA C 61 -10.46 -0.28 11.23
C ALA C 61 -11.21 -1.62 11.17
N LYS C 62 -10.57 -2.66 10.63
CA LYS C 62 -11.18 -3.98 10.46
C LYS C 62 -11.68 -4.54 11.79
N ASN C 63 -11.11 -4.05 12.89
CA ASN C 63 -11.42 -4.56 14.22
C ASN C 63 -12.48 -3.77 14.98
N HIS C 64 -13.14 -2.87 14.28
CA HIS C 64 -14.20 -2.07 14.86
C HIS C 64 -15.41 -2.12 13.98
N LYS C 65 -16.52 -2.58 14.56
CA LYS C 65 -17.82 -2.58 13.88
C LYS C 65 -18.12 -1.17 13.40
N ASP C 66 -18.67 -1.06 12.19
CA ASP C 66 -19.16 0.22 11.65
C ASP C 66 -18.10 1.33 11.60
N LYS C 67 -16.84 0.96 11.37
CA LYS C 67 -15.77 1.94 11.22
C LYS C 67 -14.77 1.53 10.15
N GLU C 68 -14.46 2.49 9.29
CA GLU C 68 -13.67 2.26 8.08
C GLU C 68 -12.29 2.94 8.16
N PRO C 69 -11.34 2.54 7.28
CA PRO C 69 -9.99 3.11 7.35
C PRO C 69 -9.95 4.63 7.18
N TYR C 70 -9.10 5.29 7.97
CA TYR C 70 -8.87 6.75 7.97
C TYR C 70 -9.92 7.56 8.74
N SER C 71 -10.94 6.87 9.27
CA SER C 71 -11.87 7.49 10.21
C SER C 71 -11.16 7.74 11.54
N THR C 72 -11.63 8.73 12.29
CA THR C 72 -11.03 9.01 13.58
C THR C 72 -11.68 8.18 14.68
N TYR C 73 -10.93 7.93 15.75
CA TYR C 73 -11.37 7.07 16.83
C TYR C 73 -10.81 7.60 18.14
N THR C 74 -11.49 7.24 19.23
CA THR C 74 -11.13 7.72 20.55
C THR C 74 -10.60 6.56 21.39
N TYR C 75 -9.28 6.55 21.59
CA TYR C 75 -8.59 5.54 22.40
C TYR C 75 -8.65 5.86 23.89
N HIS C 76 -8.84 4.83 24.70
CA HIS C 76 -8.87 4.98 26.16
C HIS C 76 -7.64 4.42 26.80
N SER C 77 -7.01 5.20 27.67
CA SER C 77 -5.84 4.75 28.42
C SER C 77 -6.02 3.32 28.94
N PRO C 78 -5.06 2.45 28.65
CA PRO C 78 -5.14 1.07 29.15
C PRO C 78 -4.94 0.94 30.68
N ARG C 79 -4.31 1.92 31.34
CA ARG C 79 -4.20 1.88 32.80
C ARG C 79 -5.57 1.96 33.49
N PRO C 80 -5.88 0.97 34.34
CA PRO C 80 -7.17 0.99 35.06
C PRO C 80 -7.20 2.10 36.13
N GLY C 81 -8.27 2.86 36.16
CA GLY C 81 -8.34 4.04 37.03
C GLY C 81 -8.10 5.32 36.24
N ASP C 82 -7.07 5.29 35.38
CA ASP C 82 -6.89 6.33 34.37
C ASP C 82 -8.01 6.17 33.33
N ASP C 83 -8.67 7.28 33.02
CA ASP C 83 -9.76 7.26 32.06
C ASP C 83 -9.55 8.24 30.89
N SER C 84 -8.44 8.97 30.90
CA SER C 84 -8.15 9.96 29.87
C SER C 84 -8.11 9.33 28.47
N THR C 85 -8.19 10.18 27.45
CA THR C 85 -8.43 9.70 26.09
C THR C 85 -7.49 10.38 25.11
N GLN C 86 -7.37 9.77 23.93
CA GLN C 86 -6.58 10.33 22.85
C GLN C 86 -7.27 10.14 21.53
N GLU C 87 -7.12 11.12 20.64
CA GLU C 87 -7.73 11.08 19.32
C GLU C 87 -6.81 10.41 18.31
N GLY C 88 -7.32 9.42 17.58
CA GLY C 88 -6.50 8.68 16.63
C GLY C 88 -7.11 8.33 15.29
N ILE C 89 -6.27 7.85 14.38
CA ILE C 89 -6.67 7.40 13.06
C ILE C 89 -6.74 5.87 13.07
N LEU C 90 -7.84 5.28 12.62
CA LEU C 90 -7.85 3.84 12.34
C LEU C 90 -7.24 3.62 10.96
N TRP C 91 -6.47 2.54 10.82
CA TRP C 91 -5.74 2.27 9.58
C TRP C 91 -6.19 1.00 8.92
N PRO C 92 -5.82 0.82 7.63
CA PRO C 92 -5.94 -0.53 7.09
C PRO C 92 -4.96 -1.46 7.81
N VAL C 93 -5.24 -2.77 7.77
CA VAL C 93 -4.37 -3.79 8.31
C VAL C 93 -2.97 -3.65 7.70
N HIS C 94 -1.95 -3.54 8.55
CA HIS C 94 -0.57 -3.44 8.08
C HIS C 94 0.41 -3.93 9.10
N CYS C 95 1.60 -4.32 8.65
CA CYS C 95 2.68 -4.79 9.49
C CYS C 95 2.22 -5.75 10.58
N VAL C 96 1.41 -6.73 10.18
CA VAL C 96 1.08 -7.86 11.03
C VAL C 96 2.33 -8.73 11.19
N LYS C 97 2.63 -9.10 12.42
CA LYS C 97 3.83 -9.92 12.68
C LYS C 97 3.90 -11.15 11.79
N ASN C 98 5.12 -11.43 11.30
CA ASN C 98 5.43 -12.62 10.51
C ASN C 98 4.72 -12.69 9.15
N THR C 99 4.30 -11.55 8.65
CA THR C 99 3.79 -11.49 7.30
C THR C 99 4.73 -10.67 6.44
N TRP C 100 4.69 -10.93 5.13
CA TRP C 100 5.54 -10.23 4.18
C TRP C 100 5.56 -8.74 4.46
N GLY C 101 4.36 -8.16 4.60
CA GLY C 101 4.21 -6.73 4.86
C GLY C 101 4.98 -6.19 6.06
N SER C 102 5.17 -6.99 7.09
CA SER C 102 5.87 -6.53 8.28
C SER C 102 7.40 -6.63 8.16
N GLN C 103 7.89 -7.31 7.12
CA GLN C 103 9.33 -7.49 6.94
C GLN C 103 10.00 -6.15 6.61
N LEU C 104 11.20 -5.96 7.15
CA LEU C 104 12.03 -4.87 6.69
C LEU C 104 12.29 -5.12 5.20
N VAL C 105 12.35 -4.07 4.41
CA VAL C 105 12.54 -4.25 2.97
C VAL C 105 13.85 -4.96 2.65
N ASP C 106 13.84 -5.86 1.67
CA ASP C 106 14.98 -6.74 1.31
C ASP C 106 16.36 -6.14 1.57
N GLN C 107 16.62 -4.96 1.02
CA GLN C 107 17.94 -4.34 1.10
C GLN C 107 18.34 -4.01 2.54
N ILE C 108 17.39 -3.45 3.30
CA ILE C 108 17.63 -3.11 4.69
C ILE C 108 17.78 -4.38 5.54
N MET C 109 16.89 -5.35 5.35
CA MET C 109 16.97 -6.60 6.09
C MET C 109 18.31 -7.26 5.86
N ASP C 110 18.78 -7.23 4.61
CA ASP C 110 20.06 -7.78 4.25
C ASP C 110 21.19 -7.20 5.14
N GLN C 111 21.31 -5.88 5.18
CA GLN C 111 22.25 -5.19 6.05
C GLN C 111 22.08 -5.66 7.52
N VAL C 112 20.84 -5.68 8.00
CA VAL C 112 20.52 -6.05 9.38
C VAL C 112 20.96 -7.49 9.73
N VAL C 113 20.79 -8.42 8.79
CA VAL C 113 21.13 -9.80 9.06
C VAL C 113 22.64 -10.02 9.00
N THR C 114 23.29 -9.46 7.99
CA THR C 114 24.73 -9.73 7.88
C THR C 114 25.49 -8.96 8.96
N LYS C 115 25.02 -7.77 9.31
CA LYS C 115 25.71 -6.93 10.28
C LYS C 115 25.18 -6.98 11.72
N HIS C 116 24.18 -7.81 11.99
CA HIS C 116 23.60 -7.98 13.35
C HIS C 116 23.05 -6.73 14.00
N ILE C 117 22.24 -5.99 13.27
CA ILE C 117 21.78 -4.69 13.73
C ILE C 117 20.63 -4.82 14.73
N LYS C 118 20.65 -4.05 15.80
CA LYS C 118 19.55 -4.08 16.77
C LYS C 118 18.22 -3.79 16.09
N ILE C 119 17.21 -4.60 16.41
CA ILE C 119 15.84 -4.39 15.97
C ILE C 119 14.96 -4.03 17.20
N VAL C 120 14.13 -3.01 17.04
CA VAL C 120 13.15 -2.66 18.04
C VAL C 120 11.76 -2.79 17.43
N ASP C 121 10.95 -3.70 17.98
CA ASP C 121 9.56 -3.87 17.57
C ASP C 121 8.68 -2.94 18.38
N LYS C 122 7.62 -2.43 17.76
CA LYS C 122 6.63 -1.67 18.49
C LYS C 122 5.25 -2.01 17.96
N GLY C 123 4.22 -1.65 18.72
CA GLY C 123 2.86 -1.86 18.31
C GLY C 123 2.38 -3.29 18.47
N PHE C 124 3.08 -4.11 19.22
CA PHE C 124 2.64 -5.51 19.42
C PHE C 124 1.51 -5.67 20.45
N LEU C 125 1.31 -4.70 21.34
CA LEU C 125 0.23 -4.78 22.31
C LEU C 125 -1.06 -4.44 21.60
N THR C 126 -2.06 -5.30 21.79
CA THR C 126 -3.31 -5.20 21.03
C THR C 126 -4.09 -3.94 21.36
N ASP C 127 -3.88 -3.41 22.56
CA ASP C 127 -4.80 -2.42 23.13
C ASP C 127 -4.40 -0.94 23.00
N ARG C 128 -3.33 -0.62 22.28
CA ARG C 128 -2.90 0.78 22.18
C ARG C 128 -2.08 1.07 20.92
N GLU C 129 -2.22 2.29 20.38
CA GLU C 129 -1.34 2.72 19.29
CA GLU C 129 -1.35 2.72 19.30
C GLU C 129 0.04 3.07 19.85
N TYR C 130 1.03 3.08 18.95
CA TYR C 130 2.41 3.09 19.33
C TYR C 130 3.18 3.70 18.16
N TYR C 131 3.16 5.03 18.06
CA TYR C 131 3.91 5.70 16.99
C TYR C 131 5.41 5.80 17.26
N SER C 132 5.78 6.23 18.45
CA SER C 132 7.17 6.39 18.82
C SER C 132 7.86 5.05 19.07
N ALA C 133 9.10 4.93 18.62
CA ALA C 133 9.85 3.70 18.79
C ALA C 133 10.34 3.53 20.22
N PHE C 134 10.07 4.55 21.04
CA PHE C 134 10.52 4.54 22.42
C PHE C 134 9.46 4.02 23.40
N HIS C 135 8.19 4.29 23.12
CA HIS C 135 7.11 4.01 24.08
C HIS C 135 5.74 4.25 23.50
N ASP C 136 4.72 3.57 24.02
CA ASP C 136 3.35 3.75 23.55
C ASP C 136 2.89 5.19 23.71
N ILE C 137 1.73 5.53 23.13
CA ILE C 137 1.24 6.91 23.16
C ILE C 137 1.03 7.42 24.59
N TRP C 138 0.84 6.49 25.53
CA TRP C 138 0.55 6.82 26.93
C TRP C 138 1.78 6.93 27.77
N ASN C 139 2.92 6.61 27.18
CA ASN C 139 4.16 6.47 27.91
C ASN C 139 4.02 5.47 29.05
N PHE C 140 3.21 4.44 28.81
CA PHE C 140 3.12 3.34 29.75
C PHE C 140 4.15 2.26 29.41
N HIS C 141 3.99 1.56 28.29
CA HIS C 141 4.99 0.58 27.89
C HIS C 141 6.15 1.23 27.18
N LYS C 142 7.37 0.90 27.61
CA LYS C 142 8.59 1.31 26.90
C LYS C 142 9.26 0.16 26.16
N THR C 143 9.92 0.51 25.06
CA THR C 143 10.72 -0.44 24.34
C THR C 143 12.14 -0.45 24.90
N ASP C 144 12.92 -1.42 24.42
CA ASP C 144 14.37 -1.48 24.48
C ASP C 144 15.12 -0.19 24.18
N MET C 145 14.51 0.68 23.36
CA MET C 145 15.26 1.72 22.66
C MET C 145 16.19 2.50 23.56
N ASN C 146 15.63 3.11 24.60
CA ASN C 146 16.40 4.01 25.43
C ASN C 146 17.52 3.29 26.15
N LYS C 147 17.19 2.13 26.69
CA LYS C 147 18.15 1.29 27.38
C LYS C 147 19.29 0.90 26.43
N TYR C 148 18.95 0.56 25.19
CA TYR C 148 19.97 0.23 24.19
C TYR C 148 20.84 1.44 23.85
N LEU C 149 20.22 2.59 23.62
CA LEU C 149 20.96 3.81 23.38
C LEU C 149 21.94 4.12 24.52
N GLU C 150 21.46 4.01 25.76
CA GLU C 150 22.29 4.29 26.96
C GLU C 150 23.46 3.33 27.03
N LYS C 151 23.20 2.04 26.81
CA LYS C 151 24.24 1.04 26.92
C LYS C 151 25.32 1.30 25.91
N HIS C 152 24.96 1.92 24.79
CA HIS C 152 25.93 2.18 23.74
C HIS C 152 26.40 3.61 23.66
N HIS C 153 26.34 4.29 24.81
CA HIS C 153 26.93 5.61 25.01
C HIS C 153 26.44 6.62 24.02
N THR C 154 25.16 6.55 23.69
CA THR C 154 24.56 7.45 22.73
C THR C 154 24.32 8.82 23.36
N ASP C 155 24.67 9.87 22.64
CA ASP C 155 24.37 11.22 23.09
C ASP C 155 23.83 12.07 21.95
N GLU C 156 23.92 11.54 20.73
CA GLU C 156 23.35 12.18 19.55
C GLU C 156 22.57 11.15 18.76
N VAL C 157 21.31 11.47 18.46
CA VAL C 157 20.42 10.55 17.77
C VAL C 157 20.00 11.13 16.42
N TYR C 158 20.19 10.34 15.37
CA TYR C 158 19.82 10.74 14.02
C TYR C 158 18.72 9.81 13.53
N ILE C 159 17.68 10.40 12.94
CA ILE C 159 16.46 9.66 12.58
C ILE C 159 16.09 9.78 11.10
N VAL C 160 15.72 8.64 10.52
CA VAL C 160 15.27 8.55 9.12
C VAL C 160 14.13 7.52 9.00
N GLY C 161 13.45 7.49 7.86
CA GLY C 161 12.42 6.48 7.61
C GLY C 161 11.03 7.05 7.36
N VAL C 162 10.01 6.27 7.70
CA VAL C 162 8.62 6.67 7.42
C VAL C 162 7.74 6.35 8.63
N ALA C 163 6.60 7.04 8.77
CA ALA C 163 6.22 8.17 7.93
C ALA C 163 6.64 9.44 8.65
N LEU C 164 6.98 10.48 7.91
CA LEU C 164 7.49 11.70 8.51
C LEU C 164 6.64 12.24 9.66
N GLU C 165 5.34 12.32 9.47
CA GLU C 165 4.45 12.96 10.45
C GLU C 165 3.94 12.01 11.54
N TYR C 166 4.31 10.74 11.45
CA TYR C 166 3.88 9.76 12.45
C TYR C 166 5.05 9.17 13.22
C JJJ C 167 7.84 8.08 13.66
N JJJ C 167 5.52 8.00 12.83
O JJJ C 167 8.51 8.09 14.68
N1 JJJ C 167 1.25 3.43 11.40
C2 JJJ C 167 2.50 3.77 11.75
C3 JJJ C 167 3.16 4.82 11.09
C4 JJJ C 167 2.50 5.49 10.05
C5 JJJ C 167 1.20 5.11 9.70
C6 JJJ C 167 0.60 4.06 10.40
C7 JJJ C 167 4.55 5.23 11.46
O7 JJJ C 167 5.21 5.79 10.60
CA JJJ C 167 6.55 7.29 13.60
CB JJJ C 167 6.74 5.84 13.13
SG JJJ C 167 5.20 4.95 12.99
N VAL C 168 8.19 8.78 12.59
CA VAL C 168 9.38 9.63 12.56
C VAL C 168 9.26 10.79 13.56
N LYS C 169 8.23 11.62 13.42
CA LYS C 169 7.99 12.73 14.32
C LYS C 169 8.00 12.31 15.79
N ALA C 170 7.25 11.24 16.09
CA ALA C 170 7.06 10.78 17.46
C ALA C 170 8.37 10.26 18.04
N THR C 171 9.09 9.45 17.27
CA THR C 171 10.37 8.92 17.72
C THR C 171 11.33 10.07 18.00
N ALA C 172 11.34 11.07 17.13
CA ALA C 172 12.19 12.24 17.32
C ALA C 172 11.83 12.98 18.60
N ILE C 173 10.53 13.16 18.85
CA ILE C 173 10.08 13.87 20.05
C ILE C 173 10.51 13.10 21.31
N SER C 174 10.34 11.78 21.27
CA SER C 174 10.76 10.92 22.37
C SER C 174 12.23 11.13 22.70
N ALA C 175 13.09 10.98 21.69
CA ALA C 175 14.54 11.11 21.90
C ALA C 175 14.90 12.48 22.47
N ALA C 176 14.29 13.53 21.95
CA ALA C 176 14.57 14.86 22.45
C ALA C 176 14.13 14.98 23.92
N GLU C 177 12.91 14.51 24.21
CA GLU C 177 12.38 14.51 25.57
C GLU C 177 13.31 13.75 26.51
N LEU C 178 14.01 12.76 25.99
CA LEU C 178 14.91 11.95 26.82
C LEU C 178 16.35 12.46 26.89
N GLY C 179 16.56 13.71 26.48
CA GLY C 179 17.86 14.36 26.61
C GLY C 179 18.87 14.18 25.50
N TYR C 180 18.53 13.45 24.43
CA TYR C 180 19.45 13.24 23.31
C TYR C 180 19.44 14.43 22.37
N LYS C 181 20.60 14.84 21.87
CA LYS C 181 20.63 15.85 20.79
C LYS C 181 20.11 15.16 19.53
N THR C 182 18.92 15.55 19.08
CA THR C 182 18.21 14.81 18.04
C THR C 182 18.17 15.54 16.69
N THR C 183 18.47 14.79 15.64
CA THR C 183 18.38 15.32 14.29
C THR C 183 17.51 14.43 13.41
N VAL C 184 16.62 15.07 12.64
CA VAL C 184 15.91 14.40 11.58
C VAL C 184 16.54 14.81 10.26
N LEU C 185 16.91 13.82 9.46
CA LEU C 185 17.45 14.05 8.13
C LEU C 185 16.32 13.95 7.12
N LEU C 186 15.72 15.12 6.83
CA LEU C 186 14.51 15.21 6.01
C LEU C 186 14.54 14.43 4.70
N ASP C 187 15.63 14.55 3.95
CA ASP C 187 15.73 13.92 2.64
C ASP C 187 15.63 12.41 2.69
N TYR C 188 15.86 11.85 3.87
CA TYR C 188 15.75 10.43 4.10
C TYR C 188 14.43 10.07 4.78
N THR C 189 13.43 10.94 4.64
CA THR C 189 12.09 10.66 5.13
C THR C 189 11.06 10.94 4.05
N ARG C 190 9.89 10.33 4.19
CA ARG C 190 8.74 10.60 3.34
C ARG C 190 7.52 10.75 4.25
N PRO C 191 6.58 11.66 3.89
CA PRO C 191 5.34 11.74 4.63
C PRO C 191 4.25 10.85 4.00
N ILE C 192 3.26 10.45 4.78
CA ILE C 192 2.10 9.74 4.23
C ILE C 192 1.23 10.74 3.47
N SER C 193 1.04 11.91 4.06
CA SER C 193 0.24 12.97 3.48
C SER C 193 0.89 13.50 2.21
N ASP C 194 0.10 13.57 1.14
CA ASP C 194 0.56 14.18 -0.12
C ASP C 194 0.41 15.71 -0.13
N ASP C 195 -0.23 16.25 0.91
CA ASP C 195 -0.36 17.69 1.14
C ASP C 195 1.02 18.27 1.46
N PRO C 196 1.62 19.02 0.52
CA PRO C 196 3.00 19.49 0.68
C PRO C 196 3.24 20.48 1.84
N GLU C 197 2.20 21.19 2.29
CA GLU C 197 2.36 22.16 3.37
C GLU C 197 2.49 21.49 4.75
N VAL C 198 2.03 20.25 4.86
CA VAL C 198 2.08 19.48 6.12
C VAL C 198 3.52 19.14 6.54
N ILE C 199 4.40 18.94 5.56
CA ILE C 199 5.84 18.85 5.80
C ILE C 199 6.32 20.03 6.65
N ASN C 200 5.73 21.21 6.44
CA ASN C 200 6.08 22.42 7.22
C ASN C 200 5.57 22.44 8.65
N LYS C 201 4.34 21.95 8.86
CA LYS C 201 3.75 21.85 10.20
C LYS C 201 4.58 20.92 11.10
N VAL C 202 5.01 19.79 10.54
CA VAL C 202 5.86 18.84 11.23
C VAL C 202 7.22 19.50 11.51
N LYS C 203 7.77 20.13 10.47
CA LYS C 203 9.08 20.77 10.52
C LYS C 203 9.18 21.80 11.65
N GLU C 204 8.11 22.59 11.83
CA GLU C 204 8.05 23.58 12.91
C GLU C 204 7.85 22.91 14.26
N GLU C 205 7.01 21.88 14.29
CA GLU C 205 6.70 21.13 15.51
C GLU C 205 7.93 20.43 16.12
N LEU C 206 8.83 19.96 15.26
CA LEU C 206 10.08 19.37 15.69
C LEU C 206 11.02 20.42 16.27
N LYS C 207 11.11 21.57 15.59
CA LYS C 207 11.98 22.66 16.02
C LYS C 207 11.56 23.21 17.38
N ALA C 208 10.27 23.09 17.69
CA ALA C 208 9.75 23.44 19.01
C ALA C 208 10.33 22.53 20.10
N HIS C 209 10.76 21.33 19.72
CA HIS C 209 11.36 20.38 20.68
C HIS C 209 12.86 20.39 20.65
N ASN C 210 13.44 21.40 20.00
CA ASN C 210 14.90 21.57 19.86
C ASN C 210 15.57 20.46 19.06
N ILE C 211 14.77 19.79 18.25
CA ILE C 211 15.25 18.83 17.29
C ILE C 211 15.64 19.64 16.09
N ASN C 212 16.81 19.37 15.52
CA ASN C 212 17.09 20.08 14.29
C ASN C 212 16.81 19.24 13.05
N VAL C 213 16.24 19.92 12.08
CA VAL C 213 15.77 19.31 10.86
C VAL C 213 16.66 19.82 9.77
N VAL C 214 17.52 18.95 9.25
CA VAL C 214 18.37 19.31 8.13
C VAL C 214 18.11 18.34 6.99
N ASP C 215 18.42 18.75 5.76
CA ASP C 215 18.15 17.92 4.58
C ASP C 215 18.95 16.59 4.59
N LYS C 216 20.25 16.68 4.33
CA LYS C 216 21.14 15.51 4.31
C LYS C 216 22.09 15.55 5.50
N MET D 1 -6.59 -15.75 -13.58
CA MET D 1 -5.63 -15.49 -14.70
C MET D 1 -4.36 -16.34 -14.55
N LYS D 2 -3.67 -16.55 -15.67
CA LYS D 2 -2.48 -17.40 -15.73
C LYS D 2 -1.19 -16.60 -15.59
N THR D 3 -0.29 -17.07 -14.74
CA THR D 3 1.04 -16.47 -14.61
C THR D 3 2.13 -17.52 -14.79
N LEU D 4 3.13 -17.17 -15.59
CA LEU D 4 4.26 -18.06 -15.84
C LEU D 4 5.45 -17.66 -14.97
N ILE D 5 6.00 -18.62 -14.25
CA ILE D 5 7.20 -18.37 -13.45
C ILE D 5 8.42 -19.04 -14.08
N VAL D 6 9.39 -18.22 -14.48
CA VAL D 6 10.63 -18.73 -15.05
C VAL D 6 11.71 -18.76 -13.97
N VAL D 7 12.07 -19.96 -13.56
CA VAL D 7 12.93 -20.15 -12.40
C VAL D 7 14.40 -20.21 -12.75
N ASP D 8 15.12 -19.18 -12.31
CA ASP D 8 16.58 -19.18 -12.23
C ASP D 8 17.28 -19.53 -13.53
N MET D 9 16.92 -18.83 -14.60
CA MET D 9 17.60 -18.97 -15.88
C MET D 9 18.81 -18.05 -15.97
N GLN D 10 19.80 -18.35 -15.13
CA GLN D 10 20.96 -17.50 -14.97
C GLN D 10 22.21 -18.16 -15.54
N ASN D 11 23.18 -17.34 -15.90
CA ASN D 11 24.38 -17.83 -16.53
C ASN D 11 25.03 -18.99 -15.79
N ASP D 12 25.21 -18.83 -14.48
CA ASP D 12 25.88 -19.87 -13.70
C ASP D 12 25.20 -21.23 -13.78
N PHE D 13 23.90 -21.28 -14.05
CA PHE D 13 23.21 -22.56 -14.18
C PHE D 13 23.17 -23.09 -15.61
N ILE D 14 23.15 -22.18 -16.58
CA ILE D 14 22.83 -22.52 -17.97
C ILE D 14 24.05 -22.61 -18.90
N SER D 15 24.96 -21.65 -18.78
CA SER D 15 26.17 -21.63 -19.59
C SER D 15 27.21 -22.65 -19.11
N PRO D 16 27.91 -23.33 -20.05
CA PRO D 16 29.00 -24.21 -19.64
C PRO D 16 30.12 -23.44 -18.94
N LEU D 17 30.27 -22.17 -19.31
CA LEU D 17 31.22 -21.27 -18.68
C LEU D 17 30.80 -20.94 -17.25
N GLY D 18 29.52 -21.12 -16.96
CA GLY D 18 29.00 -20.92 -15.61
C GLY D 18 29.59 -21.88 -14.60
N SER D 19 29.46 -21.53 -13.33
CA SER D 19 30.12 -22.27 -12.25
C SER D 19 29.28 -23.39 -11.65
N LEU D 20 28.03 -23.54 -12.08
CA LEU D 20 27.17 -24.63 -11.63
C LEU D 20 26.23 -25.09 -12.75
N THR D 21 26.82 -25.59 -13.83
CA THR D 21 26.08 -25.87 -15.05
C THR D 21 25.14 -27.05 -14.88
N VAL D 22 23.87 -26.83 -15.22
CA VAL D 22 22.89 -27.89 -15.31
C VAL D 22 23.05 -28.60 -16.66
N PRO D 23 23.27 -29.93 -16.64
CA PRO D 23 23.40 -30.66 -17.90
C PRO D 23 22.19 -30.39 -18.79
N LYS D 24 22.47 -30.09 -20.06
CA LYS D 24 21.44 -29.78 -21.06
C LYS D 24 20.71 -28.45 -20.82
N GLY D 25 21.27 -27.58 -19.98
CA GLY D 25 20.66 -26.30 -19.65
C GLY D 25 20.41 -25.38 -20.85
N GLU D 26 21.36 -25.39 -21.78
CA GLU D 26 21.33 -24.56 -22.98
C GLU D 26 20.09 -24.78 -23.83
N GLU D 27 19.64 -26.04 -23.88
CA GLU D 27 18.50 -26.43 -24.70
C GLU D 27 17.23 -25.69 -24.30
N LEU D 28 17.21 -25.14 -23.09
CA LEU D 28 16.02 -24.46 -22.57
C LEU D 28 15.86 -23.00 -23.01
N ILE D 29 16.95 -22.36 -23.41
CA ILE D 29 16.91 -20.92 -23.68
C ILE D 29 15.83 -20.53 -24.68
N ASN D 30 15.94 -21.04 -25.91
CA ASN D 30 14.97 -20.71 -26.96
C ASN D 30 13.54 -21.14 -26.66
N PRO D 31 13.34 -22.43 -26.28
CA PRO D 31 11.98 -22.89 -25.95
C PRO D 31 11.29 -22.05 -24.87
N ILE D 32 12.02 -21.68 -23.82
CA ILE D 32 11.43 -20.84 -22.78
C ILE D 32 11.19 -19.44 -23.31
N SER D 33 12.15 -18.93 -24.08
CA SER D 33 12.01 -17.63 -24.70
C SER D 33 10.77 -17.56 -25.58
N ASP D 34 10.53 -18.60 -26.39
CA ASP D 34 9.32 -18.69 -27.20
C ASP D 34 8.05 -18.79 -26.35
N LEU D 35 8.12 -19.63 -25.30
CA LEU D 35 7.01 -19.82 -24.38
C LEU D 35 6.53 -18.51 -23.75
N MET D 36 7.48 -17.66 -23.37
CA MET D 36 7.20 -16.33 -22.81
C MET D 36 6.44 -15.42 -23.79
N GLN D 37 6.74 -15.57 -25.08
CA GLN D 37 6.19 -14.71 -26.13
C GLN D 37 4.91 -15.23 -26.77
N ASP D 38 4.57 -16.47 -26.47
CA ASP D 38 3.49 -17.18 -27.16
C ASP D 38 2.08 -16.71 -26.73
N ALA D 39 1.44 -15.94 -27.60
CA ALA D 39 0.12 -15.35 -27.34
C ALA D 39 -0.94 -16.39 -26.95
N ASP D 40 -0.84 -17.58 -27.55
CA ASP D 40 -1.75 -18.69 -27.30
C ASP D 40 -1.78 -19.17 -25.86
N ARG D 41 -0.68 -18.95 -25.14
CA ARG D 41 -0.59 -19.41 -23.77
C ARG D 41 -1.41 -18.55 -22.81
N ASP D 42 -1.72 -17.33 -23.26
CA ASP D 42 -2.46 -16.35 -22.47
C ASP D 42 -1.84 -16.08 -21.10
N TRP D 43 -0.55 -15.75 -21.11
CA TRP D 43 0.11 -15.32 -19.89
C TRP D 43 -0.40 -13.96 -19.54
N HIS D 44 -1.04 -13.84 -18.39
CA HIS D 44 -1.48 -12.54 -17.93
C HIS D 44 -0.31 -11.79 -17.37
N ARG D 45 0.66 -12.53 -16.83
CA ARG D 45 1.91 -12.00 -16.32
C ARG D 45 2.98 -13.05 -16.42
N ILE D 46 4.23 -12.61 -16.60
CA ILE D 46 5.38 -13.48 -16.39
C ILE D 46 6.18 -12.95 -15.20
N VAL D 47 6.78 -13.86 -14.43
CA VAL D 47 7.73 -13.50 -13.40
C VAL D 47 9.00 -14.34 -13.60
N VAL D 48 10.15 -13.69 -13.54
CA VAL D 48 11.43 -14.40 -13.58
C VAL D 48 12.11 -14.31 -12.21
N THR D 49 12.85 -15.34 -11.85
CA THR D 49 13.52 -15.38 -10.57
C THR D 49 15.03 -15.45 -10.74
N ARG D 50 15.74 -14.94 -9.74
CA ARG D 50 17.20 -14.95 -9.70
C ARG D 50 17.68 -15.37 -8.32
N ASP D 51 18.69 -16.23 -8.28
CA ASP D 51 19.50 -16.38 -7.09
C ASP D 51 20.39 -15.17 -7.04
N TRP D 52 20.43 -14.52 -5.90
CA TRP D 52 21.09 -13.25 -5.76
C TRP D 52 21.93 -13.34 -4.52
N HIS D 53 23.01 -14.11 -4.60
CA HIS D 53 23.83 -14.44 -3.42
C HIS D 53 24.88 -13.43 -3.08
N PRO D 54 25.09 -13.18 -1.78
CA PRO D 54 26.30 -12.45 -1.41
C PRO D 54 27.50 -13.39 -1.54
N SER D 55 28.69 -12.80 -1.74
CA SER D 55 29.92 -13.59 -1.81
C SER D 55 30.07 -14.55 -0.61
N ARG D 56 29.65 -14.09 0.58
CA ARG D 56 29.81 -14.86 1.82
C ARG D 56 28.67 -15.82 2.16
N HIS D 57 27.79 -16.11 1.20
CA HIS D 57 26.61 -16.95 1.47
C HIS D 57 26.90 -18.28 2.13
N ILE D 58 26.07 -18.62 3.10
CA ILE D 58 26.27 -19.80 3.92
C ILE D 58 26.28 -21.10 3.11
N SER D 59 25.66 -21.09 1.94
CA SER D 59 25.54 -22.30 1.14
C SER D 59 26.76 -22.62 0.29
N PHE D 60 27.73 -21.71 0.27
CA PHE D 60 28.94 -21.94 -0.50
C PHE D 60 29.93 -22.73 0.34
N ALA D 61 30.43 -23.83 -0.21
CA ALA D 61 31.48 -24.59 0.46
C ALA D 61 32.71 -23.74 0.74
N LYS D 62 33.04 -22.84 -0.19
CA LYS D 62 34.13 -21.88 -0.02
C LYS D 62 34.09 -21.21 1.36
N ASN D 63 32.89 -21.04 1.90
CA ASN D 63 32.70 -20.35 3.18
C ASN D 63 32.70 -21.22 4.44
N HIS D 64 33.14 -22.47 4.30
CA HIS D 64 33.25 -23.36 5.44
C HIS D 64 34.59 -24.05 5.49
N LYS D 65 35.27 -23.92 6.63
CA LYS D 65 36.52 -24.62 6.88
C LYS D 65 36.31 -26.12 6.72
N ASP D 66 37.26 -26.78 6.06
CA ASP D 66 37.26 -28.25 5.88
C ASP D 66 35.96 -28.83 5.34
N LYS D 67 35.32 -28.10 4.43
CA LYS D 67 34.09 -28.54 3.79
C LYS D 67 34.14 -28.27 2.30
N GLU D 68 33.83 -29.30 1.51
CA GLU D 68 33.98 -29.28 0.06
C GLU D 68 32.65 -29.23 -0.69
N PRO D 69 32.65 -28.68 -1.94
CA PRO D 69 31.41 -28.61 -2.70
C PRO D 69 30.74 -29.97 -2.85
N TYR D 70 29.41 -29.97 -2.76
CA TYR D 70 28.54 -31.16 -2.87
C TYR D 70 28.45 -32.03 -1.62
N SER D 71 29.20 -31.70 -0.58
CA SER D 71 29.05 -32.40 0.70
C SER D 71 27.81 -31.87 1.42
N THR D 72 27.29 -32.67 2.36
CA THR D 72 26.13 -32.26 3.12
C THR D 72 26.53 -31.50 4.37
N TYR D 73 25.64 -30.60 4.80
CA TYR D 73 25.89 -29.69 5.91
C TYR D 73 24.59 -29.49 6.67
N THR D 74 24.69 -29.19 7.96
CA THR D 74 23.52 -29.00 8.80
C THR D 74 23.26 -27.52 9.04
N TYR D 75 22.14 -27.05 8.49
CA TYR D 75 21.73 -25.65 8.63
C TYR D 75 20.93 -25.44 9.90
N HIS D 76 21.20 -24.33 10.55
CA HIS D 76 20.49 -23.92 11.77
C HIS D 76 19.49 -22.85 11.48
N SER D 77 18.27 -23.02 11.98
CA SER D 77 17.24 -21.99 11.87
C SER D 77 17.76 -20.63 12.32
N PRO D 78 17.54 -19.59 11.51
CA PRO D 78 18.07 -18.30 11.90
C PRO D 78 17.21 -17.52 12.89
N ARG D 79 16.06 -18.06 13.32
CA ARG D 79 15.33 -17.41 14.43
C ARG D 79 16.00 -17.73 15.74
N PRO D 80 16.33 -16.68 16.51
CA PRO D 80 16.86 -16.90 17.85
C PRO D 80 15.79 -17.58 18.72
N GLY D 81 16.16 -18.71 19.33
CA GLY D 81 15.19 -19.50 20.09
C GLY D 81 14.87 -20.78 19.35
N ASP D 82 14.45 -20.65 18.10
CA ASP D 82 14.30 -21.80 17.22
C ASP D 82 15.68 -22.40 16.99
N ASP D 83 15.81 -23.67 17.37
CA ASP D 83 17.08 -24.38 17.30
C ASP D 83 17.01 -25.58 16.37
N SER D 84 15.86 -25.76 15.73
CA SER D 84 15.67 -26.84 14.76
C SER D 84 16.65 -26.74 13.59
N THR D 85 16.77 -27.84 12.84
CA THR D 85 17.78 -27.94 11.79
C THR D 85 17.24 -28.57 10.51
N GLN D 86 18.03 -28.45 9.44
CA GLN D 86 17.72 -29.08 8.15
C GLN D 86 18.99 -29.50 7.42
N GLU D 87 18.89 -30.60 6.69
CA GLU D 87 20.01 -31.13 5.92
C GLU D 87 20.07 -30.43 4.57
N GLY D 88 21.25 -29.93 4.21
CA GLY D 88 21.42 -29.25 2.94
C GLY D 88 22.72 -29.58 2.24
N ILE D 89 22.79 -29.24 0.96
CA ILE D 89 24.00 -29.42 0.17
C ILE D 89 24.79 -28.11 0.14
N LEU D 90 26.09 -28.20 0.38
CA LEU D 90 26.98 -27.06 0.16
C LEU D 90 27.39 -27.01 -1.31
N TRP D 91 27.38 -25.82 -1.89
CA TRP D 91 27.58 -25.66 -3.33
C TRP D 91 28.88 -24.99 -3.67
N PRO D 92 29.25 -25.03 -4.97
CA PRO D 92 30.26 -24.09 -5.47
C PRO D 92 29.66 -22.70 -5.48
N VAL D 93 30.51 -21.68 -5.42
CA VAL D 93 30.07 -20.30 -5.54
C VAL D 93 29.33 -20.11 -6.86
N HIS D 94 28.13 -19.54 -6.80
CA HIS D 94 27.32 -19.28 -8.00
C HIS D 94 26.36 -18.15 -7.76
N CYS D 95 25.99 -17.47 -8.84
CA CYS D 95 25.00 -16.40 -8.79
C CYS D 95 25.29 -15.33 -7.74
N VAL D 96 26.54 -14.89 -7.67
CA VAL D 96 26.90 -13.79 -6.80
C VAL D 96 26.33 -12.50 -7.39
N LYS D 97 25.72 -11.66 -6.56
CA LYS D 97 25.14 -10.42 -7.10
C LYS D 97 26.09 -9.62 -7.96
N ASN D 98 25.52 -9.08 -9.04
CA ASN D 98 26.21 -8.19 -9.96
C ASN D 98 27.43 -8.82 -10.63
N THR D 99 27.39 -10.14 -10.77
CA THR D 99 28.39 -10.83 -11.55
C THR D 99 27.71 -11.38 -12.80
N TRP D 100 28.52 -11.67 -13.81
CA TRP D 100 28.05 -12.31 -15.03
C TRP D 100 27.19 -13.50 -14.72
N GLY D 101 27.68 -14.33 -13.80
CA GLY D 101 27.02 -15.58 -13.44
C GLY D 101 25.60 -15.44 -12.88
N SER D 102 25.28 -14.27 -12.34
CA SER D 102 23.97 -14.06 -11.70
C SER D 102 22.97 -13.49 -12.68
N GLN D 103 23.49 -12.95 -13.78
CA GLN D 103 22.65 -12.39 -14.84
C GLN D 103 21.73 -13.46 -15.42
N LEU D 104 20.47 -13.12 -15.64
CA LEU D 104 19.61 -13.93 -16.52
C LEU D 104 20.30 -14.04 -17.88
N VAL D 105 20.20 -15.20 -18.51
CA VAL D 105 20.81 -15.41 -19.82
C VAL D 105 20.32 -14.38 -20.85
N ASP D 106 21.26 -13.85 -21.63
CA ASP D 106 21.01 -12.82 -22.65
C ASP D 106 19.58 -12.78 -23.23
N GLN D 107 19.14 -13.91 -23.79
CA GLN D 107 17.86 -13.97 -24.47
C GLN D 107 16.69 -13.69 -23.52
N ILE D 108 16.73 -14.30 -22.34
CA ILE D 108 15.70 -14.09 -21.33
C ILE D 108 15.77 -12.65 -20.83
N MET D 109 16.98 -12.19 -20.49
CA MET D 109 17.14 -10.82 -19.99
C MET D 109 16.64 -9.79 -20.98
N ASP D 110 16.98 -10.00 -22.26
CA ASP D 110 16.57 -9.06 -23.30
C ASP D 110 15.07 -8.84 -23.27
N GLN D 111 14.36 -9.95 -23.14
CA GLN D 111 12.92 -9.92 -23.07
C GLN D 111 12.45 -9.23 -21.78
N VAL D 112 13.05 -9.60 -20.65
CA VAL D 112 12.76 -8.99 -19.35
C VAL D 112 12.92 -7.47 -19.38
N VAL D 113 13.99 -7.00 -20.01
CA VAL D 113 14.22 -5.57 -20.11
C VAL D 113 13.19 -4.88 -21.00
N THR D 114 12.92 -5.42 -22.17
CA THR D 114 12.09 -4.64 -23.09
C THR D 114 10.61 -4.74 -22.72
N LYS D 115 10.17 -5.91 -22.28
CA LYS D 115 8.78 -6.13 -21.86
C LYS D 115 8.49 -5.78 -20.37
N HIS D 116 9.51 -5.29 -19.67
CA HIS D 116 9.41 -4.86 -18.24
C HIS D 116 8.89 -5.91 -17.31
N ILE D 117 9.50 -7.10 -17.31
CA ILE D 117 8.97 -8.23 -16.56
C ILE D 117 9.42 -8.22 -15.08
N LYS D 118 8.47 -8.52 -14.20
CA LYS D 118 8.73 -8.59 -12.76
C LYS D 118 9.86 -9.56 -12.42
N ILE D 119 10.84 -9.07 -11.67
CA ILE D 119 11.95 -9.89 -11.17
C ILE D 119 11.77 -10.11 -9.67
N VAL D 120 11.99 -11.35 -9.24
CA VAL D 120 11.99 -11.70 -7.83
C VAL D 120 13.37 -12.25 -7.54
N ASP D 121 14.07 -11.60 -6.60
CA ASP D 121 15.37 -12.10 -6.16
C ASP D 121 15.21 -12.97 -4.92
N LYS D 122 16.02 -14.01 -4.80
CA LYS D 122 16.03 -14.83 -3.61
C LYS D 122 17.49 -15.16 -3.29
N GLY D 123 17.73 -15.69 -2.09
CA GLY D 123 19.06 -16.13 -1.70
C GLY D 123 20.02 -15.03 -1.30
N PHE D 124 19.52 -13.81 -1.13
CA PHE D 124 20.39 -12.69 -0.76
C PHE D 124 20.74 -12.65 0.73
N LEU D 125 20.00 -13.37 1.57
CA LEU D 125 20.30 -13.39 3.00
C LEU D 125 21.43 -14.37 3.28
N THR D 126 22.51 -13.89 3.90
CA THR D 126 23.75 -14.67 4.06
C THR D 126 23.56 -15.95 4.85
N ASP D 127 22.56 -15.95 5.73
CA ASP D 127 22.44 -16.98 6.76
C ASP D 127 21.52 -18.17 6.42
N ARG D 128 20.93 -18.20 5.22
CA ARG D 128 19.96 -19.25 4.92
C ARG D 128 19.85 -19.69 3.46
N GLU D 129 19.54 -20.98 3.29
CA GLU D 129 19.26 -21.49 1.95
CA GLU D 129 19.22 -21.59 2.00
C GLU D 129 17.88 -21.03 1.53
N TYR D 130 17.70 -20.89 0.21
CA TYR D 130 16.53 -20.25 -0.32
C TYR D 130 16.17 -20.82 -1.69
N TYR D 131 15.65 -22.04 -1.71
CA TYR D 131 15.30 -22.67 -2.99
C TYR D 131 14.04 -22.09 -3.65
N SER D 132 12.93 -22.09 -2.92
CA SER D 132 11.66 -21.59 -3.42
C SER D 132 11.70 -20.08 -3.68
N ALA D 133 11.10 -19.64 -4.78
CA ALA D 133 11.03 -18.22 -5.12
C ALA D 133 9.98 -17.47 -4.28
N PHE D 134 9.31 -18.19 -3.40
CA PHE D 134 8.27 -17.63 -2.55
C PHE D 134 8.78 -17.26 -1.15
N HIS D 135 9.69 -18.08 -0.61
CA HIS D 135 10.16 -17.94 0.76
C HIS D 135 11.34 -18.82 1.07
N ASP D 136 12.10 -18.47 2.11
CA ASP D 136 13.23 -19.30 2.53
C ASP D 136 12.75 -20.66 3.05
N ILE D 137 13.70 -21.60 3.23
CA ILE D 137 13.38 -22.97 3.68
C ILE D 137 12.66 -23.03 5.03
N TRP D 138 12.80 -21.98 5.82
CA TRP D 138 12.17 -21.89 7.12
C TRP D 138 10.81 -21.25 7.04
N ASN D 139 10.49 -20.73 5.86
CA ASN D 139 9.31 -19.89 5.67
C ASN D 139 9.33 -18.70 6.64
N PHE D 140 10.50 -18.08 6.75
CA PHE D 140 10.66 -16.89 7.58
C PHE D 140 10.61 -15.64 6.71
N HIS D 141 11.61 -15.42 5.87
CA HIS D 141 11.52 -14.33 4.89
C HIS D 141 10.67 -14.76 3.74
N LYS D 142 9.77 -13.89 3.29
CA LYS D 142 9.01 -14.12 2.05
C LYS D 142 9.36 -13.07 0.98
N THR D 143 9.18 -13.42 -0.29
CA THR D 143 9.37 -12.48 -1.39
C THR D 143 8.05 -11.80 -1.78
N ASP D 144 8.15 -10.85 -2.71
CA ASP D 144 7.06 -10.30 -3.51
C ASP D 144 6.07 -11.34 -4.03
N MET D 145 6.56 -12.56 -4.24
CA MET D 145 5.91 -13.46 -5.18
C MET D 145 4.41 -13.53 -4.95
N ASN D 146 4.04 -14.03 -3.78
CA ASN D 146 2.65 -14.18 -3.46
C ASN D 146 1.88 -12.88 -3.70
N LYS D 147 2.41 -11.78 -3.17
CA LYS D 147 1.75 -10.48 -3.30
C LYS D 147 1.58 -10.05 -4.75
N TYR D 148 2.63 -10.22 -5.55
CA TYR D 148 2.56 -9.91 -6.97
C TYR D 148 1.46 -10.74 -7.59
N LEU D 149 1.61 -12.06 -7.54
CA LEU D 149 0.61 -12.99 -8.06
C LEU D 149 -0.82 -12.59 -7.68
N GLU D 150 -1.04 -12.26 -6.41
CA GLU D 150 -2.37 -11.85 -5.93
C GLU D 150 -2.86 -10.56 -6.57
N LYS D 151 -1.98 -9.56 -6.69
CA LYS D 151 -2.40 -8.29 -7.23
C LYS D 151 -2.86 -8.47 -8.66
N HIS D 152 -2.21 -9.39 -9.36
CA HIS D 152 -2.50 -9.60 -10.77
C HIS D 152 -3.38 -10.78 -11.05
N HIS D 153 -4.26 -11.08 -10.09
CA HIS D 153 -5.38 -12.02 -10.23
C HIS D 153 -4.93 -13.36 -10.70
N THR D 154 -3.85 -13.86 -10.14
CA THR D 154 -3.36 -15.19 -10.50
C THR D 154 -4.16 -16.26 -9.78
N ASP D 155 -4.71 -17.21 -10.53
CA ASP D 155 -5.30 -18.40 -9.91
C ASP D 155 -4.62 -19.67 -10.41
N GLU D 156 -3.94 -19.57 -11.55
CA GLU D 156 -3.06 -20.66 -12.00
C GLU D 156 -1.63 -20.24 -12.29
N VAL D 157 -0.70 -21.12 -11.93
CA VAL D 157 0.73 -20.86 -11.99
C VAL D 157 1.41 -21.94 -12.81
N TYR D 158 2.22 -21.52 -13.78
CA TYR D 158 2.99 -22.46 -14.59
C TYR D 158 4.46 -22.19 -14.36
N ILE D 159 5.22 -23.26 -14.17
CA ILE D 159 6.60 -23.15 -13.69
C ILE D 159 7.59 -23.84 -14.64
N VAL D 160 8.63 -23.11 -15.02
CA VAL D 160 9.70 -23.64 -15.88
C VAL D 160 11.04 -23.19 -15.36
N GLY D 161 12.12 -23.81 -15.84
CA GLY D 161 13.46 -23.36 -15.52
C GLY D 161 14.29 -24.44 -14.86
N VAL D 162 15.25 -24.02 -14.05
CA VAL D 162 16.18 -24.94 -13.41
C VAL D 162 16.30 -24.62 -11.92
N ALA D 163 16.77 -25.57 -11.10
CA ALA D 163 16.92 -26.98 -11.46
C ALA D 163 15.66 -27.71 -11.04
N LEU D 164 15.32 -28.77 -11.74
CA LEU D 164 14.08 -29.49 -11.49
C LEU D 164 13.91 -29.89 -10.03
N GLU D 165 14.92 -30.54 -9.47
CA GLU D 165 14.79 -31.11 -8.13
C GLU D 165 15.02 -30.09 -7.00
N TYR D 166 15.32 -28.84 -7.36
CA TYR D 166 15.58 -27.82 -6.37
C TYR D 166 14.64 -26.62 -6.47
C JJJ D 167 12.99 -24.49 -7.82
N JJJ D 167 15.10 -25.53 -7.06
O JJJ D 167 11.99 -23.86 -7.46
N1 JJJ D 167 21.15 -23.46 -6.07
C2 JJJ D 167 19.88 -23.22 -6.45
C3 JJJ D 167 19.22 -24.16 -7.25
C4 JJJ D 167 19.88 -25.33 -7.64
C5 JJJ D 167 21.20 -25.54 -7.22
C6 JJJ D 167 21.82 -24.58 -6.42
C7 JJJ D 167 17.80 -23.95 -7.72
O7 JJJ D 167 17.48 -24.53 -8.73
CA JJJ D 167 14.31 -24.29 -7.11
CB JJJ D 167 15.11 -23.12 -7.68
SG JJJ D 167 16.70 -22.96 -6.92
N VAL D 168 12.95 -25.38 -8.81
CA VAL D 168 11.71 -25.67 -9.50
C VAL D 168 10.71 -26.37 -8.57
N LYS D 169 11.12 -27.52 -8.02
CA LYS D 169 10.32 -28.25 -7.05
C LYS D 169 9.81 -27.32 -5.96
N ALA D 170 10.75 -26.69 -5.26
CA ALA D 170 10.44 -25.83 -4.11
C ALA D 170 9.44 -24.73 -4.47
N THR D 171 9.62 -24.10 -5.62
CA THR D 171 8.73 -23.03 -6.05
C THR D 171 7.33 -23.58 -6.32
N ALA D 172 7.26 -24.71 -7.01
CA ALA D 172 6.00 -25.38 -7.30
C ALA D 172 5.24 -25.74 -6.03
N ILE D 173 5.94 -26.40 -5.10
CA ILE D 173 5.36 -26.79 -3.81
C ILE D 173 4.77 -25.58 -3.06
N SER D 174 5.53 -24.50 -2.98
CA SER D 174 5.07 -23.25 -2.36
C SER D 174 3.80 -22.72 -3.01
N ALA D 175 3.79 -22.69 -4.34
CA ALA D 175 2.62 -22.23 -5.10
C ALA D 175 1.37 -23.05 -4.77
N ALA D 176 1.52 -24.38 -4.69
CA ALA D 176 0.42 -25.28 -4.37
C ALA D 176 -0.08 -25.07 -2.94
N GLU D 177 0.85 -25.03 -1.98
CA GLU D 177 0.52 -24.76 -0.59
C GLU D 177 -0.21 -23.41 -0.41
N LEU D 178 0.06 -22.45 -1.29
CA LEU D 178 -0.61 -21.14 -1.22
C LEU D 178 -1.91 -21.06 -2.01
N GLY D 179 -2.42 -22.22 -2.43
CA GLY D 179 -3.73 -22.30 -3.06
C GLY D 179 -3.82 -21.98 -4.54
N TYR D 180 -2.68 -21.85 -5.22
CA TYR D 180 -2.67 -21.70 -6.69
C TYR D 180 -2.73 -23.07 -7.37
N LYS D 181 -3.56 -23.19 -8.40
CA LYS D 181 -3.53 -24.38 -9.27
C LYS D 181 -2.18 -24.37 -9.98
N THR D 182 -1.38 -25.39 -9.71
CA THR D 182 0.03 -25.35 -10.08
C THR D 182 0.40 -26.43 -11.09
N THR D 183 1.10 -26.00 -12.13
CA THR D 183 1.57 -26.89 -13.19
C THR D 183 3.06 -26.69 -13.41
N VAL D 184 3.78 -27.79 -13.51
CA VAL D 184 5.18 -27.72 -13.95
C VAL D 184 5.25 -28.25 -15.38
N LEU D 185 5.71 -27.42 -16.31
CA LEU D 185 5.93 -27.87 -17.68
C LEU D 185 7.26 -28.61 -17.78
N LEU D 186 7.19 -29.93 -17.57
CA LEU D 186 8.38 -30.79 -17.41
C LEU D 186 9.46 -30.62 -18.48
N ASP D 187 9.05 -30.48 -19.74
CA ASP D 187 9.98 -30.34 -20.87
C ASP D 187 10.76 -29.03 -20.86
N TYR D 188 10.24 -28.03 -20.16
CA TYR D 188 10.90 -26.74 -20.05
C TYR D 188 11.70 -26.64 -18.74
N THR D 189 12.07 -27.80 -18.20
CA THR D 189 12.94 -27.88 -17.03
C THR D 189 14.03 -28.92 -17.25
N ARG D 190 15.11 -28.79 -16.48
CA ARG D 190 16.20 -29.77 -16.50
C ARG D 190 16.73 -30.00 -15.09
N PRO D 191 17.02 -31.26 -14.74
CA PRO D 191 17.56 -31.55 -13.41
C PRO D 191 19.07 -31.36 -13.37
N ILE D 192 19.61 -31.06 -12.18
CA ILE D 192 21.05 -31.08 -11.98
C ILE D 192 21.54 -32.53 -12.00
N SER D 193 20.78 -33.40 -11.32
CA SER D 193 21.13 -34.81 -11.14
C SER D 193 21.45 -35.55 -12.44
N ASP D 194 22.55 -36.30 -12.38
CA ASP D 194 23.00 -37.14 -13.48
C ASP D 194 22.13 -38.40 -13.56
N ASP D 195 21.57 -38.78 -12.42
CA ASP D 195 20.67 -39.93 -12.28
C ASP D 195 19.38 -39.70 -13.08
N PRO D 196 19.08 -40.62 -14.02
CA PRO D 196 17.85 -40.51 -14.82
C PRO D 196 16.56 -40.82 -14.04
N GLU D 197 16.67 -41.69 -13.03
CA GLU D 197 15.51 -42.18 -12.27
C GLU D 197 15.03 -41.22 -11.19
N VAL D 198 15.81 -40.16 -10.95
CA VAL D 198 15.47 -39.12 -9.98
C VAL D 198 14.31 -38.23 -10.45
N ILE D 199 14.25 -37.96 -11.76
CA ILE D 199 13.13 -37.23 -12.35
C ILE D 199 11.79 -37.77 -11.83
N ASN D 200 11.71 -39.09 -11.63
CA ASN D 200 10.50 -39.74 -11.11
C ASN D 200 10.19 -39.46 -9.65
N LYS D 201 11.24 -39.42 -8.81
CA LYS D 201 11.06 -39.13 -7.37
C LYS D 201 10.56 -37.70 -7.17
N VAL D 202 10.98 -36.81 -8.07
CA VAL D 202 10.52 -35.42 -8.08
C VAL D 202 9.12 -35.34 -8.67
N LYS D 203 8.88 -36.10 -9.74
CA LYS D 203 7.57 -36.16 -10.40
C LYS D 203 6.48 -36.67 -9.45
N GLU D 204 6.86 -37.58 -8.55
CA GLU D 204 5.94 -38.13 -7.58
C GLU D 204 5.75 -37.19 -6.40
N GLU D 205 6.86 -36.60 -5.96
CA GLU D 205 6.85 -35.66 -4.84
C GLU D 205 5.94 -34.46 -5.18
N LEU D 206 5.94 -34.06 -6.45
CA LEU D 206 5.09 -32.97 -6.93
C LEU D 206 3.62 -33.38 -7.00
N LYS D 207 3.37 -34.57 -7.52
CA LYS D 207 2.01 -35.10 -7.68
C LYS D 207 1.34 -35.28 -6.32
N ALA D 208 2.13 -35.59 -5.30
CA ALA D 208 1.64 -35.71 -3.92
C ALA D 208 1.15 -34.37 -3.35
N HIS D 209 1.63 -33.27 -3.93
CA HIS D 209 1.18 -31.93 -3.52
C HIS D 209 0.09 -31.40 -4.40
N ASN D 210 -0.52 -32.28 -5.19
CA ASN D 210 -1.54 -31.91 -6.19
C ASN D 210 -1.09 -30.95 -7.28
N ILE D 211 0.19 -31.03 -7.64
CA ILE D 211 0.73 -30.30 -8.78
C ILE D 211 0.74 -31.25 -9.97
N ASN D 212 0.13 -30.84 -11.09
CA ASN D 212 0.23 -31.67 -12.29
C ASN D 212 1.45 -31.37 -13.14
N VAL D 213 2.06 -32.44 -13.61
CA VAL D 213 3.26 -32.38 -14.40
C VAL D 213 2.90 -32.84 -15.79
N VAL D 214 2.86 -31.90 -16.72
CA VAL D 214 2.69 -32.22 -18.13
C VAL D 214 3.99 -31.91 -18.85
N ASP D 215 4.17 -32.52 -20.03
CA ASP D 215 5.33 -32.26 -20.86
C ASP D 215 5.31 -30.82 -21.41
N LYS D 216 4.34 -30.56 -22.30
CA LYS D 216 4.15 -29.25 -22.93
C LYS D 216 2.85 -28.58 -22.47
N MET E 1 -31.70 18.41 -13.40
CA MET E 1 -32.38 17.09 -13.52
C MET E 1 -31.38 16.00 -13.89
N LYS E 2 -31.80 14.75 -13.70
CA LYS E 2 -30.93 13.60 -13.93
C LYS E 2 -31.31 12.87 -15.22
N THR E 3 -30.29 12.50 -15.99
CA THR E 3 -30.48 11.68 -17.18
C THR E 3 -29.60 10.43 -17.13
N LEU E 4 -30.21 9.27 -17.33
CA LEU E 4 -29.48 8.02 -17.45
C LEU E 4 -29.22 7.79 -18.94
N ILE E 5 -27.97 7.45 -19.26
CA ILE E 5 -27.61 7.07 -20.61
C ILE E 5 -27.20 5.61 -20.63
N VAL E 6 -27.95 4.81 -21.41
CA VAL E 6 -27.69 3.39 -21.54
C VAL E 6 -26.94 3.20 -22.85
N VAL E 7 -25.68 2.78 -22.73
CA VAL E 7 -24.76 2.78 -23.85
C VAL E 7 -24.69 1.43 -24.53
N ASP E 8 -25.06 1.43 -25.81
CA ASP E 8 -24.84 0.32 -26.75
C ASP E 8 -25.24 -1.07 -26.23
N MET E 9 -26.42 -1.18 -25.63
CA MET E 9 -26.91 -2.49 -25.21
C MET E 9 -27.56 -3.20 -26.40
N GLN E 10 -26.71 -3.66 -27.32
CA GLN E 10 -27.14 -4.24 -28.59
C GLN E 10 -26.73 -5.71 -28.73
N ASN E 11 -27.50 -6.46 -29.49
CA ASN E 11 -27.26 -7.90 -29.68
C ASN E 11 -25.80 -8.26 -29.98
N ASP E 12 -25.15 -7.55 -30.89
CA ASP E 12 -23.79 -7.94 -31.25
C ASP E 12 -22.80 -7.84 -30.08
N PHE E 13 -23.13 -7.05 -29.06
CA PHE E 13 -22.26 -6.89 -27.89
C PHE E 13 -22.69 -7.80 -26.75
N ILE E 14 -23.99 -8.01 -26.61
CA ILE E 14 -24.53 -8.68 -25.43
C ILE E 14 -24.81 -10.17 -25.63
N SER E 15 -25.26 -10.55 -26.81
CA SER E 15 -25.60 -11.96 -27.01
C SER E 15 -24.40 -12.79 -27.40
N PRO E 16 -24.30 -14.02 -26.86
CA PRO E 16 -23.25 -14.95 -27.33
C PRO E 16 -23.30 -15.12 -28.84
N LEU E 17 -24.50 -15.08 -29.41
CA LEU E 17 -24.67 -15.22 -30.86
C LEU E 17 -24.17 -13.99 -31.62
N GLY E 18 -23.96 -12.89 -30.91
CA GLY E 18 -23.44 -11.65 -31.50
C GLY E 18 -22.00 -11.79 -31.99
N SER E 19 -21.59 -10.91 -32.90
CA SER E 19 -20.27 -11.01 -33.52
C SER E 19 -19.15 -10.39 -32.68
N LEU E 20 -19.50 -9.63 -31.65
CA LEU E 20 -18.51 -8.98 -30.80
C LEU E 20 -18.94 -9.04 -29.32
N THR E 21 -19.11 -10.25 -28.81
CA THR E 21 -19.70 -10.45 -27.49
C THR E 21 -18.79 -9.94 -26.38
N VAL E 22 -19.30 -8.99 -25.59
CA VAL E 22 -18.69 -8.58 -24.33
C VAL E 22 -18.87 -9.71 -23.30
N PRO E 23 -17.77 -10.22 -22.69
CA PRO E 23 -17.91 -11.27 -21.67
C PRO E 23 -18.83 -10.84 -20.51
N LYS E 24 -19.69 -11.76 -20.06
CA LYS E 24 -20.63 -11.51 -18.95
C LYS E 24 -21.59 -10.34 -19.21
N GLY E 25 -21.79 -10.01 -20.50
CA GLY E 25 -22.67 -8.94 -20.91
C GLY E 25 -24.13 -9.21 -20.63
N GLU E 26 -24.54 -10.47 -20.72
CA GLU E 26 -25.92 -10.87 -20.47
C GLU E 26 -26.35 -10.54 -19.06
N GLU E 27 -25.40 -10.55 -18.14
CA GLU E 27 -25.70 -10.27 -16.74
C GLU E 27 -26.24 -8.86 -16.55
N LEU E 28 -26.07 -8.00 -17.56
CA LEU E 28 -26.48 -6.59 -17.47
C LEU E 28 -27.95 -6.32 -17.82
N ILE E 29 -28.56 -7.19 -18.63
CA ILE E 29 -29.89 -6.92 -19.18
C ILE E 29 -30.95 -6.62 -18.12
N ASN E 30 -31.19 -7.58 -17.23
CA ASN E 30 -32.17 -7.38 -16.16
C ASN E 30 -31.84 -6.22 -15.22
N PRO E 31 -30.60 -6.17 -14.70
CA PRO E 31 -30.22 -5.02 -13.87
C PRO E 31 -30.45 -3.66 -14.53
N ILE E 32 -30.05 -3.51 -15.79
CA ILE E 32 -30.19 -2.21 -16.47
C ILE E 32 -31.67 -1.94 -16.68
N SER E 33 -32.38 -2.98 -17.08
CA SER E 33 -33.81 -2.90 -17.31
C SER E 33 -34.54 -2.39 -16.06
N ASP E 34 -34.19 -2.95 -14.91
CA ASP E 34 -34.76 -2.54 -13.63
C ASP E 34 -34.36 -1.11 -13.33
N LEU E 35 -33.08 -0.81 -13.52
CA LEU E 35 -32.55 0.54 -13.27
C LEU E 35 -33.35 1.60 -14.04
N MET E 36 -33.62 1.31 -15.31
CA MET E 36 -34.44 2.18 -16.14
C MET E 36 -35.82 2.46 -15.55
N GLN E 37 -36.42 1.46 -14.90
CA GLN E 37 -37.78 1.59 -14.39
C GLN E 37 -37.88 2.05 -12.94
N ASP E 38 -36.74 2.13 -12.26
CA ASP E 38 -36.69 2.45 -10.82
C ASP E 38 -37.00 3.93 -10.60
N ALA E 39 -38.18 4.17 -10.03
CA ALA E 39 -38.66 5.52 -9.75
C ALA E 39 -37.87 6.22 -8.64
N ASP E 40 -37.25 5.42 -7.76
CA ASP E 40 -36.38 5.95 -6.70
C ASP E 40 -35.15 6.66 -7.26
N ARG E 41 -34.81 6.37 -8.50
CA ARG E 41 -33.64 6.95 -9.15
C ARG E 41 -33.92 8.34 -9.71
N ASP E 42 -35.20 8.71 -9.78
CA ASP E 42 -35.64 10.04 -10.21
C ASP E 42 -35.14 10.47 -11.58
N TRP E 43 -35.08 9.53 -12.53
CA TRP E 43 -34.69 9.85 -13.89
C TRP E 43 -35.68 10.78 -14.50
N HIS E 44 -35.21 11.92 -14.98
CA HIS E 44 -36.07 12.84 -15.70
C HIS E 44 -36.21 12.40 -17.13
N ARG E 45 -35.13 11.87 -17.69
CA ARG E 45 -35.12 11.30 -19.03
C ARG E 45 -34.11 10.16 -19.10
N ILE E 46 -34.30 9.27 -20.07
CA ILE E 46 -33.39 8.17 -20.31
C ILE E 46 -33.00 8.26 -21.78
N VAL E 47 -31.74 7.96 -22.09
CA VAL E 47 -31.31 7.92 -23.48
C VAL E 47 -30.57 6.62 -23.71
N VAL E 48 -30.91 5.95 -24.82
CA VAL E 48 -30.22 4.73 -25.21
C VAL E 48 -29.41 4.99 -26.47
N THR E 49 -28.21 4.43 -26.55
CA THR E 49 -27.35 4.65 -27.71
C THR E 49 -27.23 3.39 -28.53
N ARG E 50 -27.01 3.55 -29.82
CA ARG E 50 -26.74 2.43 -30.70
C ARG E 50 -25.55 2.74 -31.58
N ASP E 51 -24.66 1.77 -31.73
CA ASP E 51 -23.75 1.77 -32.85
C ASP E 51 -24.53 1.40 -34.09
N TRP E 52 -24.41 2.23 -35.11
CA TRP E 52 -25.23 2.11 -36.29
C TRP E 52 -24.34 2.15 -37.51
N HIS E 53 -23.64 1.04 -37.77
CA HIS E 53 -22.60 0.99 -38.83
C HIS E 53 -23.07 0.61 -40.20
N PRO E 54 -22.45 1.18 -41.25
CA PRO E 54 -22.68 0.60 -42.58
C PRO E 54 -21.72 -0.59 -42.73
N SER E 55 -22.01 -1.54 -43.62
CA SER E 55 -21.10 -2.68 -43.72
C SER E 55 -19.70 -2.29 -44.18
N ARG E 56 -19.61 -1.21 -44.95
CA ARG E 56 -18.34 -0.71 -45.49
C ARG E 56 -17.55 0.18 -44.52
N HIS E 57 -17.89 0.13 -43.24
CA HIS E 57 -17.26 0.99 -42.22
C HIS E 57 -15.77 0.83 -42.10
N ILE E 58 -15.09 1.94 -41.84
CA ILE E 58 -13.63 1.96 -41.82
C ILE E 58 -13.00 1.14 -40.69
N SER E 59 -13.77 0.92 -39.61
CA SER E 59 -13.26 0.23 -38.43
C SER E 59 -13.38 -1.29 -38.52
N PHE E 60 -13.91 -1.81 -39.63
CA PHE E 60 -14.02 -3.25 -39.81
C PHE E 60 -12.81 -3.80 -40.57
N ALA E 61 -12.07 -4.68 -39.91
CA ALA E 61 -10.92 -5.35 -40.52
C ALA E 61 -11.20 -5.92 -41.91
N LYS E 62 -12.44 -6.32 -42.15
CA LYS E 62 -12.82 -6.91 -43.42
C LYS E 62 -12.66 -5.90 -44.56
N ASN E 63 -12.73 -4.61 -44.22
CA ASN E 63 -12.64 -3.54 -45.22
C ASN E 63 -11.21 -3.03 -45.46
N HIS E 64 -10.23 -3.83 -45.05
CA HIS E 64 -8.82 -3.48 -45.13
C HIS E 64 -8.00 -4.67 -45.51
N LYS E 65 -7.39 -4.61 -46.70
CA LYS E 65 -6.53 -5.65 -47.23
C LYS E 65 -5.38 -5.96 -46.26
N ASP E 66 -5.08 -7.24 -46.07
CA ASP E 66 -3.95 -7.70 -45.24
C ASP E 66 -3.98 -7.28 -43.77
N LYS E 67 -5.15 -6.86 -43.29
CA LYS E 67 -5.32 -6.54 -41.87
C LYS E 67 -6.52 -7.26 -41.26
N GLU E 68 -6.30 -7.81 -40.07
CA GLU E 68 -7.20 -8.77 -39.43
C GLU E 68 -7.82 -8.20 -38.17
N PRO E 69 -8.96 -8.77 -37.72
CA PRO E 69 -9.64 -8.25 -36.53
C PRO E 69 -8.70 -8.13 -35.33
N TYR E 70 -8.79 -6.99 -34.64
CA TYR E 70 -7.97 -6.65 -33.45
C TYR E 70 -6.56 -6.10 -33.77
N SER E 71 -6.22 -5.99 -35.06
CA SER E 71 -4.97 -5.33 -35.44
C SER E 71 -5.14 -3.83 -35.31
N THR E 72 -4.03 -3.11 -35.07
CA THR E 72 -4.10 -1.67 -34.88
C THR E 72 -4.03 -0.93 -36.22
N TYR E 73 -4.65 0.24 -36.27
CA TYR E 73 -4.77 1.00 -37.51
C TYR E 73 -4.61 2.49 -37.26
N THR E 74 -4.09 3.19 -38.27
CA THR E 74 -3.89 4.62 -38.20
C THR E 74 -4.99 5.35 -38.95
N TYR E 75 -5.91 5.94 -38.17
CA TYR E 75 -7.01 6.74 -38.73
C TYR E 75 -6.56 8.14 -39.10
N HIS E 76 -7.06 8.62 -40.24
CA HIS E 76 -6.75 9.96 -40.73
C HIS E 76 -7.94 10.86 -40.59
N SER E 77 -7.74 12.01 -39.94
CA SER E 77 -8.79 13.03 -39.83
C SER E 77 -9.52 13.23 -41.16
N PRO E 78 -10.87 13.18 -41.14
CA PRO E 78 -11.67 13.40 -42.34
C PRO E 78 -11.77 14.87 -42.76
N ARG E 79 -11.33 15.81 -41.90
CA ARG E 79 -11.30 17.22 -42.30
C ARG E 79 -10.26 17.39 -43.41
N PRO E 80 -10.70 17.91 -44.57
CA PRO E 80 -9.78 18.14 -45.69
C PRO E 80 -8.65 19.09 -45.29
N GLY E 81 -7.40 18.74 -45.61
CA GLY E 81 -6.26 19.55 -45.22
C GLY E 81 -5.71 19.19 -43.85
N ASP E 82 -6.58 18.74 -42.94
CA ASP E 82 -6.16 18.30 -41.62
C ASP E 82 -5.50 16.91 -41.69
N ASP E 83 -4.27 16.85 -41.19
CA ASP E 83 -3.40 15.69 -41.34
C ASP E 83 -3.14 14.91 -40.06
N SER E 84 -3.75 15.33 -38.95
CA SER E 84 -3.52 14.67 -37.66
C SER E 84 -4.18 13.29 -37.67
N THR E 85 -3.65 12.39 -36.86
CA THR E 85 -4.04 10.99 -36.89
C THR E 85 -4.34 10.47 -35.50
N GLN E 86 -5.01 9.31 -35.45
CA GLN E 86 -5.22 8.59 -34.21
C GLN E 86 -5.09 7.09 -34.41
N GLU E 87 -4.46 6.46 -33.41
CA GLU E 87 -4.26 5.02 -33.40
C GLU E 87 -5.54 4.35 -32.91
N GLY E 88 -5.99 3.33 -33.61
CA GLY E 88 -7.22 2.66 -33.24
C GLY E 88 -7.18 1.16 -33.46
N ILE E 89 -8.25 0.50 -33.06
CA ILE E 89 -8.43 -0.94 -33.24
C ILE E 89 -9.36 -1.21 -34.43
N LEU E 90 -9.00 -2.18 -35.27
CA LEU E 90 -9.94 -2.71 -36.26
C LEU E 90 -10.73 -3.88 -35.66
N TRP E 91 -12.01 -3.97 -36.02
CA TRP E 91 -12.93 -4.88 -35.35
C TRP E 91 -13.55 -5.87 -36.28
N PRO E 92 -14.16 -6.93 -35.71
CA PRO E 92 -15.04 -7.76 -36.52
C PRO E 92 -16.25 -6.92 -36.90
N VAL E 93 -16.92 -7.31 -37.98
CA VAL E 93 -18.14 -6.64 -38.41
C VAL E 93 -19.16 -6.76 -37.28
N HIS E 94 -19.69 -5.63 -36.83
CA HIS E 94 -20.72 -5.64 -35.80
C HIS E 94 -21.63 -4.44 -35.91
N CYS E 95 -22.83 -4.58 -35.36
CA CYS E 95 -23.83 -3.52 -35.36
C CYS E 95 -24.06 -2.86 -36.72
N VAL E 96 -24.21 -3.67 -37.76
CA VAL E 96 -24.58 -3.17 -39.07
C VAL E 96 -26.03 -2.69 -38.99
N LYS E 97 -26.27 -1.46 -39.45
CA LYS E 97 -27.61 -0.92 -39.42
C LYS E 97 -28.64 -1.90 -39.99
N ASN E 98 -29.76 -2.01 -39.29
CA ASN E 98 -30.91 -2.83 -39.68
C ASN E 98 -30.63 -4.32 -39.76
N THR E 99 -29.73 -4.77 -38.90
CA THR E 99 -29.52 -6.20 -38.73
C THR E 99 -29.74 -6.56 -37.26
N TRP E 100 -30.09 -7.82 -37.02
CA TRP E 100 -30.29 -8.33 -35.68
C TRP E 100 -29.26 -7.81 -34.71
N GLY E 101 -27.99 -7.93 -35.10
CA GLY E 101 -26.89 -7.54 -34.25
C GLY E 101 -26.85 -6.11 -33.76
N SER E 102 -27.47 -5.18 -34.49
CA SER E 102 -27.51 -3.79 -34.05
C SER E 102 -28.79 -3.43 -33.29
N GLN E 103 -29.73 -4.37 -33.20
CA GLN E 103 -30.95 -4.14 -32.42
C GLN E 103 -30.56 -4.04 -30.95
N LEU E 104 -31.12 -3.06 -30.26
CA LEU E 104 -31.11 -3.07 -28.82
C LEU E 104 -31.69 -4.39 -28.34
N VAL E 105 -31.05 -5.02 -27.35
CA VAL E 105 -31.51 -6.31 -26.83
C VAL E 105 -32.99 -6.25 -26.47
N ASP E 106 -33.68 -7.37 -26.67
CA ASP E 106 -35.15 -7.41 -26.56
C ASP E 106 -35.72 -6.63 -25.35
N GLN E 107 -35.20 -6.92 -24.16
CA GLN E 107 -35.79 -6.38 -22.94
C GLN E 107 -35.68 -4.86 -22.88
N ILE E 108 -34.53 -4.33 -23.28
CA ILE E 108 -34.32 -2.89 -23.38
C ILE E 108 -35.14 -2.27 -24.53
N MET E 109 -35.11 -2.89 -25.71
CA MET E 109 -35.90 -2.40 -26.83
C MET E 109 -37.36 -2.24 -26.43
N ASP E 110 -37.85 -3.23 -25.67
CA ASP E 110 -39.21 -3.24 -25.16
C ASP E 110 -39.53 -1.98 -24.34
N GLN E 111 -38.67 -1.66 -23.39
CA GLN E 111 -38.76 -0.42 -22.65
C GLN E 111 -38.80 0.78 -23.59
N VAL E 112 -37.87 0.81 -24.55
CA VAL E 112 -37.71 1.96 -25.46
C VAL E 112 -38.97 2.20 -26.29
N VAL E 113 -39.53 1.12 -26.83
CA VAL E 113 -40.70 1.20 -27.66
C VAL E 113 -41.95 1.61 -26.90
N THR E 114 -42.13 1.08 -25.69
CA THR E 114 -43.39 1.40 -24.99
C THR E 114 -43.28 2.72 -24.25
N LYS E 115 -42.11 3.02 -23.72
CA LYS E 115 -41.90 4.28 -23.00
C LYS E 115 -41.50 5.47 -23.88
N HIS E 116 -41.32 5.24 -25.19
CA HIS E 116 -40.90 6.27 -26.16
C HIS E 116 -39.59 6.92 -25.82
N ILE E 117 -38.58 6.09 -25.56
CA ILE E 117 -37.30 6.57 -25.08
C ILE E 117 -36.42 7.10 -26.22
N LYS E 118 -35.71 8.19 -25.94
CA LYS E 118 -34.80 8.81 -26.89
C LYS E 118 -33.67 7.86 -27.32
N ILE E 119 -33.53 7.65 -28.62
CA ILE E 119 -32.42 6.83 -29.18
C ILE E 119 -31.41 7.73 -29.88
N VAL E 120 -30.11 7.54 -29.58
CA VAL E 120 -29.04 8.24 -30.25
C VAL E 120 -28.16 7.24 -30.99
N ASP E 121 -28.08 7.40 -32.30
CA ASP E 121 -27.24 6.56 -33.15
C ASP E 121 -25.90 7.22 -33.39
N LYS E 122 -24.86 6.40 -33.46
CA LYS E 122 -23.52 6.88 -33.78
C LYS E 122 -22.83 5.84 -34.63
N GLY E 123 -21.71 6.22 -35.24
CA GLY E 123 -20.93 5.28 -36.04
C GLY E 123 -21.47 5.06 -37.44
N PHE E 124 -22.45 5.85 -37.87
CA PHE E 124 -23.04 5.67 -39.21
C PHE E 124 -22.20 6.26 -40.34
N LEU E 125 -21.30 7.19 -40.00
CA LEU E 125 -20.37 7.72 -40.99
C LEU E 125 -19.26 6.71 -41.26
N THR E 126 -19.07 6.39 -42.55
CA THR E 126 -18.14 5.32 -42.98
C THR E 126 -16.70 5.59 -42.61
N ASP E 127 -16.32 6.85 -42.57
CA ASP E 127 -14.90 7.22 -42.58
C ASP E 127 -14.28 7.46 -41.21
N ARG E 128 -14.93 7.07 -40.12
CA ARG E 128 -14.42 7.42 -38.79
C ARG E 128 -14.93 6.58 -37.62
N GLU E 129 -14.06 6.40 -36.61
CA GLU E 129 -14.52 5.77 -35.40
CA GLU E 129 -14.42 5.82 -35.33
C GLU E 129 -15.37 6.75 -34.59
N TYR E 130 -16.24 6.20 -33.75
CA TYR E 130 -17.24 6.95 -33.06
C TYR E 130 -17.60 6.27 -31.73
N TYR E 131 -16.66 6.31 -30.79
CA TYR E 131 -16.87 5.70 -29.48
C TYR E 131 -17.87 6.45 -28.62
N SER E 132 -17.68 7.76 -28.49
CA SER E 132 -18.54 8.57 -27.64
C SER E 132 -19.91 8.82 -28.25
N ALA E 133 -20.95 8.83 -27.42
CA ALA E 133 -22.32 9.05 -27.92
C ALA E 133 -22.60 10.53 -28.16
N PHE E 134 -21.63 11.38 -27.83
CA PHE E 134 -21.76 12.82 -28.08
C PHE E 134 -21.21 13.27 -29.43
N HIS E 135 -20.09 12.68 -29.85
CA HIS E 135 -19.40 13.10 -31.07
C HIS E 135 -18.31 12.14 -31.48
N ASP E 136 -17.89 12.24 -32.74
CA ASP E 136 -16.84 11.35 -33.27
C ASP E 136 -15.49 11.61 -32.59
N ILE E 137 -14.49 10.78 -32.87
CA ILE E 137 -13.19 10.88 -32.19
C ILE E 137 -12.47 12.19 -32.48
N TRP E 138 -12.93 12.91 -33.50
CA TRP E 138 -12.34 14.19 -33.91
C TRP E 138 -13.09 15.38 -33.37
N ASN E 139 -14.19 15.14 -32.68
CA ASN E 139 -15.13 16.18 -32.27
C ASN E 139 -15.59 17.03 -33.47
N PHE E 140 -15.72 16.39 -34.62
CA PHE E 140 -16.22 17.03 -35.81
C PHE E 140 -17.74 16.91 -35.89
N HIS E 141 -18.25 15.72 -36.20
CA HIS E 141 -19.69 15.47 -36.14
C HIS E 141 -20.17 15.29 -34.73
N LYS E 142 -21.22 16.02 -34.36
CA LYS E 142 -21.90 15.82 -33.08
C LYS E 142 -23.22 15.06 -33.25
N THR E 143 -23.73 14.48 -32.18
CA THR E 143 -25.05 13.87 -32.20
C THR E 143 -26.05 14.79 -31.52
N ASP E 144 -27.30 14.32 -31.49
CA ASP E 144 -28.40 14.89 -30.72
C ASP E 144 -28.10 15.07 -29.24
N MET E 145 -27.13 14.31 -28.74
CA MET E 145 -27.06 14.04 -27.30
C MET E 145 -27.07 15.30 -26.47
N ASN E 146 -26.13 16.19 -26.76
CA ASN E 146 -25.97 17.41 -25.99
C ASN E 146 -27.21 18.30 -26.06
N LYS E 147 -27.73 18.50 -27.27
CA LYS E 147 -28.95 19.30 -27.44
C LYS E 147 -30.12 18.72 -26.66
N TYR E 148 -30.29 17.40 -26.77
CA TYR E 148 -31.35 16.69 -26.05
C TYR E 148 -31.24 16.87 -24.55
N LEU E 149 -30.07 16.54 -23.99
CA LEU E 149 -29.84 16.71 -22.56
C LEU E 149 -30.17 18.13 -22.09
N GLU E 150 -29.74 19.11 -22.88
CA GLU E 150 -29.98 20.52 -22.57
C GLU E 150 -31.47 20.88 -22.57
N LYS E 151 -32.20 20.46 -23.60
CA LYS E 151 -33.65 20.75 -23.66
C LYS E 151 -34.37 20.24 -22.42
N HIS E 152 -33.91 19.11 -21.89
CA HIS E 152 -34.55 18.47 -20.74
C HIS E 152 -33.83 18.69 -19.43
N HIS E 153 -33.16 19.84 -19.34
CA HIS E 153 -32.64 20.39 -18.08
C HIS E 153 -31.66 19.52 -17.35
N THR E 154 -30.81 18.82 -18.10
CA THR E 154 -29.88 17.86 -17.51
C THR E 154 -28.70 18.54 -16.84
N ASP E 155 -28.57 18.36 -15.54
CA ASP E 155 -27.39 18.87 -14.85
C ASP E 155 -26.48 17.74 -14.31
N GLU E 156 -27.01 16.52 -14.27
CA GLU E 156 -26.18 15.36 -13.94
C GLU E 156 -26.50 14.13 -14.78
N VAL E 157 -25.45 13.46 -15.23
CA VAL E 157 -25.53 12.39 -16.21
C VAL E 157 -25.02 11.08 -15.62
N TYR E 158 -25.80 10.00 -15.76
CA TYR E 158 -25.38 8.69 -15.30
C TYR E 158 -25.27 7.76 -16.50
N ILE E 159 -24.16 7.04 -16.58
CA ILE E 159 -23.87 6.20 -17.73
C ILE E 159 -23.72 4.74 -17.31
N VAL E 160 -24.33 3.85 -18.09
CA VAL E 160 -24.21 2.41 -17.90
C VAL E 160 -24.08 1.77 -19.29
N GLY E 161 -23.67 0.51 -19.35
CA GLY E 161 -23.68 -0.21 -20.62
C GLY E 161 -22.36 -0.84 -20.97
N VAL E 162 -22.14 -1.00 -22.27
CA VAL E 162 -20.91 -1.61 -22.78
C VAL E 162 -20.34 -0.74 -23.89
N ALA E 163 -19.04 -0.82 -24.17
CA ALA E 163 -18.05 -1.51 -23.37
C ALA E 163 -17.40 -0.50 -22.45
N LEU E 164 -17.07 -0.94 -21.23
CA LEU E 164 -16.49 -0.06 -20.23
C LEU E 164 -15.35 0.77 -20.81
N GLU E 165 -14.39 0.10 -21.45
CA GLU E 165 -13.16 0.77 -21.85
C GLU E 165 -13.26 1.47 -23.22
N TYR E 166 -14.43 1.40 -23.86
CA TYR E 166 -14.61 2.12 -25.12
C TYR E 166 -15.74 3.14 -25.07
C JJJ E 167 -18.47 4.26 -24.34
N JJJ E 167 -16.95 2.72 -25.46
O JJJ E 167 -18.86 5.43 -24.28
N1 JJJ E 167 -17.48 -0.35 -31.15
C2 JJJ E 167 -18.03 0.35 -30.13
C3 JJJ E 167 -17.76 -0.01 -28.80
C4 JJJ E 167 -16.93 -1.10 -28.52
C5 JJJ E 167 -16.37 -1.81 -29.59
C6 JJJ E 167 -16.67 -1.40 -30.90
C7 JJJ E 167 -18.37 0.78 -27.68
O7 JJJ E 167 -18.47 0.27 -26.58
CA JJJ E 167 -18.06 3.66 -25.65
CB JJJ E 167 -19.28 3.04 -26.31
SG JJJ E 167 -18.88 2.36 -27.90
N VAL E 168 -18.39 3.46 -23.27
CA VAL E 168 -18.79 3.95 -21.94
C VAL E 168 -17.82 5.03 -21.49
N LYS E 169 -16.53 4.72 -21.53
CA LYS E 169 -15.48 5.65 -21.16
C LYS E 169 -15.58 6.93 -22.00
N ALA E 170 -15.52 6.76 -23.30
CA ALA E 170 -15.54 7.89 -24.23
C ALA E 170 -16.79 8.74 -24.02
N THR E 171 -17.95 8.11 -23.82
CA THR E 171 -19.17 8.86 -23.59
C THR E 171 -19.11 9.62 -22.28
N ALA E 172 -18.56 8.98 -21.25
CA ALA E 172 -18.45 9.63 -19.94
C ALA E 172 -17.55 10.85 -20.03
N ILE E 173 -16.41 10.69 -20.68
CA ILE E 173 -15.44 11.77 -20.83
C ILE E 173 -16.11 12.96 -21.54
N SER E 174 -16.88 12.68 -22.59
CA SER E 174 -17.57 13.74 -23.32
C SER E 174 -18.50 14.51 -22.39
N ALA E 175 -19.31 13.80 -21.62
CA ALA E 175 -20.27 14.41 -20.71
C ALA E 175 -19.57 15.32 -19.71
N ALA E 176 -18.42 14.88 -19.20
CA ALA E 176 -17.69 15.65 -18.21
C ALA E 176 -17.14 16.93 -18.83
N GLU E 177 -16.51 16.79 -19.99
CA GLU E 177 -15.97 17.92 -20.75
C GLU E 177 -17.02 18.99 -21.02
N LEU E 178 -18.26 18.56 -21.27
CA LEU E 178 -19.35 19.49 -21.54
C LEU E 178 -20.05 20.01 -20.29
N GLY E 179 -19.48 19.70 -19.13
CA GLY E 179 -19.89 20.33 -17.87
C GLY E 179 -21.00 19.68 -17.08
N TYR E 180 -21.34 18.44 -17.42
CA TYR E 180 -22.29 17.68 -16.64
C TYR E 180 -21.60 16.97 -15.48
N LYS E 181 -22.22 17.01 -14.30
CA LYS E 181 -21.81 16.15 -13.19
C LYS E 181 -22.02 14.71 -13.63
N THR E 182 -20.92 14.03 -13.94
CA THR E 182 -20.98 12.74 -14.61
C THR E 182 -20.66 11.59 -13.67
N THR E 183 -21.53 10.59 -13.69
CA THR E 183 -21.36 9.38 -12.89
C THR E 183 -21.47 8.12 -13.76
N VAL E 184 -20.49 7.23 -13.63
CA VAL E 184 -20.55 5.90 -14.22
C VAL E 184 -20.89 4.91 -13.11
N LEU E 185 -22.01 4.19 -13.25
CA LEU E 185 -22.40 3.15 -12.31
C LEU E 185 -21.74 1.83 -12.72
N LEU E 186 -20.58 1.56 -12.11
CA LEU E 186 -19.65 0.51 -12.55
C LEU E 186 -20.26 -0.88 -12.67
N ASP E 187 -21.04 -1.29 -11.68
CA ASP E 187 -21.64 -2.63 -11.70
C ASP E 187 -22.53 -2.84 -12.92
N TYR E 188 -23.08 -1.77 -13.44
CA TYR E 188 -23.92 -1.84 -14.63
C TYR E 188 -23.10 -1.66 -15.93
N THR E 189 -21.79 -1.93 -15.87
CA THR E 189 -20.96 -1.97 -17.08
C THR E 189 -20.18 -3.28 -17.16
N ARG E 190 -19.75 -3.64 -18.37
CA ARG E 190 -18.77 -4.72 -18.58
C ARG E 190 -17.74 -4.24 -19.61
N PRO E 191 -16.47 -4.67 -19.49
CA PRO E 191 -15.44 -4.42 -20.52
C PRO E 191 -15.40 -5.50 -21.61
N ILE E 192 -14.84 -5.20 -22.79
CA ILE E 192 -14.64 -6.26 -23.80
C ILE E 192 -13.47 -7.13 -23.40
N SER E 193 -12.44 -6.49 -22.85
CA SER E 193 -11.18 -7.13 -22.51
C SER E 193 -11.37 -8.15 -21.41
N ASP E 194 -10.74 -9.30 -21.57
CA ASP E 194 -10.81 -10.36 -20.58
C ASP E 194 -9.77 -10.16 -19.48
N ASP E 195 -9.01 -9.07 -19.60
CA ASP E 195 -8.00 -8.67 -18.61
C ASP E 195 -8.66 -7.87 -17.47
N PRO E 196 -8.78 -8.49 -16.27
CA PRO E 196 -9.55 -7.89 -15.17
C PRO E 196 -9.03 -6.54 -14.70
N GLU E 197 -7.75 -6.26 -14.95
CA GLU E 197 -7.13 -5.02 -14.50
C GLU E 197 -7.55 -3.80 -15.33
N VAL E 198 -8.30 -4.04 -16.39
CA VAL E 198 -8.79 -2.95 -17.23
C VAL E 198 -9.86 -2.15 -16.47
N ILE E 199 -10.63 -2.84 -15.63
CA ILE E 199 -11.64 -2.20 -14.80
C ILE E 199 -11.04 -1.04 -13.99
N ASN E 200 -9.98 -1.33 -13.24
CA ASN E 200 -9.37 -0.30 -12.40
C ASN E 200 -8.72 0.83 -13.20
N LYS E 201 -8.04 0.45 -14.28
CA LYS E 201 -7.41 1.41 -15.20
C LYS E 201 -8.42 2.44 -15.63
N VAL E 202 -9.55 1.98 -16.17
CA VAL E 202 -10.62 2.86 -16.62
C VAL E 202 -11.17 3.69 -15.47
N LYS E 203 -11.37 3.04 -14.34
CA LYS E 203 -11.88 3.71 -13.15
C LYS E 203 -11.02 4.91 -12.79
N GLU E 204 -9.70 4.72 -12.80
CA GLU E 204 -8.76 5.81 -12.49
C GLU E 204 -8.75 6.88 -13.58
N GLU E 205 -8.73 6.47 -14.85
CA GLU E 205 -8.83 7.41 -15.98
C GLU E 205 -10.05 8.32 -15.88
N LEU E 206 -11.19 7.74 -15.51
CA LEU E 206 -12.43 8.50 -15.37
C LEU E 206 -12.37 9.52 -14.23
N LYS E 207 -11.76 9.11 -13.11
CA LYS E 207 -11.62 9.97 -11.93
C LYS E 207 -10.72 11.17 -12.22
N ALA E 208 -9.72 10.93 -13.07
CA ALA E 208 -8.84 11.98 -13.57
C ALA E 208 -9.61 13.04 -14.36
N HIS E 209 -10.76 12.65 -14.93
CA HIS E 209 -11.62 13.60 -15.66
C HIS E 209 -12.76 14.10 -14.79
N ASN E 210 -12.62 13.92 -13.48
CA ASN E 210 -13.67 14.28 -12.50
C ASN E 210 -15.05 13.64 -12.68
N ILE E 211 -15.04 12.39 -13.14
CA ILE E 211 -16.24 11.59 -13.24
C ILE E 211 -16.26 10.72 -11.99
N ASN E 212 -17.35 10.73 -11.24
CA ASN E 212 -17.44 9.82 -10.09
C ASN E 212 -17.84 8.43 -10.52
N VAL E 213 -17.08 7.45 -10.06
CA VAL E 213 -17.33 6.07 -10.38
C VAL E 213 -17.80 5.38 -9.12
N VAL E 214 -19.08 5.03 -9.08
CA VAL E 214 -19.61 4.25 -7.97
C VAL E 214 -19.98 2.86 -8.48
N ASP E 215 -20.02 1.89 -7.58
CA ASP E 215 -20.37 0.53 -7.97
C ASP E 215 -21.85 0.43 -8.36
N LYS E 216 -22.72 0.56 -7.38
CA LYS E 216 -24.17 0.47 -7.58
C LYS E 216 -24.77 1.88 -7.57
N MET F 1 -27.35 17.34 -69.13
CA MET F 1 -27.20 16.56 -67.86
C MET F 1 -28.05 17.18 -66.75
N LYS F 2 -28.48 16.33 -65.83
CA LYS F 2 -29.38 16.73 -64.75
C LYS F 2 -28.66 16.89 -63.41
N THR F 3 -28.90 18.03 -62.74
CA THR F 3 -28.30 18.26 -61.42
C THR F 3 -29.36 18.60 -60.35
N LEU F 4 -29.25 17.89 -59.23
CA LEU F 4 -30.14 18.07 -58.08
C LEU F 4 -29.48 18.89 -56.98
N ILE F 5 -30.20 19.88 -56.48
CA ILE F 5 -29.68 20.75 -55.45
C ILE F 5 -30.52 20.63 -54.21
N VAL F 6 -29.89 20.18 -53.13
CA VAL F 6 -30.59 19.96 -51.88
C VAL F 6 -30.26 21.13 -50.97
N VAL F 7 -31.29 21.92 -50.66
CA VAL F 7 -31.07 23.21 -50.03
C VAL F 7 -31.23 23.14 -48.51
N ASP F 8 -30.12 23.36 -47.83
CA ASP F 8 -30.07 23.61 -46.38
C ASP F 8 -30.79 22.56 -45.53
N MET F 9 -30.49 21.29 -45.78
CA MET F 9 -31.02 20.23 -44.94
C MET F 9 -30.15 20.06 -43.69
N GLN F 10 -30.27 21.03 -42.78
CA GLN F 10 -29.39 21.14 -41.62
C GLN F 10 -30.19 21.05 -40.35
N ASN F 11 -29.55 20.52 -39.30
CA ASN F 11 -30.20 20.30 -38.00
C ASN F 11 -31.00 21.50 -37.48
N ASP F 12 -30.49 22.71 -37.63
CA ASP F 12 -31.19 23.88 -37.09
C ASP F 12 -32.54 24.16 -37.77
N PHE F 13 -32.71 23.67 -39.00
CA PHE F 13 -33.99 23.84 -39.72
C PHE F 13 -34.90 22.62 -39.60
N ILE F 14 -34.30 21.42 -39.66
CA ILE F 14 -35.08 20.20 -39.75
C ILE F 14 -35.44 19.59 -38.39
N SER F 15 -34.49 19.59 -37.45
CA SER F 15 -34.71 18.96 -36.15
C SER F 15 -35.56 19.81 -35.21
N PRO F 16 -36.49 19.17 -34.48
CA PRO F 16 -37.22 19.87 -33.41
C PRO F 16 -36.28 20.56 -32.42
N LEU F 17 -35.15 19.93 -32.12
CA LEU F 17 -34.17 20.46 -31.19
C LEU F 17 -33.41 21.64 -31.75
N GLY F 18 -33.51 21.83 -33.08
CA GLY F 18 -32.84 22.92 -33.78
C GLY F 18 -33.42 24.26 -33.40
N SER F 19 -32.68 25.34 -33.69
CA SER F 19 -33.07 26.69 -33.24
C SER F 19 -34.04 27.42 -34.18
N LEU F 20 -34.19 26.93 -35.41
CA LEU F 20 -35.09 27.56 -36.39
C LEU F 20 -35.87 26.48 -37.14
N THR F 21 -36.69 25.75 -36.39
CA THR F 21 -37.35 24.56 -36.93
C THR F 21 -38.43 24.92 -37.95
N VAL F 22 -38.25 24.40 -39.17
CA VAL F 22 -39.26 24.47 -40.22
C VAL F 22 -40.32 23.43 -39.89
N PRO F 23 -41.59 23.87 -39.68
CA PRO F 23 -42.64 22.91 -39.34
C PRO F 23 -42.73 21.78 -40.37
N LYS F 24 -42.86 20.54 -39.88
CA LYS F 24 -42.98 19.35 -40.72
C LYS F 24 -41.71 19.03 -41.54
N GLY F 25 -40.60 19.67 -41.19
CA GLY F 25 -39.31 19.48 -41.88
C GLY F 25 -38.76 18.06 -41.84
N GLU F 26 -39.02 17.34 -40.75
CA GLU F 26 -38.54 15.98 -40.58
C GLU F 26 -39.06 15.02 -41.64
N GLU F 27 -40.26 15.31 -42.13
CA GLU F 27 -40.90 14.47 -43.15
C GLU F 27 -40.06 14.40 -44.43
N LEU F 28 -39.23 15.41 -44.66
CA LEU F 28 -38.44 15.51 -45.89
C LEU F 28 -37.20 14.60 -45.93
N ILE F 29 -36.70 14.24 -44.76
CA ILE F 29 -35.44 13.50 -44.64
C ILE F 29 -35.37 12.24 -45.53
N ASN F 30 -36.25 11.28 -45.30
CA ASN F 30 -36.23 10.03 -46.08
C ASN F 30 -36.59 10.19 -47.56
N PRO F 31 -37.64 10.97 -47.87
CA PRO F 31 -37.94 11.19 -49.29
C PRO F 31 -36.73 11.80 -50.03
N ILE F 32 -36.14 12.86 -49.48
CA ILE F 32 -34.97 13.50 -50.14
C ILE F 32 -33.81 12.51 -50.24
N SER F 33 -33.58 11.78 -49.14
CA SER F 33 -32.59 10.73 -49.13
C SER F 33 -32.82 9.70 -50.25
N ASP F 34 -34.07 9.31 -50.45
CA ASP F 34 -34.41 8.37 -51.52
C ASP F 34 -34.21 9.01 -52.88
N LEU F 35 -34.65 10.27 -52.99
CA LEU F 35 -34.52 11.03 -54.23
C LEU F 35 -33.07 11.09 -54.72
N MET F 36 -32.13 11.26 -53.80
CA MET F 36 -30.71 11.32 -54.13
C MET F 36 -30.16 9.99 -54.67
N GLN F 37 -30.70 8.88 -54.17
CA GLN F 37 -30.25 7.53 -54.53
C GLN F 37 -30.96 6.96 -55.75
N ASP F 38 -32.09 7.59 -56.10
CA ASP F 38 -32.98 7.11 -57.15
C ASP F 38 -32.33 7.18 -58.53
N ALA F 39 -31.81 6.04 -58.98
CA ALA F 39 -31.11 5.94 -60.27
C ALA F 39 -31.99 6.31 -61.48
N ASP F 40 -33.30 6.13 -61.33
CA ASP F 40 -34.27 6.44 -62.38
C ASP F 40 -34.39 7.94 -62.63
N ARG F 41 -34.07 8.73 -61.62
CA ARG F 41 -34.06 10.19 -61.75
C ARG F 41 -32.90 10.67 -62.62
N ASP F 42 -31.93 9.78 -62.82
CA ASP F 42 -30.86 9.98 -63.78
C ASP F 42 -29.98 11.20 -63.44
N TRP F 43 -29.76 11.46 -62.15
CA TRP F 43 -28.90 12.57 -61.71
C TRP F 43 -27.48 12.39 -62.16
N HIS F 44 -26.97 13.37 -62.91
CA HIS F 44 -25.54 13.38 -63.26
C HIS F 44 -24.72 13.90 -62.11
N ARG F 45 -25.31 14.78 -61.30
CA ARG F 45 -24.63 15.36 -60.13
C ARG F 45 -25.61 15.82 -59.05
N ILE F 46 -25.14 15.81 -57.80
CA ILE F 46 -25.91 16.31 -56.68
C ILE F 46 -25.11 17.37 -55.95
N VAL F 47 -25.79 18.41 -55.49
CA VAL F 47 -25.14 19.44 -54.70
C VAL F 47 -25.99 19.67 -53.46
N VAL F 48 -25.34 19.63 -52.30
CA VAL F 48 -25.99 20.01 -51.06
C VAL F 48 -25.47 21.39 -50.66
N THR F 49 -26.30 22.14 -49.94
CA THR F 49 -25.92 23.49 -49.54
C THR F 49 -26.11 23.68 -48.05
N ARG F 50 -25.24 24.51 -47.44
CA ARG F 50 -25.31 24.79 -46.02
C ARG F 50 -25.29 26.29 -45.74
N ASP F 51 -26.11 26.71 -44.79
CA ASP F 51 -25.88 27.98 -44.13
C ASP F 51 -24.71 27.78 -43.20
N TRP F 52 -23.72 28.66 -43.30
CA TRP F 52 -22.47 28.51 -42.59
C TRP F 52 -22.15 29.80 -41.90
N HIS F 53 -22.99 30.17 -40.94
CA HIS F 53 -22.90 31.49 -40.30
C HIS F 53 -21.84 31.58 -39.25
N PRO F 54 -21.15 32.75 -39.18
CA PRO F 54 -20.37 33.04 -38.00
C PRO F 54 -21.30 33.39 -36.86
N SER F 55 -20.81 33.23 -35.63
CA SER F 55 -21.53 33.64 -34.43
C SER F 55 -22.05 35.09 -34.52
N ARG F 56 -21.20 35.99 -35.01
CA ARG F 56 -21.48 37.44 -35.09
C ARG F 56 -22.23 37.91 -36.34
N HIS F 57 -22.91 37.00 -37.03
CA HIS F 57 -23.60 37.31 -38.27
C HIS F 57 -24.63 38.40 -38.12
N ILE F 58 -24.77 39.21 -39.17
CA ILE F 58 -25.63 40.40 -39.15
C ILE F 58 -27.14 40.07 -39.19
N SER F 59 -27.48 38.83 -39.52
CA SER F 59 -28.90 38.46 -39.65
C SER F 59 -29.50 37.97 -38.33
N PHE F 60 -28.65 37.73 -37.33
CA PHE F 60 -29.10 37.29 -36.00
C PHE F 60 -29.54 38.50 -35.19
N ALA F 61 -30.74 38.43 -34.62
CA ALA F 61 -31.27 39.51 -33.80
C ALA F 61 -30.47 39.72 -32.50
N LYS F 62 -29.69 38.72 -32.12
CA LYS F 62 -28.86 38.80 -30.92
C LYS F 62 -27.80 39.88 -31.08
N ASN F 63 -27.30 40.01 -32.31
CA ASN F 63 -26.22 40.95 -32.61
C ASN F 63 -26.63 42.42 -32.77
N HIS F 64 -27.93 42.69 -32.65
CA HIS F 64 -28.45 44.06 -32.76
C HIS F 64 -29.17 44.47 -31.52
N LYS F 65 -28.72 45.54 -30.89
CA LYS F 65 -29.34 46.04 -29.65
C LYS F 65 -30.71 46.67 -29.90
N ASP F 66 -31.60 46.52 -28.92
CA ASP F 66 -32.99 47.00 -28.98
C ASP F 66 -33.88 46.32 -30.05
N LYS F 67 -33.46 45.16 -30.54
CA LYS F 67 -34.22 44.43 -31.55
C LYS F 67 -34.24 42.91 -31.33
N GLU F 68 -35.40 42.31 -31.55
CA GLU F 68 -35.68 40.91 -31.19
C GLU F 68 -35.97 40.02 -32.41
N PRO F 69 -35.81 38.68 -32.25
CA PRO F 69 -36.01 37.73 -33.36
C PRO F 69 -37.39 37.82 -34.00
N TYR F 70 -37.42 37.82 -35.34
CA TYR F 70 -38.64 37.93 -36.17
C TYR F 70 -39.13 39.36 -36.44
N SER F 71 -38.29 40.35 -36.14
CA SER F 71 -38.56 41.73 -36.53
C SER F 71 -37.91 42.01 -37.87
N THR F 72 -38.22 43.17 -38.46
CA THR F 72 -37.65 43.54 -39.75
C THR F 72 -36.53 44.58 -39.59
N TYR F 73 -35.56 44.52 -40.51
CA TYR F 73 -34.33 45.32 -40.44
C TYR F 73 -33.94 45.83 -41.83
N THR F 74 -33.30 46.99 -41.87
CA THR F 74 -32.83 47.56 -43.13
C THR F 74 -31.34 47.25 -43.32
N TYR F 75 -31.03 46.41 -44.31
CA TYR F 75 -29.66 46.08 -44.67
C TYR F 75 -29.06 47.12 -45.61
N HIS F 76 -27.75 47.30 -45.53
CA HIS F 76 -27.07 48.29 -46.36
C HIS F 76 -25.98 47.65 -47.20
N SER F 77 -26.05 47.87 -48.50
CA SER F 77 -25.10 47.30 -49.46
C SER F 77 -23.66 47.37 -48.94
N PRO F 78 -23.00 46.21 -48.84
CA PRO F 78 -21.64 46.15 -48.30
C PRO F 78 -20.57 46.90 -49.12
N ARG F 79 -20.67 46.86 -50.46
CA ARG F 79 -19.66 47.55 -51.31
C ARG F 79 -19.78 49.08 -51.28
N PRO F 80 -18.72 49.74 -50.76
CA PRO F 80 -18.70 51.20 -50.53
C PRO F 80 -18.99 51.97 -51.80
N GLY F 81 -19.78 53.03 -51.68
CA GLY F 81 -20.25 53.79 -52.83
C GLY F 81 -21.67 53.40 -53.19
N ASP F 82 -22.15 52.32 -52.58
CA ASP F 82 -23.54 51.90 -52.75
C ASP F 82 -24.24 52.00 -51.40
N ASP F 83 -25.33 52.76 -51.38
CA ASP F 83 -26.12 52.99 -50.16
C ASP F 83 -27.54 52.45 -50.28
N SER F 84 -27.83 51.79 -51.41
CA SER F 84 -29.14 51.17 -51.61
C SER F 84 -29.44 50.13 -50.53
N THR F 85 -30.72 49.98 -50.21
CA THR F 85 -31.12 49.19 -49.06
C THR F 85 -32.09 48.06 -49.40
N GLN F 86 -32.13 47.07 -48.54
CA GLN F 86 -33.10 45.98 -48.63
C GLN F 86 -33.71 45.71 -47.26
N GLU F 87 -35.04 45.58 -47.25
CA GLU F 87 -35.76 45.26 -46.04
C GLU F 87 -35.74 43.74 -45.83
N GLY F 88 -35.18 43.31 -44.70
CA GLY F 88 -35.03 41.89 -44.43
C GLY F 88 -35.50 41.49 -43.03
N ILE F 89 -35.38 40.20 -42.74
CA ILE F 89 -35.86 39.63 -41.48
C ILE F 89 -34.69 39.27 -40.58
N LEU F 90 -34.81 39.59 -39.29
CA LEU F 90 -33.85 39.15 -38.27
C LEU F 90 -34.28 37.80 -37.65
N TRP F 91 -33.29 36.93 -37.44
CA TRP F 91 -33.53 35.54 -37.03
C TRP F 91 -32.91 35.21 -35.70
N PRO F 92 -33.37 34.13 -35.04
CA PRO F 92 -32.60 33.63 -33.91
C PRO F 92 -31.32 32.98 -34.41
N VAL F 93 -30.28 32.98 -33.56
CA VAL F 93 -29.00 32.38 -33.89
C VAL F 93 -29.22 30.97 -34.43
N HIS F 94 -28.70 30.70 -35.63
CA HIS F 94 -28.84 29.40 -36.26
C HIS F 94 -27.72 29.09 -37.21
N CYS F 95 -27.48 27.80 -37.44
CA CYS F 95 -26.48 27.33 -38.39
C CYS F 95 -25.09 27.94 -38.24
N VAL F 96 -24.68 28.23 -37.01
CA VAL F 96 -23.32 28.67 -36.72
C VAL F 96 -22.32 27.58 -37.16
N LYS F 97 -21.24 27.98 -37.83
CA LYS F 97 -20.29 27.01 -38.37
C LYS F 97 -19.67 26.13 -37.30
N ASN F 98 -19.53 24.85 -37.64
CA ASN F 98 -18.92 23.84 -36.77
C ASN F 98 -19.70 23.59 -35.48
N THR F 99 -21.00 23.81 -35.55
CA THR F 99 -21.89 23.43 -34.46
C THR F 99 -22.83 22.33 -34.94
N TRP F 100 -23.43 21.61 -33.99
CA TRP F 100 -24.47 20.64 -34.29
C TRP F 100 -25.53 21.24 -35.19
N GLY F 101 -26.04 22.41 -34.79
CA GLY F 101 -27.05 23.10 -35.56
C GLY F 101 -26.80 23.23 -37.06
N SER F 102 -25.54 23.39 -37.45
CA SER F 102 -25.17 23.63 -38.85
C SER F 102 -24.87 22.36 -39.64
N GLN F 103 -24.80 21.23 -38.94
CA GLN F 103 -24.56 19.95 -39.63
C GLN F 103 -25.72 19.60 -40.54
N LEU F 104 -25.39 19.05 -41.70
CA LEU F 104 -26.38 18.35 -42.51
C LEU F 104 -26.98 17.23 -41.66
N VAL F 105 -28.30 17.08 -41.70
CA VAL F 105 -28.98 16.03 -40.93
C VAL F 105 -28.33 14.67 -41.17
N ASP F 106 -28.16 13.90 -40.10
CA ASP F 106 -27.40 12.64 -40.15
C ASP F 106 -27.52 11.86 -41.47
N GLN F 107 -28.74 11.61 -41.91
CA GLN F 107 -29.01 10.77 -43.07
C GLN F 107 -28.49 11.36 -44.39
N ILE F 108 -28.55 12.68 -44.52
CA ILE F 108 -28.06 13.36 -45.72
C ILE F 108 -26.53 13.41 -45.66
N MET F 109 -25.98 13.81 -44.52
CA MET F 109 -24.53 13.84 -44.33
C MET F 109 -23.92 12.50 -44.71
N ASP F 110 -24.57 11.43 -44.23
CA ASP F 110 -24.22 10.06 -44.53
C ASP F 110 -23.99 9.85 -46.03
N GLN F 111 -24.98 10.24 -46.83
CA GLN F 111 -24.89 10.17 -48.27
C GLN F 111 -23.71 11.00 -48.78
N VAL F 112 -23.63 12.23 -48.30
CA VAL F 112 -22.60 13.16 -48.73
C VAL F 112 -21.19 12.62 -48.50
N VAL F 113 -20.99 11.97 -47.35
CA VAL F 113 -19.67 11.47 -47.00
C VAL F 113 -19.28 10.25 -47.81
N THR F 114 -20.14 9.25 -47.90
CA THR F 114 -19.73 8.05 -48.63
C THR F 114 -19.67 8.30 -50.13
N LYS F 115 -20.58 9.12 -50.65
CA LYS F 115 -20.66 9.33 -52.10
C LYS F 115 -19.99 10.64 -52.60
N HIS F 116 -19.21 11.28 -51.71
CA HIS F 116 -18.41 12.49 -52.03
C HIS F 116 -19.16 13.57 -52.77
N ILE F 117 -20.26 14.02 -52.17
CA ILE F 117 -21.15 14.99 -52.80
C ILE F 117 -20.66 16.43 -52.53
N LYS F 118 -20.56 17.23 -53.58
CA LYS F 118 -20.09 18.62 -53.42
C LYS F 118 -21.00 19.43 -52.50
N ILE F 119 -20.38 20.07 -51.52
CA ILE F 119 -21.06 20.95 -50.59
C ILE F 119 -20.81 22.38 -51.05
N VAL F 120 -21.81 23.24 -50.89
CA VAL F 120 -21.67 24.67 -51.13
C VAL F 120 -22.11 25.40 -49.87
N ASP F 121 -21.17 26.14 -49.27
CA ASP F 121 -21.48 26.90 -48.05
C ASP F 121 -21.91 28.29 -48.47
N LYS F 122 -22.76 28.92 -47.65
CA LYS F 122 -23.19 30.29 -47.88
C LYS F 122 -23.48 30.97 -46.55
N GLY F 123 -23.56 32.30 -46.55
CA GLY F 123 -23.86 33.05 -45.34
C GLY F 123 -22.71 33.16 -44.37
N PHE F 124 -21.51 32.76 -44.80
CA PHE F 124 -20.32 32.84 -43.96
C PHE F 124 -19.79 34.27 -43.82
N LEU F 125 -20.16 35.15 -44.75
CA LEU F 125 -19.78 36.56 -44.68
C LEU F 125 -20.63 37.27 -43.62
N THR F 126 -19.97 38.02 -42.73
CA THR F 126 -20.62 38.60 -41.56
C THR F 126 -21.70 39.65 -41.85
N ASP F 127 -21.55 40.37 -42.96
CA ASP F 127 -22.28 41.63 -43.18
C ASP F 127 -23.44 41.61 -44.20
N ARG F 128 -23.96 40.44 -44.54
CA ARG F 128 -25.02 40.33 -45.55
C ARG F 128 -25.84 39.04 -45.47
N GLU F 129 -27.14 39.16 -45.72
CA GLU F 129 -27.98 37.97 -45.80
CA GLU F 129 -28.05 38.03 -45.87
C GLU F 129 -27.67 37.25 -47.12
N TYR F 130 -27.88 35.94 -47.08
CA TYR F 130 -27.46 35.08 -48.16
C TYR F 130 -28.47 33.92 -48.28
N TYR F 131 -29.56 34.16 -49.00
CA TYR F 131 -30.59 33.13 -49.21
C TYR F 131 -30.27 32.19 -50.37
N SER F 132 -29.98 32.73 -51.54
CA SER F 132 -29.64 31.91 -52.69
C SER F 132 -28.29 31.24 -52.50
N ALA F 133 -28.21 29.98 -52.92
CA ALA F 133 -26.97 29.22 -52.92
C ALA F 133 -26.02 29.66 -54.04
N PHE F 134 -26.49 30.55 -54.92
CA PHE F 134 -25.67 31.05 -56.02
C PHE F 134 -24.86 32.30 -55.64
N HIS F 135 -25.51 33.24 -54.94
CA HIS F 135 -24.90 34.51 -54.59
C HIS F 135 -25.64 35.20 -53.46
N ASP F 136 -25.03 36.22 -52.87
CA ASP F 136 -25.67 36.96 -51.78
C ASP F 136 -26.82 37.81 -52.31
N ILE F 137 -27.56 38.44 -51.39
CA ILE F 137 -28.76 39.21 -51.77
C ILE F 137 -28.47 40.47 -52.60
N TRP F 138 -27.19 40.81 -52.78
CA TRP F 138 -26.80 41.98 -53.56
C TRP F 138 -26.17 41.57 -54.86
N ASN F 139 -26.11 40.27 -55.08
CA ASN F 139 -25.41 39.67 -56.22
C ASN F 139 -23.95 40.11 -56.31
N PHE F 140 -23.33 40.29 -55.15
CA PHE F 140 -21.92 40.67 -55.10
C PHE F 140 -21.00 39.46 -55.03
N HIS F 141 -21.00 38.75 -53.89
CA HIS F 141 -20.24 37.50 -53.77
C HIS F 141 -20.99 36.36 -54.40
N LYS F 142 -20.31 35.61 -55.25
CA LYS F 142 -20.86 34.37 -55.85
C LYS F 142 -20.14 33.14 -55.30
N THR F 143 -20.88 32.05 -55.14
CA THR F 143 -20.29 30.78 -54.70
C THR F 143 -19.72 29.96 -55.85
N ASP F 144 -19.21 28.78 -55.51
CA ASP F 144 -18.93 27.67 -56.43
C ASP F 144 -20.04 27.37 -57.42
N MET F 145 -21.28 27.64 -57.02
CA MET F 145 -22.43 26.91 -57.55
C MET F 145 -22.50 26.88 -59.06
N ASN F 146 -22.51 28.08 -59.65
CA ASN F 146 -22.64 28.21 -61.08
C ASN F 146 -21.50 27.57 -61.84
N LYS F 147 -20.28 27.76 -61.35
CA LYS F 147 -19.10 27.15 -61.98
C LYS F 147 -19.18 25.62 -61.95
N TYR F 148 -19.53 25.05 -60.79
CA TYR F 148 -19.64 23.60 -60.66
C TYR F 148 -20.61 23.04 -61.69
N LEU F 149 -21.83 23.57 -61.69
CA LEU F 149 -22.87 23.14 -62.64
C LEU F 149 -22.34 23.13 -64.07
N GLU F 150 -21.73 24.24 -64.47
CA GLU F 150 -21.19 24.40 -65.82
C GLU F 150 -20.10 23.39 -66.12
N LYS F 151 -19.25 23.12 -65.13
CA LYS F 151 -18.19 22.13 -65.28
C LYS F 151 -18.79 20.77 -65.62
N HIS F 152 -19.91 20.47 -64.97
CA HIS F 152 -20.54 19.16 -65.11
C HIS F 152 -21.75 19.14 -66.01
N HIS F 153 -21.69 19.96 -67.06
CA HIS F 153 -22.62 19.90 -68.19
C HIS F 153 -24.09 20.03 -67.86
N THR F 154 -24.39 20.79 -66.81
CA THR F 154 -25.77 20.97 -66.34
C THR F 154 -26.59 21.87 -67.27
N ASP F 155 -27.70 21.34 -67.79
CA ASP F 155 -28.64 22.16 -68.56
C ASP F 155 -30.02 22.30 -67.89
N GLU F 156 -30.33 21.35 -67.00
CA GLU F 156 -31.53 21.45 -66.18
C GLU F 156 -31.24 21.18 -64.71
N VAL F 157 -31.82 22.03 -63.87
CA VAL F 157 -31.55 22.04 -62.43
C VAL F 157 -32.81 21.69 -61.66
N TYR F 158 -32.68 20.81 -60.68
CA TYR F 158 -33.79 20.44 -59.80
C TYR F 158 -33.48 20.80 -58.35
N ILE F 159 -34.45 21.43 -57.67
CA ILE F 159 -34.24 21.98 -56.33
C ILE F 159 -35.22 21.42 -55.30
N VAL F 160 -34.67 20.91 -54.20
CA VAL F 160 -35.46 20.41 -53.07
C VAL F 160 -34.91 21.00 -51.76
N GLY F 161 -35.68 20.93 -50.68
CA GLY F 161 -35.16 21.32 -49.37
C GLY F 161 -35.98 22.34 -48.62
N VAL F 162 -35.30 23.10 -47.76
CA VAL F 162 -35.94 24.14 -46.95
C VAL F 162 -35.14 25.45 -47.02
N ALA F 163 -35.76 26.61 -46.76
CA ALA F 163 -37.19 26.77 -46.57
C ALA F 163 -37.80 27.24 -47.88
N LEU F 164 -39.04 26.84 -48.14
CA LEU F 164 -39.68 27.13 -49.42
C LEU F 164 -39.60 28.61 -49.80
N GLU F 165 -40.11 29.48 -48.93
CA GLU F 165 -40.22 30.91 -49.26
C GLU F 165 -38.89 31.69 -49.16
N TYR F 166 -37.80 31.01 -48.80
CA TYR F 166 -36.51 31.64 -48.69
C TYR F 166 -35.45 30.99 -49.58
C JJJ F 167 -33.78 28.83 -50.91
N JJJ F 167 -34.56 30.20 -48.99
O JJJ F 167 -33.10 28.88 -51.93
N1 JJJ F 167 -32.39 31.33 -43.02
C2 JJJ F 167 -32.19 30.65 -44.17
C3 JJJ F 167 -33.27 30.03 -44.82
C4 JJJ F 167 -34.55 30.11 -44.24
C5 JJJ F 167 -34.72 30.81 -43.05
C6 JJJ F 167 -33.62 31.41 -42.45
C7 JJJ F 167 -33.07 29.29 -46.11
O7 JJJ F 167 -33.64 28.22 -46.25
CA JJJ F 167 -33.40 29.66 -49.71
CB JJJ F 167 -32.46 28.90 -48.78
SG JJJ F 167 -32.09 29.85 -47.35
N VAL F 168 -34.88 28.08 -50.80
CA VAL F 168 -35.40 27.32 -51.94
C VAL F 168 -35.82 28.25 -53.08
N LYS F 169 -36.61 29.28 -52.73
CA LYS F 169 -37.09 30.26 -53.69
C LYS F 169 -35.94 31.03 -54.34
N ALA F 170 -35.05 31.56 -53.50
CA ALA F 170 -33.96 32.40 -53.98
C ALA F 170 -32.98 31.60 -54.84
N THR F 171 -32.77 30.33 -54.48
CA THR F 171 -31.88 29.46 -55.23
C THR F 171 -32.44 29.16 -56.63
N ALA F 172 -33.73 28.89 -56.70
CA ALA F 172 -34.39 28.61 -57.98
C ALA F 172 -34.32 29.83 -58.89
N ILE F 173 -34.80 30.96 -58.37
CA ILE F 173 -34.77 32.24 -59.09
C ILE F 173 -33.42 32.46 -59.76
N SER F 174 -32.34 32.28 -59.00
CA SER F 174 -30.97 32.42 -59.51
C SER F 174 -30.66 31.48 -60.66
N ALA F 175 -30.97 30.19 -60.47
CA ALA F 175 -30.72 29.15 -61.48
C ALA F 175 -31.39 29.44 -62.82
N ALA F 176 -32.61 29.98 -62.76
CA ALA F 176 -33.37 30.34 -63.95
C ALA F 176 -32.78 31.59 -64.62
N GLU F 177 -32.37 32.55 -63.80
CA GLU F 177 -31.73 33.78 -64.28
C GLU F 177 -30.42 33.48 -65.02
N LEU F 178 -29.75 32.41 -64.60
CA LEU F 178 -28.47 32.00 -65.18
C LEU F 178 -28.62 31.01 -66.33
N GLY F 179 -29.84 30.86 -66.82
CA GLY F 179 -30.09 30.10 -68.06
C GLY F 179 -30.40 28.62 -67.93
N TYR F 180 -30.43 28.08 -66.71
CA TYR F 180 -30.84 26.69 -66.52
C TYR F 180 -32.36 26.60 -66.46
N LYS F 181 -32.93 25.62 -67.15
CA LYS F 181 -34.35 25.35 -66.95
C LYS F 181 -34.51 24.67 -65.60
N THR F 182 -35.28 25.33 -64.74
CA THR F 182 -35.31 25.04 -63.32
C THR F 182 -36.66 24.47 -62.89
N THR F 183 -36.58 23.42 -62.08
CA THR F 183 -37.74 22.77 -61.51
C THR F 183 -37.63 22.74 -59.99
N VAL F 184 -38.68 23.20 -59.31
CA VAL F 184 -38.82 23.02 -57.87
C VAL F 184 -39.75 21.83 -57.64
N LEU F 185 -39.28 20.84 -56.89
CA LEU F 185 -40.12 19.71 -56.50
C LEU F 185 -40.80 20.02 -55.19
N LEU F 186 -42.05 20.48 -55.29
CA LEU F 186 -42.81 21.08 -54.19
C LEU F 186 -42.99 20.16 -52.97
N ASP F 187 -43.25 18.87 -53.20
CA ASP F 187 -43.42 17.88 -52.13
C ASP F 187 -42.15 17.68 -51.31
N TYR F 188 -41.00 17.93 -51.95
CA TYR F 188 -39.71 17.80 -51.29
C TYR F 188 -39.24 19.11 -50.64
N THR F 189 -40.19 20.00 -50.37
CA THR F 189 -39.92 21.26 -49.67
C THR F 189 -40.96 21.53 -48.58
N ARG F 190 -40.58 22.33 -47.60
CA ARG F 190 -41.52 22.85 -46.60
C ARG F 190 -41.22 24.33 -46.34
N PRO F 191 -42.27 25.16 -46.21
CA PRO F 191 -42.07 26.57 -45.86
C PRO F 191 -41.93 26.77 -44.35
N ILE F 192 -41.47 27.95 -43.95
CA ILE F 192 -41.39 28.29 -42.52
C ILE F 192 -42.74 28.79 -42.02
N SER F 193 -43.44 29.55 -42.87
CA SER F 193 -44.66 30.26 -42.51
C SER F 193 -45.76 29.37 -41.91
N ASP F 194 -46.49 29.94 -40.95
CA ASP F 194 -47.68 29.33 -40.35
C ASP F 194 -48.84 29.33 -41.36
N ASP F 195 -48.80 30.29 -42.27
CA ASP F 195 -49.86 30.57 -43.23
C ASP F 195 -49.82 29.62 -44.46
N PRO F 196 -50.95 28.94 -44.74
CA PRO F 196 -51.06 28.17 -45.99
C PRO F 196 -51.40 29.02 -47.22
N GLU F 197 -51.72 30.31 -47.02
CA GLU F 197 -51.98 31.23 -48.12
C GLU F 197 -50.71 31.56 -48.91
N VAL F 198 -49.57 31.63 -48.22
CA VAL F 198 -48.31 32.05 -48.84
C VAL F 198 -47.53 30.92 -49.53
N ILE F 199 -47.90 29.66 -49.29
CA ILE F 199 -47.42 28.55 -50.11
C ILE F 199 -47.82 28.83 -51.57
N ASN F 200 -49.00 29.42 -51.73
CA ASN F 200 -49.54 29.80 -53.03
C ASN F 200 -48.79 30.99 -53.65
N LYS F 201 -48.51 32.02 -52.84
CA LYS F 201 -47.87 33.25 -53.30
C LYS F 201 -46.48 33.02 -53.89
N VAL F 202 -45.77 32.03 -53.33
CA VAL F 202 -44.46 31.63 -53.84
C VAL F 202 -44.61 30.87 -55.15
N LYS F 203 -45.57 29.93 -55.17
CA LYS F 203 -45.86 29.12 -56.35
C LYS F 203 -46.10 30.00 -57.59
N GLU F 204 -46.73 31.16 -57.38
CA GLU F 204 -46.96 32.14 -58.45
C GLU F 204 -45.67 32.85 -58.84
N GLU F 205 -44.94 33.33 -57.83
CA GLU F 205 -43.73 34.11 -58.03
C GLU F 205 -42.63 33.33 -58.76
N LEU F 206 -42.68 32.01 -58.63
CA LEU F 206 -41.72 31.12 -59.29
C LEU F 206 -41.92 31.03 -60.79
N LYS F 207 -43.16 30.76 -61.21
CA LYS F 207 -43.49 30.62 -62.63
C LYS F 207 -43.28 31.91 -63.41
N ALA F 208 -43.43 33.03 -62.73
CA ALA F 208 -43.13 34.37 -63.27
C ALA F 208 -41.63 34.51 -63.61
N HIS F 209 -40.82 33.55 -63.18
CA HIS F 209 -39.40 33.49 -63.52
C HIS F 209 -39.11 32.31 -64.41
N ASN F 210 -40.15 31.71 -64.99
CA ASN F 210 -40.04 30.53 -65.85
C ASN F 210 -39.73 29.20 -65.15
N ILE F 211 -39.72 29.21 -63.81
CA ILE F 211 -39.47 28.00 -63.02
C ILE F 211 -40.75 27.19 -62.87
N ASN F 212 -40.73 25.94 -63.30
CA ASN F 212 -41.91 25.08 -63.15
C ASN F 212 -41.94 24.36 -61.81
N VAL F 213 -43.13 24.35 -61.23
CA VAL F 213 -43.38 23.71 -59.96
C VAL F 213 -44.22 22.46 -60.20
N VAL F 214 -43.74 21.33 -59.71
CA VAL F 214 -44.51 20.09 -59.66
C VAL F 214 -44.43 19.51 -58.26
N ASP F 215 -45.42 18.69 -57.88
CA ASP F 215 -45.44 18.03 -56.58
C ASP F 215 -44.19 17.16 -56.40
N LYS F 216 -44.11 16.11 -57.20
CA LYS F 216 -42.93 15.24 -57.25
C LYS F 216 -42.47 15.00 -58.69
N MET G 1 48.50 -17.60 -22.49
CA MET G 1 48.07 -17.86 -23.89
C MET G 1 47.65 -16.59 -24.62
N LYS G 2 47.70 -16.65 -25.94
CA LYS G 2 47.37 -15.52 -26.79
C LYS G 2 45.95 -15.65 -27.34
N THR G 3 45.18 -14.56 -27.27
CA THR G 3 43.83 -14.54 -27.81
C THR G 3 43.58 -13.31 -28.69
N LEU G 4 43.04 -13.55 -29.87
CA LEU G 4 42.73 -12.48 -30.81
C LEU G 4 41.23 -12.14 -30.77
N ILE G 5 40.93 -10.86 -30.53
CA ILE G 5 39.55 -10.40 -30.55
C ILE G 5 39.35 -9.58 -31.80
N VAL G 6 38.45 -10.04 -32.66
CA VAL G 6 38.16 -9.38 -33.92
C VAL G 6 36.86 -8.62 -33.75
N VAL G 7 36.96 -7.30 -33.77
CA VAL G 7 35.86 -6.48 -33.32
C VAL G 7 34.96 -5.95 -34.43
N ASP G 8 33.72 -6.45 -34.44
CA ASP G 8 32.61 -5.92 -35.26
C ASP G 8 32.90 -5.86 -36.76
N MET G 9 33.43 -6.94 -37.32
CA MET G 9 33.67 -7.00 -38.76
C MET G 9 32.38 -7.41 -39.47
N GLN G 10 31.44 -6.47 -39.51
CA GLN G 10 30.08 -6.73 -39.97
C GLN G 10 29.75 -5.91 -41.22
N ASN G 11 28.77 -6.39 -41.97
CA ASN G 11 28.41 -5.78 -43.24
C ASN G 11 28.02 -4.31 -43.14
N ASP G 12 27.35 -3.92 -42.07
CA ASP G 12 26.93 -2.52 -41.93
C ASP G 12 28.10 -1.57 -41.72
N PHE G 13 29.21 -2.08 -41.22
CA PHE G 13 30.41 -1.27 -40.96
C PHE G 13 31.40 -1.29 -42.11
N ILE G 14 31.52 -2.44 -42.77
CA ILE G 14 32.63 -2.68 -43.71
C ILE G 14 32.24 -2.45 -45.17
N SER G 15 31.09 -2.98 -45.57
CA SER G 15 30.57 -2.87 -46.93
C SER G 15 30.12 -1.44 -47.24
N PRO G 16 30.38 -0.95 -48.47
CA PRO G 16 29.86 0.36 -48.86
C PRO G 16 28.33 0.38 -48.80
N LEU G 17 27.74 -0.76 -49.11
CA LEU G 17 26.29 -0.93 -49.08
C LEU G 17 25.73 -0.89 -47.66
N GLY G 18 26.60 -1.04 -46.67
CA GLY G 18 26.18 -0.97 -45.26
C GLY G 18 25.67 0.42 -44.87
N SER G 19 24.89 0.50 -43.80
CA SER G 19 24.28 1.76 -43.40
C SER G 19 25.14 2.63 -42.48
N LEU G 20 26.25 2.08 -42.00
CA LEU G 20 27.22 2.86 -41.24
C LEU G 20 28.64 2.48 -41.66
N THR G 21 28.97 2.83 -42.90
CA THR G 21 30.22 2.41 -43.52
C THR G 21 31.42 3.15 -42.92
N VAL G 22 32.41 2.38 -42.47
CA VAL G 22 33.69 2.92 -42.03
C VAL G 22 34.57 3.18 -43.26
N PRO G 23 35.03 4.45 -43.43
CA PRO G 23 35.92 4.84 -44.54
C PRO G 23 37.14 3.93 -44.64
N LYS G 24 37.37 3.40 -45.84
CA LYS G 24 38.45 2.45 -46.14
C LYS G 24 38.41 1.19 -45.24
N GLY G 25 37.21 0.85 -44.78
CA GLY G 25 36.99 -0.33 -43.96
C GLY G 25 37.19 -1.64 -44.71
N GLU G 26 36.80 -1.67 -45.97
CA GLU G 26 36.87 -2.90 -46.77
C GLU G 26 38.29 -3.43 -46.98
N GLU G 27 39.28 -2.56 -46.80
CA GLU G 27 40.69 -2.95 -46.90
C GLU G 27 41.11 -3.91 -45.77
N LEU G 28 40.29 -3.99 -44.72
CA LEU G 28 40.65 -4.81 -43.55
C LEU G 28 40.32 -6.32 -43.69
N ILE G 29 39.37 -6.66 -44.58
CA ILE G 29 38.81 -8.02 -44.63
C ILE G 29 39.90 -9.09 -44.77
N ASN G 30 40.68 -8.98 -45.86
CA ASN G 30 41.73 -9.97 -46.14
C ASN G 30 42.92 -9.98 -45.18
N PRO G 31 43.45 -8.80 -44.81
CA PRO G 31 44.53 -8.81 -43.79
C PRO G 31 44.13 -9.51 -42.49
N ILE G 32 42.97 -9.13 -41.93
CA ILE G 32 42.47 -9.74 -40.70
C ILE G 32 42.27 -11.24 -40.87
N SER G 33 41.77 -11.64 -42.04
CA SER G 33 41.53 -13.04 -42.36
C SER G 33 42.82 -13.85 -42.35
N ASP G 34 43.88 -13.31 -42.97
CA ASP G 34 45.18 -13.95 -42.92
C ASP G 34 45.67 -14.05 -41.49
N LEU G 35 45.54 -12.94 -40.76
CA LEU G 35 45.95 -12.84 -39.36
C LEU G 35 45.34 -13.95 -38.50
N MET G 36 44.06 -14.24 -38.75
CA MET G 36 43.36 -15.33 -38.08
C MET G 36 43.96 -16.71 -38.38
N GLN G 37 44.52 -16.88 -39.57
CA GLN G 37 45.07 -18.17 -40.00
C GLN G 37 46.58 -18.29 -39.74
N ASP G 38 47.22 -17.14 -39.50
CA ASP G 38 48.67 -17.04 -39.32
C ASP G 38 49.16 -17.81 -38.08
N ALA G 39 49.76 -18.98 -38.33
CA ALA G 39 50.23 -19.87 -37.26
C ALA G 39 51.40 -19.27 -36.47
N ASP G 40 52.17 -18.40 -37.13
CA ASP G 40 53.30 -17.70 -36.52
C ASP G 40 52.88 -16.71 -35.42
N ARG G 41 51.57 -16.56 -35.23
CA ARG G 41 51.03 -15.70 -34.19
C ARG G 41 50.67 -16.48 -32.93
N ASP G 42 50.68 -17.81 -33.06
CA ASP G 42 50.39 -18.74 -31.97
C ASP G 42 49.13 -18.36 -31.18
N TRP G 43 48.06 -18.00 -31.92
CA TRP G 43 46.76 -17.78 -31.30
C TRP G 43 46.33 -19.05 -30.65
N HIS G 44 45.86 -18.96 -29.41
CA HIS G 44 45.33 -20.12 -28.72
C HIS G 44 43.84 -20.18 -28.91
N ARG G 45 43.24 -19.00 -29.10
CA ARG G 45 41.81 -18.88 -29.35
C ARG G 45 41.55 -17.58 -30.08
N ILE G 46 40.50 -17.58 -30.89
CA ILE G 46 40.04 -16.37 -31.54
C ILE G 46 38.60 -16.11 -31.11
N VAL G 47 38.29 -14.84 -30.87
CA VAL G 47 36.93 -14.41 -30.58
C VAL G 47 36.54 -13.29 -31.55
N VAL G 48 35.34 -13.42 -32.12
CA VAL G 48 34.76 -12.40 -32.98
C VAL G 48 33.56 -11.74 -32.30
N THR G 49 33.43 -10.44 -32.45
CA THR G 49 32.31 -9.72 -31.85
C THR G 49 31.35 -9.12 -32.87
N ARG G 50 30.07 -9.15 -32.56
CA ARG G 50 29.03 -8.55 -33.39
C ARG G 50 28.17 -7.59 -32.55
N ASP G 51 27.90 -6.42 -33.11
CA ASP G 51 26.80 -5.57 -32.63
C ASP G 51 25.49 -6.25 -33.00
N TRP G 52 24.57 -6.38 -32.06
CA TRP G 52 23.39 -7.22 -32.24
C TRP G 52 22.14 -6.52 -31.77
N HIS G 53 21.84 -5.38 -32.39
CA HIS G 53 20.71 -4.52 -31.98
C HIS G 53 19.36 -5.00 -32.43
N PRO G 54 18.32 -4.66 -31.66
CA PRO G 54 16.94 -4.69 -32.18
C PRO G 54 16.62 -3.35 -32.85
N SER G 55 15.59 -3.34 -33.69
CA SER G 55 15.22 -2.12 -34.42
C SER G 55 14.85 -0.97 -33.48
N ARG G 56 14.31 -1.32 -32.32
CA ARG G 56 13.86 -0.32 -31.34
C ARG G 56 14.98 0.25 -30.46
N HIS G 57 16.21 -0.20 -30.71
CA HIS G 57 17.37 0.17 -29.89
C HIS G 57 17.49 1.65 -29.64
N ILE G 58 17.95 2.00 -28.45
CA ILE G 58 17.95 3.39 -28.00
C ILE G 58 19.01 4.25 -28.71
N SER G 59 20.01 3.60 -29.31
CA SER G 59 21.08 4.37 -29.94
C SER G 59 20.74 4.84 -31.35
N PHE G 60 19.59 4.43 -31.87
CA PHE G 60 19.14 4.83 -33.21
C PHE G 60 18.28 6.09 -33.17
N ALA G 61 18.75 7.14 -33.85
CA ALA G 61 18.04 8.43 -33.90
C ALA G 61 16.63 8.33 -34.48
N LYS G 62 16.38 7.26 -35.25
CA LYS G 62 15.05 6.95 -35.78
C LYS G 62 14.02 6.83 -34.65
N ASN G 63 14.45 6.23 -33.54
CA ASN G 63 13.60 5.94 -32.38
C ASN G 63 13.35 7.13 -31.44
N HIS G 64 13.96 8.27 -31.77
CA HIS G 64 13.87 9.47 -30.96
C HIS G 64 13.24 10.62 -31.72
N LYS G 65 12.05 11.02 -31.27
CA LYS G 65 11.28 12.12 -31.85
C LYS G 65 12.14 13.39 -31.97
N ASP G 66 12.04 14.05 -33.12
CA ASP G 66 12.76 15.31 -33.38
C ASP G 66 14.27 15.26 -33.10
N LYS G 67 14.89 14.13 -33.40
CA LYS G 67 16.34 13.98 -33.32
C LYS G 67 16.88 13.14 -34.49
N GLU G 68 17.92 13.65 -35.13
CA GLU G 68 18.46 13.08 -36.37
C GLU G 68 19.82 12.41 -36.14
N PRO G 69 20.23 11.52 -37.06
CA PRO G 69 21.50 10.80 -36.88
C PRO G 69 22.70 11.71 -36.65
N TYR G 70 23.60 11.29 -35.75
CA TYR G 70 24.87 11.97 -35.43
C TYR G 70 24.81 13.10 -34.38
N SER G 71 23.60 13.50 -33.98
CA SER G 71 23.44 14.43 -32.87
C SER G 71 23.68 13.70 -31.54
N THR G 72 24.01 14.45 -30.49
CA THR G 72 24.30 13.87 -29.18
C THR G 72 23.05 13.73 -28.32
N TYR G 73 23.07 12.75 -27.42
CA TYR G 73 21.95 12.42 -26.53
C TYR G 73 22.48 12.20 -25.11
N THR G 74 21.68 12.58 -24.12
CA THR G 74 21.96 12.24 -22.73
C THR G 74 21.27 10.91 -22.37
N TYR G 75 22.09 9.88 -22.16
CA TYR G 75 21.59 8.56 -21.76
C TYR G 75 21.39 8.48 -20.25
N HIS G 76 20.34 7.78 -19.83
CA HIS G 76 20.05 7.61 -18.41
C HIS G 76 20.36 6.19 -17.98
N SER G 77 21.08 6.04 -16.88
CA SER G 77 21.38 4.72 -16.31
C SER G 77 20.13 3.85 -16.15
N PRO G 78 20.14 2.66 -16.77
CA PRO G 78 19.00 1.72 -16.73
C PRO G 78 18.68 1.20 -15.33
N ARG G 79 19.66 1.24 -14.43
CA ARG G 79 19.44 0.90 -13.03
C ARG G 79 18.48 1.90 -12.37
N PRO G 80 17.38 1.40 -11.77
CA PRO G 80 16.45 2.27 -11.03
C PRO G 80 17.08 2.83 -9.75
N GLY G 81 16.81 4.10 -9.46
CA GLY G 81 17.43 4.78 -8.32
C GLY G 81 18.68 5.53 -8.74
N ASP G 82 19.44 4.93 -9.65
CA ASP G 82 20.64 5.53 -10.22
C ASP G 82 20.27 6.62 -11.21
N ASP G 83 20.79 7.83 -10.95
CA ASP G 83 20.40 9.02 -11.70
C ASP G 83 21.51 9.56 -12.58
N SER G 84 22.70 8.96 -12.47
CA SER G 84 23.85 9.43 -13.23
C SER G 84 23.62 9.20 -14.73
N THR G 85 24.23 10.07 -15.53
CA THR G 85 23.97 10.13 -16.97
C THR G 85 25.28 10.12 -17.76
N GLN G 86 25.19 9.70 -19.02
CA GLN G 86 26.34 9.69 -19.92
C GLN G 86 26.03 10.31 -21.28
N GLU G 87 27.07 10.85 -21.91
CA GLU G 87 26.94 11.51 -23.20
C GLU G 87 27.30 10.56 -24.34
N GLY G 88 26.38 10.41 -25.27
CA GLY G 88 26.58 9.51 -26.41
C GLY G 88 26.05 10.08 -27.71
N ILE G 89 26.40 9.40 -28.81
CA ILE G 89 25.94 9.78 -30.15
C ILE G 89 24.78 8.89 -30.57
N LEU G 90 23.75 9.49 -31.15
CA LEU G 90 22.68 8.72 -31.80
C LEU G 90 23.12 8.34 -33.21
N TRP G 91 22.75 7.13 -33.62
CA TRP G 91 23.26 6.57 -34.87
C TRP G 91 22.18 6.33 -35.89
N PRO G 92 22.57 6.07 -37.16
CA PRO G 92 21.63 5.45 -38.07
C PRO G 92 21.40 4.00 -37.65
N VAL G 93 20.21 3.49 -37.90
CA VAL G 93 19.91 2.07 -37.75
C VAL G 93 21.05 1.26 -38.36
N HIS G 94 21.58 0.32 -37.59
CA HIS G 94 22.62 -0.58 -38.09
C HIS G 94 22.73 -1.82 -37.27
N CYS G 95 23.33 -2.85 -37.86
CA CYS G 95 23.52 -4.15 -37.22
C CYS G 95 22.31 -4.66 -36.48
N VAL G 96 21.13 -4.56 -37.11
CA VAL G 96 19.91 -5.16 -36.57
C VAL G 96 20.02 -6.66 -36.68
N LYS G 97 19.67 -7.37 -35.61
CA LYS G 97 19.84 -8.82 -35.58
C LYS G 97 19.11 -9.51 -36.73
N ASN G 98 19.77 -10.53 -37.29
CA ASN G 98 19.25 -11.33 -38.41
C ASN G 98 18.95 -10.54 -39.69
N THR G 99 19.56 -9.36 -39.79
CA THR G 99 19.59 -8.62 -41.04
C THR G 99 20.96 -8.83 -41.69
N TRP G 100 21.05 -8.51 -42.98
CA TRP G 100 22.29 -8.64 -43.72
C TRP G 100 23.38 -7.82 -43.09
N GLY G 101 23.02 -6.61 -42.66
CA GLY G 101 23.96 -5.69 -42.03
C GLY G 101 24.62 -6.16 -40.75
N SER G 102 23.95 -7.06 -40.01
CA SER G 102 24.51 -7.55 -38.73
C SER G 102 25.47 -8.72 -38.95
N GLN G 103 25.39 -9.35 -40.12
CA GLN G 103 26.25 -10.49 -40.45
C GLN G 103 27.70 -10.07 -40.49
N LEU G 104 28.55 -10.95 -39.98
CA LEU G 104 29.99 -10.83 -40.17
C LEU G 104 30.24 -10.93 -41.66
N VAL G 105 31.13 -10.08 -42.19
CA VAL G 105 31.50 -10.10 -43.61
C VAL G 105 31.84 -11.51 -44.09
N ASP G 106 31.42 -11.81 -45.31
CA ASP G 106 31.51 -13.16 -45.87
C ASP G 106 32.78 -13.93 -45.52
N GLN G 107 33.94 -13.32 -45.73
CA GLN G 107 35.22 -13.97 -45.49
C GLN G 107 35.36 -14.43 -44.03
N ILE G 108 35.23 -13.47 -43.11
CA ILE G 108 35.34 -13.71 -41.67
C ILE G 108 34.34 -14.76 -41.20
N MET G 109 33.10 -14.63 -41.66
CA MET G 109 32.06 -15.55 -41.27
C MET G 109 32.44 -16.98 -41.66
N ASP G 110 32.89 -17.13 -42.90
CA ASP G 110 33.31 -18.40 -43.45
C ASP G 110 34.37 -19.10 -42.57
N GLN G 111 35.32 -18.31 -42.07
CA GLN G 111 36.34 -18.77 -41.16
C GLN G 111 35.70 -19.23 -39.84
N VAL G 112 34.91 -18.33 -39.26
CA VAL G 112 34.18 -18.58 -38.01
C VAL G 112 33.37 -19.88 -38.08
N VAL G 113 32.67 -20.07 -39.20
CA VAL G 113 31.79 -21.23 -39.37
C VAL G 113 32.56 -22.55 -39.51
N THR G 114 33.67 -22.54 -40.24
CA THR G 114 34.38 -23.80 -40.48
C THR G 114 35.29 -24.16 -39.32
N LYS G 115 35.84 -23.15 -38.67
CA LYS G 115 36.74 -23.36 -37.53
C LYS G 115 36.07 -23.32 -36.15
N HIS G 116 34.76 -23.05 -36.11
CA HIS G 116 33.97 -23.02 -34.85
C HIS G 116 34.42 -21.95 -33.90
N ILE G 117 34.69 -20.75 -34.42
CA ILE G 117 35.21 -19.65 -33.63
C ILE G 117 34.13 -19.01 -32.76
N LYS G 118 34.50 -18.72 -31.50
CA LYS G 118 33.62 -18.13 -30.50
C LYS G 118 33.08 -16.75 -30.88
N ILE G 119 31.76 -16.60 -30.83
CA ILE G 119 31.10 -15.31 -31.06
C ILE G 119 30.60 -14.68 -29.76
N VAL G 120 30.83 -13.38 -29.61
CA VAL G 120 30.28 -12.60 -28.52
C VAL G 120 29.39 -11.52 -29.13
N ASP G 121 28.11 -11.51 -28.75
CA ASP G 121 27.19 -10.47 -29.20
C ASP G 121 27.01 -9.41 -28.13
N LYS G 122 26.94 -8.16 -28.55
CA LYS G 122 26.65 -7.06 -27.65
C LYS G 122 25.62 -6.14 -28.30
N GLY G 123 24.99 -5.29 -27.50
CA GLY G 123 24.08 -4.28 -28.01
C GLY G 123 22.64 -4.75 -28.16
N PHE G 124 22.35 -5.98 -27.74
CA PHE G 124 21.00 -6.53 -27.86
C PHE G 124 20.01 -5.94 -26.87
N LEU G 125 20.50 -5.41 -25.75
CA LEU G 125 19.62 -4.75 -24.78
C LEU G 125 19.19 -3.39 -25.30
N THR G 126 17.88 -3.19 -25.40
CA THR G 126 17.28 -2.00 -26.01
C THR G 126 17.65 -0.68 -25.33
N ASP G 127 17.85 -0.70 -24.01
CA ASP G 127 17.92 0.53 -23.24
C ASP G 127 19.31 1.14 -23.01
N ARG G 128 20.35 0.64 -23.70
CA ARG G 128 21.70 1.13 -23.44
C ARG G 128 22.72 0.94 -24.58
N GLU G 129 23.64 1.89 -24.65
CA GLU G 129 24.77 1.79 -25.57
CA GLU G 129 24.81 1.84 -25.52
C GLU G 129 25.72 0.71 -25.04
N TYR G 130 26.43 0.07 -25.97
CA TYR G 130 27.24 -1.07 -25.64
C TYR G 130 28.46 -1.12 -26.57
N TYR G 131 29.48 -0.33 -26.24
CA TYR G 131 30.68 -0.29 -27.07
C TYR G 131 31.66 -1.42 -26.79
N SER G 132 32.09 -1.56 -25.54
CA SER G 132 33.02 -2.62 -25.16
C SER G 132 32.43 -4.01 -25.38
N ALA G 133 33.23 -4.95 -25.84
CA ALA G 133 32.76 -6.31 -26.05
C ALA G 133 32.73 -7.09 -24.74
N PHE G 134 33.08 -6.42 -23.65
CA PHE G 134 33.14 -7.08 -22.35
C PHE G 134 31.88 -6.85 -21.54
N HIS G 135 31.34 -5.63 -21.63
CA HIS G 135 30.24 -5.16 -20.78
C HIS G 135 29.69 -3.86 -21.29
N ASP G 136 28.49 -3.48 -20.84
CA ASP G 136 27.86 -2.24 -21.30
C ASP G 136 28.59 -0.99 -20.78
N ILE G 137 28.15 0.18 -21.25
CA ILE G 137 28.80 1.44 -20.91
C ILE G 137 28.69 1.77 -19.43
N TRP G 138 27.81 1.05 -18.73
CA TRP G 138 27.57 1.23 -17.31
C TRP G 138 28.24 0.19 -16.48
N ASN G 139 28.79 -0.83 -17.15
CA ASN G 139 29.37 -1.99 -16.47
C ASN G 139 28.31 -2.77 -15.67
N PHE G 140 27.08 -2.80 -16.17
CA PHE G 140 26.01 -3.55 -15.53
C PHE G 140 25.89 -4.94 -16.12
N HIS G 141 25.46 -5.05 -17.37
CA HIS G 141 25.48 -6.33 -18.08
C HIS G 141 26.87 -6.62 -18.57
N LYS G 142 27.28 -7.88 -18.45
CA LYS G 142 28.57 -8.36 -18.92
C LYS G 142 28.39 -9.54 -19.89
N THR G 143 29.32 -9.70 -20.83
CA THR G 143 29.25 -10.80 -21.79
C THR G 143 30.04 -12.05 -21.36
N ASP G 144 29.91 -13.11 -22.15
CA ASP G 144 30.81 -14.26 -22.20
C ASP G 144 32.29 -13.89 -22.05
N MET G 145 32.65 -12.71 -22.56
CA MET G 145 34.03 -12.45 -22.98
C MET G 145 35.06 -12.80 -21.93
N ASN G 146 34.93 -12.19 -20.76
CA ASN G 146 35.90 -12.40 -19.70
C ASN G 146 36.00 -13.85 -19.27
N LYS G 147 34.86 -14.49 -19.02
CA LYS G 147 34.83 -15.91 -18.68
C LYS G 147 35.49 -16.78 -19.75
N TYR G 148 35.20 -16.50 -21.03
CA TYR G 148 35.79 -17.25 -22.14
C TYR G 148 37.31 -17.15 -22.11
N LEU G 149 37.81 -15.91 -22.03
CA LEU G 149 39.25 -15.67 -21.96
C LEU G 149 39.92 -16.41 -20.80
N GLU G 150 39.29 -16.35 -19.62
CA GLU G 150 39.80 -17.02 -18.42
C GLU G 150 39.86 -18.53 -18.59
N LYS G 151 38.80 -19.13 -19.14
CA LYS G 151 38.75 -20.58 -19.30
C LYS G 151 39.86 -21.10 -20.22
N HIS G 152 40.23 -20.30 -21.20
CA HIS G 152 41.27 -20.66 -22.16
C HIS G 152 42.56 -19.94 -21.87
N HIS G 153 42.79 -19.69 -20.59
CA HIS G 153 44.07 -19.22 -20.03
C HIS G 153 44.67 -18.02 -20.72
N THR G 154 43.82 -17.04 -21.03
CA THR G 154 44.29 -15.83 -21.70
C THR G 154 45.02 -14.91 -20.73
N ASP G 155 46.22 -14.50 -21.10
CA ASP G 155 46.95 -13.46 -20.36
C ASP G 155 47.38 -12.32 -21.29
N GLU G 156 47.34 -12.59 -22.60
CA GLU G 156 47.66 -11.59 -23.63
C GLU G 156 46.50 -11.45 -24.60
N VAL G 157 46.05 -10.22 -24.79
CA VAL G 157 44.89 -9.92 -25.64
C VAL G 157 45.27 -8.97 -26.76
N TYR G 158 45.00 -9.41 -27.99
CA TYR G 158 45.27 -8.62 -29.18
C TYR G 158 43.95 -8.27 -29.87
N ILE G 159 43.77 -6.97 -30.14
CA ILE G 159 42.50 -6.45 -30.66
C ILE G 159 42.63 -5.85 -32.05
N VAL G 160 41.76 -6.29 -32.96
CA VAL G 160 41.65 -5.74 -34.33
C VAL G 160 40.18 -5.45 -34.66
N GLY G 161 39.94 -4.70 -35.73
CA GLY G 161 38.58 -4.47 -36.21
C GLY G 161 38.15 -3.02 -36.23
N VAL G 162 36.84 -2.82 -36.20
CA VAL G 162 36.25 -1.47 -36.23
C VAL G 162 35.27 -1.30 -35.06
N ALA G 163 34.97 -0.07 -34.66
CA ALA G 163 35.63 1.15 -35.13
C ALA G 163 36.71 1.53 -34.14
N LEU G 164 37.85 2.00 -34.65
CA LEU G 164 38.99 2.33 -33.79
C LEU G 164 38.59 3.12 -32.56
N GLU G 165 37.95 4.27 -32.78
CA GLU G 165 37.62 5.18 -31.68
C GLU G 165 36.33 4.81 -30.91
N TYR G 166 35.80 3.63 -31.16
CA TYR G 166 34.60 3.16 -30.47
C TYR G 166 34.74 1.76 -29.87
C JJJ G 167 35.56 -1.16 -29.80
N JJJ G 167 34.21 0.75 -30.56
O JJJ G 167 35.80 -1.91 -28.86
N1 JJJ G 167 28.15 1.23 -32.90
C2 JJJ G 167 29.21 0.48 -32.52
C3 JJJ G 167 30.50 0.79 -32.98
C4 JJJ G 167 30.68 1.87 -33.85
C5 JJJ G 167 29.57 2.63 -34.23
C6 JJJ G 167 28.31 2.28 -33.73
C7 JJJ G 167 31.69 -0.04 -32.56
O7 JJJ G 167 32.66 -0.06 -33.31
CA JJJ G 167 34.17 -0.61 -30.01
CB JJJ G 167 33.34 -1.56 -30.87
SG JJJ G 167 31.72 -0.91 -31.12
N VAL G 168 36.51 -0.77 -30.67
CA VAL G 168 37.91 -1.18 -30.53
C VAL G 168 38.51 -0.57 -29.27
N LYS G 169 38.42 0.76 -29.16
CA LYS G 169 38.94 1.51 -28.02
C LYS G 169 38.34 1.00 -26.69
N ALA G 170 37.02 0.84 -26.66
CA ALA G 170 36.32 0.42 -25.45
C ALA G 170 36.61 -1.04 -25.09
N THR G 171 36.81 -1.88 -26.09
CA THR G 171 37.11 -3.30 -25.84
C THR G 171 38.51 -3.42 -25.24
N ALA G 172 39.44 -2.64 -25.81
CA ALA G 172 40.82 -2.61 -25.32
C ALA G 172 40.90 -2.13 -23.87
N ILE G 173 40.26 -1.00 -23.59
CA ILE G 173 40.21 -0.43 -22.25
C ILE G 173 39.69 -1.44 -21.23
N SER G 174 38.57 -2.09 -21.55
CA SER G 174 38.02 -3.15 -20.72
C SER G 174 39.03 -4.26 -20.44
N ALA G 175 39.67 -4.76 -21.50
CA ALA G 175 40.67 -5.82 -21.39
C ALA G 175 41.82 -5.49 -20.44
N ALA G 176 42.32 -4.25 -20.51
CA ALA G 176 43.38 -3.78 -19.64
C ALA G 176 42.90 -3.64 -18.20
N GLU G 177 41.77 -2.97 -18.02
CA GLU G 177 41.13 -2.83 -16.71
C GLU G 177 40.90 -4.17 -16.02
N LEU G 178 40.83 -5.24 -16.82
CA LEU G 178 40.59 -6.59 -16.30
C LEU G 178 41.86 -7.44 -16.13
N GLY G 179 43.03 -6.82 -16.30
CA GLY G 179 44.30 -7.49 -16.01
C GLY G 179 44.93 -8.28 -17.13
N TYR G 180 44.45 -8.06 -18.36
CA TYR G 180 45.05 -8.68 -19.55
C TYR G 180 46.09 -7.74 -20.14
N LYS G 181 47.21 -8.30 -20.59
CA LYS G 181 48.17 -7.52 -21.37
C LYS G 181 47.52 -7.27 -22.75
N THR G 182 47.13 -6.02 -22.97
CA THR G 182 46.33 -5.66 -24.13
C THR G 182 47.16 -4.98 -25.23
N THR G 183 46.92 -5.39 -26.46
CA THR G 183 47.58 -4.80 -27.64
C THR G 183 46.56 -4.48 -28.73
N VAL G 184 46.63 -3.25 -29.24
CA VAL G 184 45.86 -2.83 -30.41
C VAL G 184 46.77 -2.81 -31.64
N LEU G 185 46.48 -3.66 -32.62
CA LEU G 185 47.22 -3.66 -33.89
C LEU G 185 46.60 -2.64 -34.84
N LEU G 186 47.23 -1.47 -34.90
CA LEU G 186 46.64 -0.26 -35.48
C LEU G 186 46.29 -0.39 -36.96
N ASP G 187 47.22 -0.90 -37.77
CA ASP G 187 47.00 -1.10 -39.21
C ASP G 187 45.79 -1.99 -39.47
N TYR G 188 45.49 -2.88 -38.53
CA TYR G 188 44.32 -3.75 -38.60
C TYR G 188 43.06 -3.10 -38.01
N THR G 189 43.07 -1.77 -37.90
CA THR G 189 41.89 -1.02 -37.45
C THR G 189 41.66 0.19 -38.34
N ARG G 190 40.40 0.62 -38.44
CA ARG G 190 40.04 1.85 -39.15
C ARG G 190 39.07 2.68 -38.31
N PRO G 191 39.27 4.01 -38.26
CA PRO G 191 38.34 4.89 -37.56
C PRO G 191 37.15 5.33 -38.42
N ILE G 192 36.06 5.72 -37.75
CA ILE G 192 34.89 6.32 -38.44
C ILE G 192 35.22 7.75 -38.83
N SER G 193 35.85 8.48 -37.90
CA SER G 193 36.23 9.87 -38.13
C SER G 193 37.35 9.94 -39.16
N ASP G 194 37.06 10.61 -40.28
CA ASP G 194 38.05 10.79 -41.37
C ASP G 194 39.09 11.85 -41.02
N ASP G 195 38.84 12.58 -39.94
CA ASP G 195 39.78 13.53 -39.37
C ASP G 195 41.00 12.77 -38.80
N PRO G 196 42.20 13.01 -39.38
CA PRO G 196 43.42 12.32 -38.94
C PRO G 196 43.93 12.71 -37.54
N GLU G 197 43.46 13.87 -37.04
CA GLU G 197 43.81 14.34 -35.70
C GLU G 197 43.44 13.34 -34.59
N VAL G 198 42.23 12.78 -34.71
CA VAL G 198 41.66 11.89 -33.68
C VAL G 198 42.39 10.56 -33.53
N ILE G 199 42.87 9.99 -34.65
CA ILE G 199 43.64 8.74 -34.64
C ILE G 199 44.78 8.77 -33.61
N ASN G 200 45.36 9.95 -33.41
CA ASN G 200 46.40 10.13 -32.39
C ASN G 200 45.85 10.34 -30.98
N LYS G 201 44.74 11.07 -30.85
CA LYS G 201 44.15 11.35 -29.53
C LYS G 201 43.56 10.11 -28.85
N VAL G 202 43.18 9.12 -29.66
CA VAL G 202 42.75 7.81 -29.18
C VAL G 202 43.97 6.99 -28.75
N LYS G 203 44.98 6.95 -29.64
CA LYS G 203 46.27 6.33 -29.35
C LYS G 203 46.86 6.83 -28.02
N GLU G 204 46.60 8.10 -27.70
CA GLU G 204 47.02 8.71 -26.43
C GLU G 204 46.29 8.09 -25.24
N GLU G 205 44.97 7.99 -25.35
CA GLU G 205 44.15 7.48 -24.26
C GLU G 205 44.32 5.98 -24.06
N LEU G 206 44.81 5.28 -25.09
CA LEU G 206 45.13 3.85 -24.99
C LEU G 206 46.40 3.62 -24.18
N LYS G 207 47.41 4.44 -24.44
CA LYS G 207 48.67 4.38 -23.69
C LYS G 207 48.49 4.91 -22.27
N ALA G 208 47.43 5.69 -22.06
CA ALA G 208 47.03 6.13 -20.73
C ALA G 208 46.51 4.96 -19.89
N HIS G 209 46.03 3.91 -20.56
CA HIS G 209 45.55 2.70 -19.88
C HIS G 209 46.55 1.58 -19.94
N ASN G 210 47.80 1.91 -20.30
CA ASN G 210 48.88 0.94 -20.48
C ASN G 210 48.63 -0.16 -21.52
N ILE G 211 47.84 0.19 -22.54
CA ILE G 211 47.70 -0.63 -23.74
C ILE G 211 48.74 -0.16 -24.73
N ASN G 212 49.59 -1.07 -25.19
CA ASN G 212 50.59 -0.71 -26.17
C ASN G 212 50.07 -0.89 -27.60
N VAL G 213 50.39 0.12 -28.42
CA VAL G 213 49.91 0.22 -29.80
C VAL G 213 51.06 -0.06 -30.77
N VAL G 214 50.92 -1.14 -31.54
CA VAL G 214 51.87 -1.50 -32.58
C VAL G 214 51.18 -1.36 -33.94
N ASP G 215 51.96 -1.16 -35.00
CA ASP G 215 51.41 -1.10 -36.36
C ASP G 215 50.93 -2.48 -36.84
N LYS G 216 51.87 -3.42 -36.94
CA LYS G 216 51.53 -4.83 -37.20
C LYS G 216 51.99 -5.73 -36.04
ZN ZN H . 14.14 -8.08 43.86
MG MG I . 22.60 -7.28 32.25
ZN ZN J . -15.71 -3.75 61.91
MG MG K . -15.81 -9.48 48.48
ZN ZN L . 1.04 1.16 12.87
MG MG M . -0.38 -0.09 -1.80
ZN ZN N . 21.58 -21.08 -4.83
MG MG O . 30.58 -25.18 -15.64
ZN ZN P . -18.32 0.07 -33.25
MG MG Q . -20.12 -14.17 -29.81
ZN ZN R . -29.67 32.08 -43.01
MG MG S . -36.84 24.36 -32.25
ZN ZN T . 25.77 0.32 -32.00
MG MG U . 26.68 3.14 -46.78
#